data_4IEJ
# 
_entry.id   4IEJ 
# 
_audit_conform.dict_name       mmcif_pdbx.dic 
_audit_conform.dict_version    5.379 
_audit_conform.dict_location   http://mmcif.pdb.org/dictionaries/ascii/mmcif_pdbx.dic 
# 
loop_
_database_2.database_id 
_database_2.database_code 
_database_2.pdbx_database_accession 
_database_2.pdbx_DOI 
PDB   4IEJ         pdb_00004iej 10.2210/pdb4iej/pdb 
RCSB  RCSB076652   ?            ?                   
WWPDB D_1000076652 ?            ?                   
# 
_pdbx_database_related.db_name        TargetTrack 
_pdbx_database_related.db_id          JCSG-423958 
_pdbx_database_related.details        . 
_pdbx_database_related.content_type   unspecified 
# 
_pdbx_database_status.SG_entry                        Y 
_pdbx_database_status.entry_id                        4IEJ 
_pdbx_database_status.deposit_site                    RCSB 
_pdbx_database_status.process_site                    RCSB 
_pdbx_database_status.recvd_initial_deposition_date   2012-12-13 
_pdbx_database_status.status_code                     REL 
_pdbx_database_status.status_code_sf                  REL 
_pdbx_database_status.status_code_mr                  ? 
_pdbx_database_status.status_code_cs                  ? 
_pdbx_database_status.methods_development_category    ? 
_pdbx_database_status.pdb_format_compatible           Y 
_pdbx_database_status.status_code_nmr_data            ? 
# 
loop_
_audit_author.name 
_audit_author.pdbx_ordinal 
'Joint Center for Structural Genomics (JCSG)' 1 
'Partnership for T-Cell Biology (TCELL)'      2 
# 
_citation.id                        primary 
_citation.title                     
'Crystal structure of a DNA methyltransferase 1 associated protein 1 (DMAP1) from Homo sapiens at 1.45 A resolution' 
_citation.journal_abbrev            'To be published' 
_citation.journal_volume            ? 
_citation.page_first                ? 
_citation.page_last                 ? 
_citation.year                      ? 
_citation.journal_id_ASTM           ? 
_citation.country                   ? 
_citation.journal_id_ISSN           ? 
_citation.journal_id_CSD            0353 
_citation.book_publisher            ? 
_citation.pdbx_database_id_PubMed   ? 
_citation.pdbx_database_id_DOI      ? 
# 
loop_
_citation_author.citation_id 
_citation_author.name 
_citation_author.ordinal 
_citation_author.identifier_ORCID 
primary 'Joint Center for Structural Genomics (JCSG)' 1 ? 
primary 'Partnership for T-Cell Biology'              2 ? 
# 
_cell.entry_id           4IEJ 
_cell.length_a           37.353 
_cell.length_b           37.353 
_cell.length_c           229.960 
_cell.angle_alpha        90.000 
_cell.angle_beta         90.000 
_cell.angle_gamma        120.000 
_cell.pdbx_unique_axis   ? 
_cell.Z_PDB              12 
_cell.length_a_esd       ? 
_cell.length_b_esd       ? 
_cell.length_c_esd       ? 
_cell.angle_alpha_esd    ? 
_cell.angle_beta_esd     ? 
_cell.angle_gamma_esd    ? 
# 
_symmetry.entry_id                         4IEJ 
_symmetry.Int_Tables_number                178 
_symmetry.space_group_name_H-M             'P 61 2 2' 
_symmetry.pdbx_full_space_group_name_H-M   ? 
_symmetry.cell_setting                     ? 
_symmetry.space_group_name_Hall            ? 
# 
loop_
_entity.id 
_entity.type 
_entity.src_method 
_entity.pdbx_description 
_entity.formula_weight 
_entity.pdbx_number_of_molecules 
_entity.pdbx_ec 
_entity.pdbx_mutation 
_entity.pdbx_fragment 
_entity.details 
1 polymer     man 'DNA methyltransferase 1-associated protein 1' 11216.549 1  ? ? 'SANT domain containing residues 121-212' ? 
2 non-polymer syn 'CALCIUM ION'                                  40.078    1  ? ? ?                                         ? 
3 water       nat water                                          18.015    76 ? ? ?                                         ? 
# 
_entity_name_com.entity_id   1 
_entity_name_com.name        'DNMAP1, DNMT1-associated protein 1' 
# 
_entity_poly.entity_id                      1 
_entity_poly.type                           'polypeptide(L)' 
_entity_poly.nstd_linkage                   no 
_entity_poly.nstd_monomer                   no 
_entity_poly.pdbx_seq_one_letter_code       
;GGKDYPFARFNKTVQVPVYSEQEYQLYLHDDAWTKAETDHLFDLSRRFDLRFVVIHDRYDHQQFKKRSVEDLKERYYHIC
AKLANVRAVPGTD
;
_entity_poly.pdbx_seq_one_letter_code_can   
;GGKDYPFARFNKTVQVPVYSEQEYQLYLHDDAWTKAETDHLFDLSRRFDLRFVVIHDRYDHQQFKKRSVEDLKERYYHIC
AKLANVRAVPGTD
;
_entity_poly.pdbx_strand_id                 A 
_entity_poly.pdbx_target_identifier         JCSG-423958 
# 
loop_
_entity_poly_seq.entity_id 
_entity_poly_seq.num 
_entity_poly_seq.mon_id 
_entity_poly_seq.hetero 
1 1  GLY n 
1 2  GLY n 
1 3  LYS n 
1 4  ASP n 
1 5  TYR n 
1 6  PRO n 
1 7  PHE n 
1 8  ALA n 
1 9  ARG n 
1 10 PHE n 
1 11 ASN n 
1 12 LYS n 
1 13 THR n 
1 14 VAL n 
1 15 GLN n 
1 16 VAL n 
1 17 PRO n 
1 18 VAL n 
1 19 TYR n 
1 20 SER n 
1 21 GLU n 
1 22 GLN n 
1 23 GLU n 
1 24 TYR n 
1 25 GLN n 
1 26 LEU n 
1 27 TYR n 
1 28 LEU n 
1 29 HIS n 
1 30 ASP n 
1 31 ASP n 
1 32 ALA n 
1 33 TRP n 
1 34 THR n 
1 35 LYS n 
1 36 ALA n 
1 37 GLU n 
1 38 THR n 
1 39 ASP n 
1 40 HIS n 
1 41 LEU n 
1 42 PHE n 
1 43 ASP n 
1 44 LEU n 
1 45 SER n 
1 46 ARG n 
1 47 ARG n 
1 48 PHE n 
1 49 ASP n 
1 50 LEU n 
1 51 ARG n 
1 52 PHE n 
1 53 VAL n 
1 54 VAL n 
1 55 ILE n 
1 56 HIS n 
1 57 ASP n 
1 58 ARG n 
1 59 TYR n 
1 60 ASP n 
1 61 HIS n 
1 62 GLN n 
1 63 GLN n 
1 64 PHE n 
1 65 LYS n 
1 66 LYS n 
1 67 ARG n 
1 68 SER n 
1 69 VAL n 
1 70 GLU n 
1 71 ASP n 
1 72 LEU n 
1 73 LYS n 
1 74 GLU n 
1 75 ARG n 
1 76 TYR n 
1 77 TYR n 
1 78 HIS n 
1 79 ILE n 
1 80 CYS n 
1 81 ALA n 
1 82 LYS n 
1 83 LEU n 
1 84 ALA n 
1 85 ASN n 
1 86 VAL n 
1 87 ARG n 
1 88 ALA n 
1 89 VAL n 
1 90 PRO n 
1 91 GLY n 
1 92 THR n 
1 93 ASP n 
# 
_entity_src_gen.entity_id                          1 
_entity_src_gen.pdbx_src_id                        1 
_entity_src_gen.pdbx_alt_source_flag               sample 
_entity_src_gen.pdbx_seq_type                      ? 
_entity_src_gen.pdbx_beg_seq_num                   ? 
_entity_src_gen.pdbx_end_seq_num                   ? 
_entity_src_gen.gene_src_common_name               human 
_entity_src_gen.gene_src_genus                     ? 
_entity_src_gen.pdbx_gene_src_gene                 'BC008053, DMAP1, KIAA1425' 
_entity_src_gen.gene_src_species                   ? 
_entity_src_gen.gene_src_strain                    ? 
_entity_src_gen.gene_src_tissue                    ? 
_entity_src_gen.gene_src_tissue_fraction           ? 
_entity_src_gen.gene_src_details                   ? 
_entity_src_gen.pdbx_gene_src_fragment             ? 
_entity_src_gen.pdbx_gene_src_scientific_name      'Homo sapiens' 
_entity_src_gen.pdbx_gene_src_ncbi_taxonomy_id     9606 
_entity_src_gen.pdbx_gene_src_variant              ? 
_entity_src_gen.pdbx_gene_src_cell_line            ? 
_entity_src_gen.pdbx_gene_src_atcc                 ? 
_entity_src_gen.pdbx_gene_src_organ                ? 
_entity_src_gen.pdbx_gene_src_organelle            ? 
_entity_src_gen.pdbx_gene_src_cell                 ? 
_entity_src_gen.pdbx_gene_src_cellular_location    ? 
_entity_src_gen.host_org_common_name               ? 
_entity_src_gen.pdbx_host_org_scientific_name      'Escherichia Coli' 
_entity_src_gen.pdbx_host_org_ncbi_taxonomy_id     562 
_entity_src_gen.host_org_genus                     ? 
_entity_src_gen.pdbx_host_org_gene                 ? 
_entity_src_gen.pdbx_host_org_organ                ? 
_entity_src_gen.host_org_species                   ? 
_entity_src_gen.pdbx_host_org_tissue               ? 
_entity_src_gen.pdbx_host_org_tissue_fraction      ? 
_entity_src_gen.pdbx_host_org_strain               PB1 
_entity_src_gen.pdbx_host_org_variant              ? 
_entity_src_gen.pdbx_host_org_cell_line            ? 
_entity_src_gen.pdbx_host_org_atcc                 ? 
_entity_src_gen.pdbx_host_org_culture_collection   ? 
_entity_src_gen.pdbx_host_org_cell                 ? 
_entity_src_gen.pdbx_host_org_organelle            ? 
_entity_src_gen.pdbx_host_org_cellular_location    ? 
_entity_src_gen.pdbx_host_org_vector_type          Plasmid 
_entity_src_gen.pdbx_host_org_vector               ? 
_entity_src_gen.host_org_details                   ? 
_entity_src_gen.expression_system_id               ? 
_entity_src_gen.plasmid_name                       SpeedET 
_entity_src_gen.plasmid_details                    ? 
_entity_src_gen.pdbx_description                   ? 
# 
_struct_ref.id                         1 
_struct_ref.db_name                    UNP 
_struct_ref.db_code                    DMAP1_HUMAN 
_struct_ref.pdbx_db_accession          Q9NPF5 
_struct_ref.entity_id                  1 
_struct_ref.pdbx_seq_one_letter_code   
;GKDYPFARFNKTVQVPVYSEQEYQLYLHDDAWTKAETDHLFDLSRRFDLRFVVIHDRYDHQQFKKRSVEDLKERYYHICA
KLANVRAVPGTD
;
_struct_ref.pdbx_align_begin           121 
_struct_ref.pdbx_db_isoform            ? 
# 
_struct_ref_seq.align_id                      1 
_struct_ref_seq.ref_id                        1 
_struct_ref_seq.pdbx_PDB_id_code              4IEJ 
_struct_ref_seq.pdbx_strand_id                A 
_struct_ref_seq.seq_align_beg                 2 
_struct_ref_seq.pdbx_seq_align_beg_ins_code   ? 
_struct_ref_seq.seq_align_end                 93 
_struct_ref_seq.pdbx_seq_align_end_ins_code   ? 
_struct_ref_seq.pdbx_db_accession             Q9NPF5 
_struct_ref_seq.db_align_beg                  121 
_struct_ref_seq.pdbx_db_align_beg_ins_code    ? 
_struct_ref_seq.db_align_end                  212 
_struct_ref_seq.pdbx_db_align_end_ins_code    ? 
_struct_ref_seq.pdbx_auth_seq_align_beg       121 
_struct_ref_seq.pdbx_auth_seq_align_end       212 
# 
_struct_ref_seq_dif.align_id                     1 
_struct_ref_seq_dif.pdbx_pdb_id_code             4IEJ 
_struct_ref_seq_dif.mon_id                       GLY 
_struct_ref_seq_dif.pdbx_pdb_strand_id           A 
_struct_ref_seq_dif.seq_num                      1 
_struct_ref_seq_dif.pdbx_pdb_ins_code            ? 
_struct_ref_seq_dif.pdbx_seq_db_name             UNP 
_struct_ref_seq_dif.pdbx_seq_db_accession_code   Q9NPF5 
_struct_ref_seq_dif.db_mon_id                    ? 
_struct_ref_seq_dif.pdbx_seq_db_seq_num          ? 
_struct_ref_seq_dif.details                      'expression tag' 
_struct_ref_seq_dif.pdbx_auth_seq_num            0 
_struct_ref_seq_dif.pdbx_ordinal                 1 
# 
loop_
_chem_comp.id 
_chem_comp.type 
_chem_comp.mon_nstd_flag 
_chem_comp.name 
_chem_comp.pdbx_synonyms 
_chem_comp.formula 
_chem_comp.formula_weight 
ALA 'L-peptide linking' y ALANINE         ? 'C3 H7 N O2'     89.093  
ARG 'L-peptide linking' y ARGININE        ? 'C6 H15 N4 O2 1' 175.209 
ASN 'L-peptide linking' y ASPARAGINE      ? 'C4 H8 N2 O3'    132.118 
ASP 'L-peptide linking' y 'ASPARTIC ACID' ? 'C4 H7 N O4'     133.103 
CA  non-polymer         . 'CALCIUM ION'   ? 'Ca 2'           40.078  
CYS 'L-peptide linking' y CYSTEINE        ? 'C3 H7 N O2 S'   121.158 
GLN 'L-peptide linking' y GLUTAMINE       ? 'C5 H10 N2 O3'   146.144 
GLU 'L-peptide linking' y 'GLUTAMIC ACID' ? 'C5 H9 N O4'     147.129 
GLY 'peptide linking'   y GLYCINE         ? 'C2 H5 N O2'     75.067  
HIS 'L-peptide linking' y HISTIDINE       ? 'C6 H10 N3 O2 1' 156.162 
HOH non-polymer         . WATER           ? 'H2 O'           18.015  
ILE 'L-peptide linking' y ISOLEUCINE      ? 'C6 H13 N O2'    131.173 
LEU 'L-peptide linking' y LEUCINE         ? 'C6 H13 N O2'    131.173 
LYS 'L-peptide linking' y LYSINE          ? 'C6 H15 N2 O2 1' 147.195 
PHE 'L-peptide linking' y PHENYLALANINE   ? 'C9 H11 N O2'    165.189 
PRO 'L-peptide linking' y PROLINE         ? 'C5 H9 N O2'     115.130 
SER 'L-peptide linking' y SERINE          ? 'C3 H7 N O3'     105.093 
THR 'L-peptide linking' y THREONINE       ? 'C4 H9 N O3'     119.119 
TRP 'L-peptide linking' y TRYPTOPHAN      ? 'C11 H12 N2 O2'  204.225 
TYR 'L-peptide linking' y TYROSINE        ? 'C9 H11 N O3'    181.189 
VAL 'L-peptide linking' y VALINE          ? 'C5 H11 N O2'    117.146 
# 
_exptl.crystals_number   1 
_exptl.method            'X-RAY DIFFRACTION' 
_exptl.entry_id          4IEJ 
# 
_exptl_crystal.id                    1 
_exptl_crystal.density_Matthews      2.06 
_exptl_crystal.density_meas          ? 
_exptl_crystal.density_percent_sol   40.42 
_exptl_crystal.description           ? 
_exptl_crystal.F_000                 ? 
_exptl_crystal.preparation           ? 
# 
_exptl_crystal_grow.crystal_id      1 
_exptl_crystal_grow.method          'VAPOR DIFFUSION, SITTING DROP' 
_exptl_crystal_grow.pH              ? 
_exptl_crystal_grow.temp            277 
_exptl_crystal_grow.pdbx_details    
'0.20M calcium chloride 20.00% polyethylene glycol 3350, NANODROP, VAPOR DIFFUSION, SITTING DROP, temperature 277K' 
_exptl_crystal_grow.temp_details    ? 
_exptl_crystal_grow.pdbx_pH_range   ? 
# 
_diffrn.id                     1 
_diffrn.ambient_temp           100 
_diffrn.ambient_temp_details   ? 
_diffrn.crystal_id             1 
# 
_diffrn_detector.diffrn_id              1 
_diffrn_detector.detector               PIXEL 
_diffrn_detector.type                   'DECTRIS PILATUS 6M' 
_diffrn_detector.details                
'Rhodium-coated vertical and horizontal focusing mirrors, liquid-nitrogen cooled double crystal Si(111) monochromator' 
_diffrn_detector.pdbx_collection_date   2012-05-31 
# 
_diffrn_radiation.diffrn_id                        1 
_diffrn_radiation.pdbx_monochromatic_or_laue_m_l   M 
_diffrn_radiation.monochromator                    'double crystal Si(111)' 
_diffrn_radiation.pdbx_diffrn_protocol             'SINGLE WAVELENGTH' 
_diffrn_radiation.wavelength_id                    1 
_diffrn_radiation.pdbx_scattering_type             x-ray 
# 
_diffrn_radiation_wavelength.id           1 
_diffrn_radiation_wavelength.wavelength   0.9795 
_diffrn_radiation_wavelength.wt           1.0 
# 
_diffrn_source.diffrn_id                   1 
_diffrn_source.source                      SYNCHROTRON 
_diffrn_source.pdbx_synchrotron_beamline   BL12-2 
_diffrn_source.type                        'SSRL BEAMLINE BL12-2' 
_diffrn_source.pdbx_wavelength             0.9795 
_diffrn_source.pdbx_wavelength_list        ? 
_diffrn_source.pdbx_synchrotron_site       SSRL 
# 
_reflns.entry_id                     4IEJ 
_reflns.d_resolution_high            1.45 
_reflns.d_resolution_low             38.327 
_reflns.number_obs                   18199 
_reflns.pdbx_Rmerge_I_obs            0.050 
_reflns.pdbx_netI_over_sigmaI        18.990 
_reflns.percent_possible_obs         99.700 
_reflns.B_iso_Wilson_estimate        23.311 
_reflns.observed_criterion_sigma_I   -3.000 
_reflns.observed_criterion_sigma_F   ? 
_reflns.number_all                   ? 
_reflns.pdbx_Rsym_value              ? 
_reflns.pdbx_redundancy              ? 
_reflns.R_free_details               ? 
_reflns.limit_h_max                  ? 
_reflns.limit_h_min                  ? 
_reflns.limit_k_max                  ? 
_reflns.limit_k_min                  ? 
_reflns.limit_l_max                  ? 
_reflns.limit_l_min                  ? 
_reflns.observed_criterion_F_max     ? 
_reflns.observed_criterion_F_min     ? 
_reflns.pdbx_chi_squared             ? 
_reflns.pdbx_scaling_rejects         ? 
_reflns.pdbx_ordinal                 1 
_reflns.pdbx_diffrn_id               1 
# 
loop_
_reflns_shell.d_res_high 
_reflns_shell.d_res_low 
_reflns_shell.number_measured_obs 
_reflns_shell.number_measured_all 
_reflns_shell.number_unique_obs 
_reflns_shell.Rmerge_I_obs 
_reflns_shell.meanI_over_sigI_obs 
_reflns_shell.pdbx_Rsym_value 
_reflns_shell.pdbx_chi_squared 
_reflns_shell.pdbx_redundancy 
_reflns_shell.percent_possible_obs 
_reflns_shell.number_unique_all 
_reflns_shell.percent_possible_all 
_reflns_shell.pdbx_ordinal 
_reflns_shell.pdbx_diffrn_id 
1.450 1.500  15770 ? 1696 0.984 2.3  ? ? ? ? ? 99.700  1  1 
1.500 1.560  15901 ? 1763 0.757 3.0  ? ? ? ? ? 99.900  2  1 
1.560 1.630  15565 ? 1733 0.533 4.2  ? ? ? ? ? 99.900  3  1 
1.630 1.720  17124 ? 1837 0.350 6.4  ? ? ? ? ? 99.800  4  1 
1.720 1.830  16332 ? 1804 0.239 9.3  ? ? ? ? ? 99.900  5  1 
1.830 1.970  15716 ? 1775 0.140 14.3 ? ? ? ? ? 99.400  6  1 
1.970 2.170  16795 ? 1818 0.080 23.5 ? ? ? ? ? 100.000 7  1 
2.170 2.480  15603 ? 1799 0.053 32.4 ? ? ? ? ? 99.400  8  1 
2.480 3.120  16570 ? 1880 0.043 41.4 ? ? ? ? ? 99.900  9  1 
3.120 38.327 15913 ? 2094 0.035 46.0 ? ? ? ? ? 99.200  10 1 
# 
_refine.entry_id                                 4IEJ 
_refine.ls_d_res_high                            1.4500 
_refine.ls_d_res_low                             38.327 
_refine.pdbx_ls_sigma_F                          0.000 
_refine.pdbx_data_cutoff_high_absF               ? 
_refine.pdbx_data_cutoff_low_absF                ? 
_refine.ls_percent_reflns_obs                    99.7800 
_refine.ls_number_reflns_obs                     18079 
_refine.ls_number_reflns_all                     ? 
_refine.pdbx_ls_cross_valid_method               THROUGHOUT 
_refine.pdbx_R_Free_selection_details            RANDOM 
_refine.details                                  
;1. ATOM RECORD CONTAINS SUM OF TLS AND RESIDUAL B FACTORS. ANISOU RECORD CONTAINS SUM OF TLS AND RESIDUAL U FACTORS. 2. CALCIUM ION MODELED IS PRESENT IN CRYSTALLIZATION BUFFER.
;
_refine.ls_R_factor_all                          ? 
_refine.ls_R_factor_obs                          0.1984 
_refine.ls_R_factor_R_work                       0.1970 
_refine.ls_wR_factor_R_work                      ? 
_refine.ls_R_factor_R_free                       0.2259 
_refine.ls_wR_factor_R_free                      ? 
_refine.ls_percent_reflns_R_free                 5.0900 
_refine.ls_number_reflns_R_free                  920 
_refine.ls_R_factor_R_free_error                 ? 
_refine.B_iso_mean                               36.2049 
_refine.solvent_model_param_bsol                 ? 
_refine.solvent_model_param_ksol                 ? 
_refine.pdbx_isotropic_thermal_model             ? 
_refine.aniso_B[1][1]                            -2.9136 
_refine.aniso_B[2][2]                            -2.9136 
_refine.aniso_B[3][3]                            5.8272 
_refine.aniso_B[1][2]                            0.0000 
_refine.aniso_B[1][3]                            0.0000 
_refine.aniso_B[2][3]                            0.0000 
_refine.correlation_coeff_Fo_to_Fc               0.9512 
_refine.correlation_coeff_Fo_to_Fc_free          0.9482 
_refine.overall_SU_R_Cruickshank_DPI             ? 
_refine.overall_SU_R_free                        ? 
_refine.pdbx_overall_ESU_R                       ? 
_refine.pdbx_overall_ESU_R_Free                  ? 
_refine.overall_SU_ML                            ? 
_refine.overall_SU_B                             ? 
_refine.solvent_model_details                    ? 
_refine.pdbx_solvent_vdw_probe_radii             ? 
_refine.pdbx_solvent_ion_probe_radii             ? 
_refine.pdbx_solvent_shrinkage_radii             ? 
_refine.ls_number_parameters                     ? 
_refine.ls_number_restraints                     ? 
_refine.pdbx_starting_model                      3hm5 
_refine.pdbx_method_to_determine_struct          'MOLECULAR REPLACEMENT' 
_refine.pdbx_stereochemistry_target_values       ? 
_refine.pdbx_stereochem_target_val_spec_case     ? 
_refine.overall_FOM_work_R_set                   ? 
_refine.B_iso_max                                112.380 
_refine.B_iso_min                                17.680 
_refine.pdbx_overall_phase_error                 ? 
_refine.occupancy_max                            1.000 
_refine.occupancy_min                            0.300 
_refine.pdbx_ls_sigma_I                          ? 
_refine.ls_redundancy_reflns_obs                 ? 
_refine.ls_R_factor_R_free_error_details         ? 
_refine.pdbx_data_cutoff_high_rms_absF           ? 
_refine.overall_FOM_free_R_set                   ? 
_refine.pdbx_diffrn_id                           1 
_refine.pdbx_refine_id                           'X-RAY DIFFRACTION' 
_refine.pdbx_TLS_residual_ADP_flag               ? 
_refine.pdbx_overall_SU_R_free_Cruickshank_DPI   ? 
_refine.pdbx_overall_SU_R_Blow_DPI               ? 
_refine.pdbx_overall_SU_R_free_Blow_DPI          ? 
# 
_refine_analyze.entry_id                        4IEJ 
_refine_analyze.Luzzati_coordinate_error_obs    0.251 
_refine_analyze.Luzzati_sigma_a_obs             ? 
_refine_analyze.Luzzati_d_res_low_obs           ? 
_refine_analyze.Luzzati_coordinate_error_free   ? 
_refine_analyze.Luzzati_sigma_a_free            ? 
_refine_analyze.Luzzati_d_res_low_free          ? 
_refine_analyze.number_disordered_residues      ? 
_refine_analyze.occupancy_sum_non_hydrogen      ? 
_refine_analyze.occupancy_sum_hydrogen          ? 
_refine_analyze.pdbx_Luzzati_d_res_high_obs     ? 
_refine_analyze.pdbx_refine_id                  'X-RAY DIFFRACTION' 
# 
_refine_hist.pdbx_refine_id                   'X-RAY DIFFRACTION' 
_refine_hist.cycle_id                         LAST 
_refine_hist.pdbx_number_atoms_protein        655 
_refine_hist.pdbx_number_atoms_nucleic_acid   0 
_refine_hist.pdbx_number_atoms_ligand         1 
_refine_hist.number_atoms_solvent             76 
_refine_hist.number_atoms_total               732 
_refine_hist.d_res_high                       1.4500 
_refine_hist.d_res_low                        38.327 
# 
loop_
_refine_ls_restr.type 
_refine_ls_restr.number 
_refine_ls_restr.dev_ideal 
_refine_ls_restr.dev_ideal_target 
_refine_ls_restr.weight 
_refine_ls_restr.pdbx_restraint_function 
_refine_ls_restr.pdbx_refine_id 
t_dihedral_angle_d        371  ?     ? 2.000  SINUSOIDAL   'X-RAY DIFFRACTION' 
t_trig_c_planes           23   ?     ? 2.000  HARMONIC     'X-RAY DIFFRACTION' 
t_gen_planes              120  ?     ? 5.000  HARMONIC     'X-RAY DIFFRACTION' 
t_it                      747  ?     ? 20.000 HARMONIC     'X-RAY DIFFRACTION' 
t_nbd                     0    ?     ? 5.000  SEMIHARMONIC 'X-RAY DIFFRACTION' 
t_improper_torsion        ?    ?     ? ?      ?            'X-RAY DIFFRACTION' 
t_pseud_angle             ?    ?     ? ?      ?            'X-RAY DIFFRACTION' 
t_chiral_improper_torsion 89   ?     ? 5.000  SEMIHARMONIC 'X-RAY DIFFRACTION' 
t_sum_occupancies         ?    ?     ? ?      ?            'X-RAY DIFFRACTION' 
t_utility_distance        ?    ?     ? ?      ?            'X-RAY DIFFRACTION' 
t_utility_angle           ?    ?     ? ?      ?            'X-RAY DIFFRACTION' 
t_utility_torsion         ?    ?     ? ?      ?            'X-RAY DIFFRACTION' 
t_ideal_dist_contact      882  ?     ? 4.000  SEMIHARMONIC 'X-RAY DIFFRACTION' 
t_bond_d                  747  0.010 ? 2.000  HARMONIC     'X-RAY DIFFRACTION' 
t_angle_deg               1023 0.920 ? 2.000  HARMONIC     'X-RAY DIFFRACTION' 
t_omega_torsion           ?    3.810 ? ?      ?            'X-RAY DIFFRACTION' 
t_other_torsion           ?    2.900 ? ?      ?            'X-RAY DIFFRACTION' 
# 
_refine_ls_shell.d_res_high                       1.4500 
_refine_ls_shell.d_res_low                        1.5400 
_refine_ls_shell.pdbx_total_number_of_bins_used   9 
_refine_ls_shell.percent_reflns_obs               99.7800 
_refine_ls_shell.number_reflns_R_work             2649 
_refine_ls_shell.R_factor_all                     0.2237 
_refine_ls_shell.R_factor_R_work                  0.2231 
_refine_ls_shell.R_factor_R_free                  0.2340 
_refine_ls_shell.percent_reflns_R_free            5.8000 
_refine_ls_shell.number_reflns_R_free             163 
_refine_ls_shell.R_factor_R_free_error            ? 
_refine_ls_shell.number_reflns_all                2812 
_refine_ls_shell.number_reflns_obs                ? 
_refine_ls_shell.redundancy_reflns_obs            ? 
_refine_ls_shell.pdbx_refine_id                   'X-RAY DIFFRACTION' 
# 
_struct.entry_id                  4IEJ 
_struct.title                     
'Crystal structure of a DNA methyltransferase 1 associated protein 1 (DMAP1) from Homo sapiens at 1.45 A resolution' 
_struct.pdbx_model_details        ? 
_struct.pdbx_CASP_flag            ? 
_struct.pdbx_model_type_details   ? 
# 
_struct_keywords.text            
;DNA methylation, chromatin regulator, repressor, Structural Genomics, Joint Center for Structural Genomics, JCSG, Partnership for T-Cell Biology, TCELL, Protein Structure Initiative, PSI-BIOLOGY, TRANSCRIPTION
;
_struct_keywords.pdbx_keywords   TRANSCRIPTION 
_struct_keywords.entry_id        4IEJ 
# 
loop_
_struct_asym.id 
_struct_asym.pdbx_blank_PDB_chainid_flag 
_struct_asym.pdbx_modified 
_struct_asym.entity_id 
_struct_asym.details 
A N N 1 ? 
B N N 2 ? 
C N N 3 ? 
# 
_struct_biol.id        1 
_struct_biol.details   ? 
# 
loop_
_struct_conf.conf_type_id 
_struct_conf.id 
_struct_conf.pdbx_PDB_helix_id 
_struct_conf.beg_label_comp_id 
_struct_conf.beg_label_asym_id 
_struct_conf.beg_label_seq_id 
_struct_conf.pdbx_beg_PDB_ins_code 
_struct_conf.end_label_comp_id 
_struct_conf.end_label_asym_id 
_struct_conf.end_label_seq_id 
_struct_conf.pdbx_end_PDB_ins_code 
_struct_conf.beg_auth_comp_id 
_struct_conf.beg_auth_asym_id 
_struct_conf.beg_auth_seq_id 
_struct_conf.end_auth_comp_id 
_struct_conf.end_auth_asym_id 
_struct_conf.end_auth_seq_id 
_struct_conf.pdbx_PDB_helix_class 
_struct_conf.details 
_struct_conf.pdbx_PDB_helix_length 
HELX_P HELX_P1 1 SER A 20 ? LEU A 28 ? SER A 139 LEU A 147 1 ? 9  
HELX_P HELX_P2 2 THR A 34 ? PHE A 48 ? THR A 153 PHE A 167 1 ? 15 
HELX_P HELX_P3 3 ARG A 51 ? TYR A 59 ? ARG A 170 TYR A 178 1 ? 9  
HELX_P HELX_P4 4 SER A 68 ? ARG A 87 ? SER A 187 ARG A 206 1 ? 20 
# 
_struct_conf_type.id          HELX_P 
_struct_conf_type.criteria    ? 
_struct_conf_type.reference   ? 
# 
loop_
_struct_conn.id 
_struct_conn.conn_type_id 
_struct_conn.pdbx_leaving_atom_flag 
_struct_conn.pdbx_PDB_id 
_struct_conn.ptnr1_label_asym_id 
_struct_conn.ptnr1_label_comp_id 
_struct_conn.ptnr1_label_seq_id 
_struct_conn.ptnr1_label_atom_id 
_struct_conn.pdbx_ptnr1_label_alt_id 
_struct_conn.pdbx_ptnr1_PDB_ins_code 
_struct_conn.pdbx_ptnr1_standard_comp_id 
_struct_conn.ptnr1_symmetry 
_struct_conn.ptnr2_label_asym_id 
_struct_conn.ptnr2_label_comp_id 
_struct_conn.ptnr2_label_seq_id 
_struct_conn.ptnr2_label_atom_id 
_struct_conn.pdbx_ptnr2_label_alt_id 
_struct_conn.pdbx_ptnr2_PDB_ins_code 
_struct_conn.ptnr1_auth_asym_id 
_struct_conn.ptnr1_auth_comp_id 
_struct_conn.ptnr1_auth_seq_id 
_struct_conn.ptnr2_auth_asym_id 
_struct_conn.ptnr2_auth_comp_id 
_struct_conn.ptnr2_auth_seq_id 
_struct_conn.ptnr2_symmetry 
_struct_conn.pdbx_ptnr3_label_atom_id 
_struct_conn.pdbx_ptnr3_label_seq_id 
_struct_conn.pdbx_ptnr3_label_comp_id 
_struct_conn.pdbx_ptnr3_label_asym_id 
_struct_conn.pdbx_ptnr3_label_alt_id 
_struct_conn.pdbx_ptnr3_PDB_ins_code 
_struct_conn.details 
_struct_conn.pdbx_dist_value 
_struct_conn.pdbx_value_order 
_struct_conn.pdbx_role 
metalc1 metalc ? ? A ARG 46 O   ? ? ? 1_555 B CA  . CA ? ? A ARG 165 A CA  301 1_555 ? ? ? ? ? ? ? 2.416 ? ? 
metalc2 metalc ? ? A ASP 49 OD1 ? ? ? 1_555 B CA  . CA ? ? A ASP 168 A CA  301 1_555 ? ? ? ? ? ? ? 2.943 ? ? 
metalc3 metalc ? ? B CA  .  CA  ? ? ? 1_555 C HOH . O  ? ? A CA  301 A HOH 412 1_555 ? ? ? ? ? ? ? 2.170 ? ? 
metalc4 metalc ? ? B CA  .  CA  ? ? ? 1_555 C HOH . O  ? ? A CA  301 A HOH 419 1_555 ? ? ? ? ? ? ? 2.654 ? ? 
metalc5 metalc ? ? B CA  .  CA  ? ? ? 1_555 C HOH . O  ? ? A CA  301 A HOH 471 1_555 ? ? ? ? ? ? ? 2.383 ? ? 
metalc6 metalc ? ? B CA  .  CA  ? ? ? 1_555 C HOH . O  ? ? A CA  301 A HOH 473 1_555 ? ? ? ? ? ? ? 2.570 ? ? 
# 
_struct_conn_type.id          metalc 
_struct_conn_type.criteria    ? 
_struct_conn_type.reference   ? 
# 
_struct_site.id                   AC1 
_struct_site.pdbx_evidence_code   Software 
_struct_site.pdbx_auth_asym_id    A 
_struct_site.pdbx_auth_comp_id    CA 
_struct_site.pdbx_auth_seq_id     301 
_struct_site.pdbx_auth_ins_code   ? 
_struct_site.pdbx_num_residues    7 
_struct_site.details              'BINDING SITE FOR RESIDUE CA A 301' 
# 
loop_
_struct_site_gen.id 
_struct_site_gen.site_id 
_struct_site_gen.pdbx_num_res 
_struct_site_gen.label_comp_id 
_struct_site_gen.label_asym_id 
_struct_site_gen.label_seq_id 
_struct_site_gen.pdbx_auth_ins_code 
_struct_site_gen.auth_comp_id 
_struct_site_gen.auth_asym_id 
_struct_site_gen.auth_seq_id 
_struct_site_gen.label_atom_id 
_struct_site_gen.label_alt_id 
_struct_site_gen.symmetry 
_struct_site_gen.details 
1 AC1 7 ARG A 46 ? ARG A 165 . ? 1_555 ? 
2 AC1 7 ASP A 49 ? ASP A 168 . ? 1_555 ? 
3 AC1 7 ASP A 57 ? ASP A 176 . ? 8_665 ? 
4 AC1 7 HOH C .  ? HOH A 412 . ? 1_555 ? 
5 AC1 7 HOH C .  ? HOH A 419 . ? 1_555 ? 
6 AC1 7 HOH C .  ? HOH A 471 . ? 1_555 ? 
7 AC1 7 HOH C .  ? HOH A 473 . ? 1_555 ? 
# 
_atom_sites.entry_id                    4IEJ 
_atom_sites.fract_transf_matrix[1][1]   0.02134448 
_atom_sites.fract_transf_matrix[1][2]   0.00403518 
_atom_sites.fract_transf_matrix[1][3]   -0.02199521 
_atom_sites.fract_transf_matrix[2][1]   0.01710951 
_atom_sites.fract_transf_matrix[2][2]   0.02574335 
_atom_sites.fract_transf_matrix[2][3]   -0.00039780 
_atom_sites.fract_transf_matrix[3][1]   0.00296707 
_atom_sites.fract_transf_matrix[3][2]   -0.00193296 
_atom_sites.fract_transf_matrix[3][3]   0.00252467 
_atom_sites.fract_transf_vector[1]      0.502345 
_atom_sites.fract_transf_vector[2]      0.760705 
_atom_sites.fract_transf_vector[3]      0.028723 
# 
loop_
_atom_type.symbol 
C  
CA 
N  
O  
S  
# 
loop_
_atom_site.group_PDB 
_atom_site.id 
_atom_site.type_symbol 
_atom_site.label_atom_id 
_atom_site.label_alt_id 
_atom_site.label_comp_id 
_atom_site.label_asym_id 
_atom_site.label_entity_id 
_atom_site.label_seq_id 
_atom_site.pdbx_PDB_ins_code 
_atom_site.Cartn_x 
_atom_site.Cartn_y 
_atom_site.Cartn_z 
_atom_site.occupancy 
_atom_site.B_iso_or_equiv 
_atom_site.pdbx_formal_charge 
_atom_site.auth_seq_id 
_atom_site.auth_comp_id 
_atom_site.auth_asym_id 
_atom_site.auth_atom_id 
_atom_site.pdbx_PDB_model_num 
ATOM   1   N  N   . VAL A 1 14 ? -8.713  6.565   -11.616 1.00 48.07  ? 133 VAL A N   1 
ATOM   2   C  CA  A VAL A 1 14 ? -7.379  5.988   -11.437 0.50 46.24  ? 133 VAL A CA  1 
ATOM   3   C  CA  B VAL A 1 14 ? -7.382  5.984   -11.400 0.50 47.02  ? 133 VAL A CA  1 
ATOM   4   C  C   . VAL A 1 14 ? -7.483  4.538   -10.927 1.00 47.52  ? 133 VAL A C   1 
ATOM   5   O  O   . VAL A 1 14 ? -8.357  4.219   -10.120 1.00 49.65  ? 133 VAL A O   1 
ATOM   6   C  CB  A VAL A 1 14 ? -6.473  6.840   -10.503 0.50 49.75  ? 133 VAL A CB  1 
ATOM   7   C  CB  B VAL A 1 14 ? -6.514  6.802   -10.407 0.50 51.72  ? 133 VAL A CB  1 
ATOM   8   C  CG1 A VAL A 1 14 ? -5.009  6.452   -10.669 0.50 48.66  ? 133 VAL A CG1 1 
ATOM   9   C  CG1 B VAL A 1 14 ? -5.787  7.940   -11.111 0.50 52.82  ? 133 VAL A CG1 1 
ATOM   10  C  CG2 A VAL A 1 14 ? -6.655  8.341   -10.755 0.50 50.86  ? 133 VAL A CG2 1 
ATOM   11  C  CG2 B VAL A 1 14 ? -7.338  7.312   -9.227  0.50 51.80  ? 133 VAL A CG2 1 
ATOM   12  N  N   . GLN A 1 15 ? -6.569  3.675   -11.401 1.00 38.21  ? 134 GLN A N   1 
ATOM   13  C  CA  . GLN A 1 15 ? -6.469  2.271   -11.032 1.00 35.07  ? 134 GLN A CA  1 
ATOM   14  C  C   . GLN A 1 15 ? -5.454  2.104   -9.904  1.00 34.80  ? 134 GLN A C   1 
ATOM   15  O  O   . GLN A 1 15 ? -4.559  2.957   -9.710  1.00 32.59  ? 134 GLN A O   1 
ATOM   16  C  CB  . GLN A 1 15 ? -6.028  1.432   -12.246 1.00 35.88  ? 134 GLN A CB  1 
ATOM   17  C  CG  . GLN A 1 15 ? -7.059  1.426   -13.384 1.00 51.71  ? 134 GLN A CG  1 
ATOM   18  C  CD  . GLN A 1 15 ? -6.550  0.796   -14.659 1.00 76.84  ? 134 GLN A CD  1 
ATOM   19  O  OE1 . GLN A 1 15 ? -5.370  0.899   -15.016 1.00 72.95  ? 134 GLN A OE1 1 
ATOM   20  N  NE2 . GLN A 1 15 ? -7.457  0.187   -15.416 1.00 75.21  ? 134 GLN A NE2 1 
ATOM   21  N  N   . VAL A 1 16 ? -5.535  0.972   -9.204  1.00 27.68  ? 135 VAL A N   1 
ATOM   22  C  CA  . VAL A 1 16 ? -4.507  0.700   -8.204  1.00 24.28  ? 135 VAL A CA  1 
ATOM   23  C  C   . VAL A 1 16 ? -3.200  0.277   -8.918  1.00 24.74  ? 135 VAL A C   1 
ATOM   24  O  O   . VAL A 1 16 ? -3.235  -0.661  -9.725  1.00 25.58  ? 135 VAL A O   1 
ATOM   25  C  CB  . VAL A 1 16 ? -4.974  -0.380  -7.212  1.00 26.30  ? 135 VAL A CB  1 
ATOM   26  C  CG1 . VAL A 1 16 ? -3.858  -0.754  -6.215  1.00 24.64  ? 135 VAL A CG1 1 
ATOM   27  C  CG2 . VAL A 1 16 ? -6.241  0.074   -6.488  1.00 26.98  ? 135 VAL A CG2 1 
ATOM   28  N  N   . PRO A 1 17 ? -2.041  0.894   -8.635  1.00 22.47  ? 136 PRO A N   1 
ATOM   29  C  CA  . PRO A 1 17 ? -0.822  0.432   -9.315  1.00 22.71  ? 136 PRO A CA  1 
ATOM   30  C  C   . PRO A 1 17 ? -0.446  -0.990  -8.943  1.00 23.49  ? 136 PRO A C   1 
ATOM   31  O  O   . PRO A 1 17 ? -0.853  -1.543  -7.900  1.00 23.41  ? 136 PRO A O   1 
ATOM   32  C  CB  . PRO A 1 17 ? 0.265   1.426   -8.863  1.00 24.38  ? 136 PRO A CB  1 
ATOM   33  C  CG  . PRO A 1 17 ? -0.512  2.677   -8.485  1.00 27.11  ? 136 PRO A CG  1 
ATOM   34  C  CD  . PRO A 1 17 ? -1.784  2.109   -7.834  1.00 24.41  ? 136 PRO A CD  1 
ATOM   35  N  N   . VAL A 1 18 ? 0.382   -1.578  -9.790  1.00 22.08  ? 137 VAL A N   1 
ATOM   36  C  CA  . VAL A 1 18 ? 0.920   -2.932  -9.558  1.00 22.69  ? 137 VAL A CA  1 
ATOM   37  C  C   . VAL A 1 18 ? 2.399   -2.806  -9.613  1.00 25.13  ? 137 VAL A C   1 
ATOM   38  O  O   . VAL A 1 18 ? 2.947   -2.392  -10.646 1.00 27.22  ? 137 VAL A O   1 
ATOM   39  C  CB  . VAL A 1 18 ? 0.401   -3.958  -10.615 1.00 26.87  ? 137 VAL A CB  1 
ATOM   40  C  CG1 . VAL A 1 18 ? 1.026   -5.343  -10.382 1.00 27.63  ? 137 VAL A CG1 1 
ATOM   41  C  CG2 . VAL A 1 18 ? -1.120  -4.052  -10.569 1.00 27.51  ? 137 VAL A CG2 1 
ATOM   42  N  N   . TYR A 1 19 ? 3.077   -3.196  -8.531  1.00 23.24  ? 138 TYR A N   1 
ATOM   43  C  CA  . TYR A 1 19 ? 4.535   -3.168  -8.540  1.00 23.99  ? 138 TYR A CA  1 
ATOM   44  C  C   . TYR A 1 19 ? 5.076   -4.562  -8.718  1.00 28.39  ? 138 TYR A C   1 
ATOM   45  O  O   . TYR A 1 19 ? 4.454   -5.534  -8.269  1.00 28.42  ? 138 TYR A O   1 
ATOM   46  C  CB  . TYR A 1 19 ? 5.094   -2.546  -7.248  1.00 23.22  ? 138 TYR A CB  1 
ATOM   47  C  CG  . TYR A 1 19 ? 4.455   -3.037  -5.970  1.00 22.16  ? 138 TYR A CG  1 
ATOM   48  C  CD1 . TYR A 1 19 ? 4.801   -4.271  -5.418  1.00 23.24  ? 138 TYR A CD1 1 
ATOM   49  C  CD2 . TYR A 1 19 ? 3.516   -2.261  -5.295  1.00 22.20  ? 138 TYR A CD2 1 
ATOM   50  C  CE1 . TYR A 1 19 ? 4.202   -4.729  -4.244  1.00 22.59  ? 138 TYR A CE1 1 
ATOM   51  C  CE2 . TYR A 1 19 ? 2.924   -2.705  -4.116  1.00 20.66  ? 138 TYR A CE2 1 
ATOM   52  C  CZ  . TYR A 1 19 ? 3.308   -3.916  -3.566  1.00 21.81  ? 138 TYR A CZ  1 
ATOM   53  O  OH  . TYR A 1 19 ? 2.698   -4.387  -2.426  1.00 23.66  ? 138 TYR A OH  1 
ATOM   54  N  N   . SER A 1 20 ? 6.243   -4.670  -9.346  1.00 28.20  ? 139 SER A N   1 
ATOM   55  C  CA  . SER A 1 20 ? 6.894   -5.965  -9.495  1.00 29.70  ? 139 SER A CA  1 
ATOM   56  C  C   . SER A 1 20 ? 7.661   -6.285  -8.223  1.00 34.01  ? 139 SER A C   1 
ATOM   57  O  O   . SER A 1 20 ? 7.875   -5.404  -7.385  1.00 30.95  ? 139 SER A O   1 
ATOM   58  C  CB  . SER A 1 20 ? 7.843   -5.939  -10.691 1.00 35.52  ? 139 SER A CB  1 
ATOM   59  O  OG  . SER A 1 20 ? 8.879   -5.003  -10.461 1.00 38.21  ? 139 SER A OG  1 
ATOM   60  N  N   . GLU A 1 21 ? 8.118   -7.544  -8.080  1.00 33.81  ? 140 GLU A N   1 
ATOM   61  C  CA  . GLU A 1 21 ? 8.941   -7.930  -6.941  1.00 34.04  ? 140 GLU A CA  1 
ATOM   62  C  C   . GLU A 1 21 ? 10.242  -7.136  -6.922  1.00 36.52  ? 140 GLU A C   1 
ATOM   63  O  O   . GLU A 1 21 ? 10.699  -6.713  -5.853  1.00 35.40  ? 140 GLU A O   1 
ATOM   64  C  CB  . GLU A 1 21 ? 9.220   -9.450  -6.962  1.00 37.45  ? 140 GLU A CB  1 
ATOM   65  C  CG  . GLU A 1 21 ? 8.076   -10.238 -6.343  1.00 49.14  ? 140 GLU A CG  1 
ATOM   66  C  CD  . GLU A 1 21 ? 8.354   -11.651 -5.858  1.00 84.13  ? 140 GLU A CD  1 
ATOM   67  O  OE1 . GLU A 1 21 ? 9.538   -12.063 -5.828  1.00 89.34  ? 140 GLU A OE1 1 
ATOM   68  O  OE2 . GLU A 1 21 ? 7.378   -12.343 -5.489  1.00 78.53  ? 140 GLU A OE2 1 
ATOM   69  N  N   . GLN A 1 22 ? 10.822  -6.898  -8.111  1.00 35.28  ? 141 GLN A N   1 
ATOM   70  C  CA  . GLN A 1 22 ? 12.071  -6.152  -8.255  1.00 35.91  ? 141 GLN A CA  1 
ATOM   71  C  C   . GLN A 1 22 ? 11.863  -4.697  -7.825  1.00 35.48  ? 141 GLN A C   1 
ATOM   72  O  O   . GLN A 1 22 ? 12.684  -4.159  -7.088  1.00 34.27  ? 141 GLN A O   1 
ATOM   73  C  CB  . GLN A 1 22 ? 12.570  -6.241  -9.706  1.00 40.39  ? 141 GLN A CB  1 
ATOM   74  C  CG  . GLN A 1 22 ? 13.966  -5.672  -9.921  1.00 58.65  ? 141 GLN A CG  1 
ATOM   75  C  CD  . GLN A 1 22 ? 14.524  -6.009  -11.289 1.00 74.72  ? 141 GLN A CD  1 
ATOM   76  O  OE1 . GLN A 1 22 ? 13.961  -5.659  -12.330 1.00 69.11  ? 141 GLN A OE1 1 
ATOM   77  N  NE2 . GLN A 1 22 ? 15.657  -6.687  -11.310 1.00 69.99  ? 141 GLN A NE2 1 
ATOM   78  N  N   . GLU A 1 23 ? 10.758  -4.068  -8.269  1.00 31.70  ? 142 GLU A N   1 
ATOM   79  C  CA  . GLU A 1 23 ? 10.479  -2.697  -7.876  1.00 29.82  ? 142 GLU A CA  1 
ATOM   80  C  C   . GLU A 1 23 ? 10.334  -2.594  -6.382  1.00 29.59  ? 142 GLU A C   1 
ATOM   81  O  O   . GLU A 1 23 ? 10.802  -1.614  -5.803  1.00 28.51  ? 142 GLU A O   1 
ATOM   82  C  CB  . GLU A 1 23 ? 9.186   -2.189  -8.541  1.00 29.46  ? 142 GLU A CB  1 
ATOM   83  C  CG  . GLU A 1 23 ? 9.430   -1.787  -9.981  1.00 35.05  ? 142 GLU A CG  1 
ATOM   84  C  CD  . GLU A 1 23 ? 8.160   -1.383  -10.702 1.00 47.12  ? 142 GLU A CD  1 
ATOM   85  O  OE1 . GLU A 1 23 ? 7.109   -2.018  -10.448 1.00 33.54  ? 142 GLU A OE1 1 
ATOM   86  O  OE2 . GLU A 1 23 ? 8.227   -0.462  -11.551 1.00 35.65  ? 142 GLU A OE2 1 
ATOM   87  N  N   . TYR A 1 24 ? 9.646   -3.577  -5.752  1.00 27.42  ? 143 TYR A N   1 
ATOM   88  C  CA  . TYR A 1 24 ? 9.482   -3.510  -4.302  1.00 26.14  ? 143 TYR A CA  1 
ATOM   89  C  C   . TYR A 1 24 ? 10.847  -3.568  -3.598  1.00 29.04  ? 143 TYR A C   1 
ATOM   90  O  O   . TYR A 1 24 ? 11.128  -2.759  -2.704  1.00 27.84  ? 143 TYR A O   1 
ATOM   91  C  CB  . TYR A 1 24 ? 8.576   -4.649  -3.770  1.00 25.48  ? 143 TYR A CB  1 
ATOM   92  C  CG  . TYR A 1 24 ? 8.207   -4.421  -2.321  1.00 23.34  ? 143 TYR A CG  1 
ATOM   93  C  CD1 . TYR A 1 24 ? 9.089   -4.758  -1.292  1.00 24.98  ? 143 TYR A CD1 1 
ATOM   94  C  CD2 . TYR A 1 24 ? 7.024   -3.779  -1.979  1.00 22.17  ? 143 TYR A CD2 1 
ATOM   95  C  CE1 . TYR A 1 24 ? 8.791   -4.477  0.035   1.00 24.32  ? 143 TYR A CE1 1 
ATOM   96  C  CE2 . TYR A 1 24 ? 6.713   -3.493  -0.650  1.00 22.43  ? 143 TYR A CE2 1 
ATOM   97  C  CZ  . TYR A 1 24 ? 7.605   -3.832  0.355   1.00 23.01  ? 143 TYR A CZ  1 
ATOM   98  O  OH  . TYR A 1 24 ? 7.322   -3.522  1.663   1.00 24.70  ? 143 TYR A OH  1 
ATOM   99  N  N   . GLN A 1 25 ? 11.663  -4.562  -3.970  1.00 29.85  ? 144 GLN A N   1 
ATOM   100 C  CA  A GLN A 1 25 ? 12.980  -4.798  -3.396  0.50 31.10  ? 144 GLN A CA  1 
ATOM   101 C  CA  B GLN A 1 25 ? 12.922  -4.721  -3.265  0.50 30.81  ? 144 GLN A CA  1 
ATOM   102 C  C   . GLN A 1 25 ? 13.876  -3.570  -3.562  1.00 35.24  ? 144 GLN A C   1 
ATOM   103 O  O   . GLN A 1 25 ? 14.546  -3.135  -2.629  1.00 35.76  ? 144 GLN A O   1 
ATOM   104 C  CB  A GLN A 1 25 ? 13.616  -6.035  -4.090  0.50 33.55  ? 144 GLN A CB  1 
ATOM   105 C  CB  B GLN A 1 25 ? 13.589  -6.086  -3.525  0.50 33.13  ? 144 GLN A CB  1 
ATOM   106 C  CG  A GLN A 1 25 ? 15.103  -6.300  -3.797  0.50 40.85  ? 144 GLN A CG  1 
ATOM   107 C  CG  B GLN A 1 25 ? 12.760  -7.330  -3.110  0.50 31.94  ? 144 GLN A CG  1 
ATOM   108 C  CD  A GLN A 1 25 ? 15.451  -6.451  -2.334  0.50 51.88  ? 144 GLN A CD  1 
ATOM   109 C  CD  B GLN A 1 25 ? 12.066  -7.344  -1.740  0.50 34.04  ? 144 GLN A CD  1 
ATOM   110 O  OE1 A GLN A 1 25 ? 14.633  -6.870  -1.506  0.50 46.58  ? 144 GLN A OE1 1 
ATOM   111 O  OE1 B GLN A 1 25 ? 12.415  -6.646  -0.779  0.50 33.69  ? 144 GLN A OE1 1 
ATOM   112 N  NE2 A GLN A 1 25 ? 16.691  -6.127  -1.990  0.50 39.90  ? 144 GLN A NE2 1 
ATOM   113 N  NE2 B GLN A 1 25 ? 11.073  -8.188  -1.619  0.50 30.71  ? 144 GLN A NE2 1 
ATOM   114 N  N   . LEU A 1 26 ? 13.868  -3.004  -4.780  1.00 32.46  ? 145 LEU A N   1 
ATOM   115 C  CA  . LEU A 1 26 ? 14.766  -1.891  -5.058  1.00 35.12  ? 145 LEU A CA  1 
ATOM   116 C  C   . LEU A 1 26 ? 14.300  -0.564  -4.507  1.00 36.33  ? 145 LEU A C   1 
ATOM   117 O  O   . LEU A 1 26 ? 15.143  0.249   -4.142  1.00 37.22  ? 145 LEU A O   1 
ATOM   118 C  CB  . LEU A 1 26 ? 15.014  -1.738  -6.573  1.00 37.29  ? 145 LEU A CB  1 
ATOM   119 C  CG  . LEU A 1 26 ? 15.832  -2.827  -7.277  1.00 44.86  ? 145 LEU A CG  1 
ATOM   120 C  CD1 . LEU A 1 26 ? 15.797  -2.625  -8.785  1.00 47.69  ? 145 LEU A CD1 1 
ATOM   121 C  CD2 . LEU A 1 26 ? 17.284  -2.828  -6.811  1.00 48.36  ? 145 LEU A CD2 1 
ATOM   122 N  N   . TYR A 1 27 ? 12.971  -0.310  -4.475  1.00 29.54  ? 146 TYR A N   1 
ATOM   123 C  CA  . TYR A 1 27 ? 12.495  1.045   -4.188  1.00 28.39  ? 146 TYR A CA  1 
ATOM   124 C  C   . TYR A 1 27 ? 11.441  1.211   -3.117  1.00 28.74  ? 146 TYR A C   1 
ATOM   125 O  O   . TYR A 1 27 ? 11.271  2.346   -2.677  1.00 29.40  ? 146 TYR A O   1 
ATOM   126 C  CB  . TYR A 1 27 ? 11.855  1.621   -5.480  1.00 29.04  ? 146 TYR A CB  1 
ATOM   127 C  CG  . TYR A 1 27 ? 12.716  1.493   -6.720  1.00 33.83  ? 146 TYR A CG  1 
ATOM   128 C  CD1 . TYR A 1 27 ? 13.938  2.158   -6.817  1.00 38.56  ? 146 TYR A CD1 1 
ATOM   129 C  CD2 . TYR A 1 27 ? 12.287  0.753   -7.817  1.00 34.73  ? 146 TYR A CD2 1 
ATOM   130 C  CE1 . TYR A 1 27 ? 14.729  2.051   -7.960  1.00 42.56  ? 146 TYR A CE1 1 
ATOM   131 C  CE2 . TYR A 1 27 ? 13.077  0.627   -8.961  1.00 38.43  ? 146 TYR A CE2 1 
ATOM   132 C  CZ  . TYR A 1 27 ? 14.294  1.285   -9.031  1.00 48.29  ? 146 TYR A CZ  1 
ATOM   133 O  OH  . TYR A 1 27 ? 15.069  1.195   -10.167 1.00 54.41  ? 146 TYR A OH  1 
ATOM   134 N  N   . LEU A 1 28 ? 10.705  0.144   -2.733  1.00 25.72  ? 147 LEU A N   1 
ATOM   135 C  CA  . LEU A 1 28 ? 9.532   0.333   -1.872  1.00 24.72  ? 147 LEU A CA  1 
ATOM   136 C  C   . LEU A 1 28 ? 9.661   -0.174  -0.440  1.00 26.80  ? 147 LEU A C   1 
ATOM   137 O  O   . LEU A 1 28 ? 8.717   -0.001  0.339   1.00 25.75  ? 147 LEU A O   1 
ATOM   138 C  CB  . LEU A 1 28 ? 8.280   -0.321  -2.522  1.00 23.16  ? 147 LEU A CB  1 
ATOM   139 C  CG  . LEU A 1 28 ? 8.048   0.030   -4.006  1.00 24.40  ? 147 LEU A CG  1 
ATOM   140 C  CD1 . LEU A 1 28 ? 6.803   -0.672  -4.538  1.00 24.03  ? 147 LEU A CD1 1 
ATOM   141 C  CD2 . LEU A 1 28 ? 7.908   1.564   -4.251  1.00 24.42  ? 147 LEU A CD2 1 
ATOM   142 N  N   . HIS A 1 29 ? 10.782  -0.745  -0.080  1.00 27.48  ? 148 HIS A N   1 
ATOM   143 C  CA  . HIS A 1 29 ? 10.920  -1.233  1.293   1.00 28.34  ? 148 HIS A CA  1 
ATOM   144 C  C   . HIS A 1 29 ? 10.823  -0.088  2.287   1.00 28.25  ? 148 HIS A C   1 
ATOM   145 O  O   . HIS A 1 29 ? 11.179  1.061   1.994   1.00 28.76  ? 148 HIS A O   1 
ATOM   146 C  CB  . HIS A 1 29 ? 12.235  -1.993  1.491   1.00 32.41  ? 148 HIS A CB  1 
ATOM   147 C  CG  . HIS A 1 29 ? 13.426  -1.134  1.277   1.00 39.40  ? 148 HIS A CG  1 
ATOM   148 N  ND1 . HIS A 1 29 ? 13.881  -0.844  -0.003  1.00 44.20  ? 148 HIS A ND1 1 
ATOM   149 C  CD2 . HIS A 1 29 ? 14.174  -0.457  2.177   1.00 44.44  ? 148 HIS A CD2 1 
ATOM   150 C  CE1 . HIS A 1 29 ? 14.917  -0.034  0.161   1.00 45.76  ? 148 HIS A CE1 1 
ATOM   151 N  NE2 . HIS A 1 29 ? 15.146  0.213   1.459   1.00 46.63  ? 148 HIS A NE2 1 
ATOM   152 N  N   . ASP A 1 30 ? 10.289  -0.394  3.451   1.00 24.69  ? 149 ASP A N   1 
ATOM   153 C  CA  . ASP A 1 30 ? 10.178  0.548   4.566   1.00 24.41  ? 149 ASP A CA  1 
ATOM   154 C  C   . ASP A 1 30 ? 10.507  -0.235  5.810   1.00 26.03  ? 149 ASP A C   1 
ATOM   155 O  O   . ASP A 1 30 ? 10.002  -1.349  5.953   1.00 25.94  ? 149 ASP A O   1 
ATOM   156 C  CB  . ASP A 1 30 ? 8.764   1.138   4.627   1.00 25.37  ? 149 ASP A CB  1 
ATOM   157 C  CG  . ASP A 1 30 ? 8.534   2.185   5.700   1.00 34.03  ? 149 ASP A CG  1 
ATOM   158 O  OD1 . ASP A 1 30 ? 8.515   1.830   6.888   1.00 31.56  ? 149 ASP A OD1 1 
ATOM   159 O  OD2 . ASP A 1 30 ? 8.196   3.338   5.342   1.00 40.68  ? 149 ASP A OD2 1 
ATOM   160 N  N   . ASP A 1 31 ? 11.298  0.341   6.716   1.00 25.59  ? 150 ASP A N   1 
ATOM   161 C  CA  . ASP A 1 31 ? 11.704  -0.411  7.917   1.00 26.35  ? 150 ASP A CA  1 
ATOM   162 C  C   . ASP A 1 31 ? 10.529  -0.880  8.787   1.00 26.84  ? 150 ASP A C   1 
ATOM   163 O  O   . ASP A 1 31 ? 10.760  -1.784  9.613   1.00 26.77  ? 150 ASP A O   1 
ATOM   164 C  CB  . ASP A 1 31 ? 12.656  0.441   8.766   1.00 30.31  ? 150 ASP A CB  1 
ATOM   165 C  CG  . ASP A 1 31 ? 14.018  0.628   8.112   1.00 39.56  ? 150 ASP A CG  1 
ATOM   166 O  OD1 . ASP A 1 31 ? 14.285  -0.042  7.085   1.00 35.55  ? 150 ASP A OD1 1 
ATOM   167 O  OD2 . ASP A 1 31 ? 14.844  1.414   8.657   1.00 47.84  ? 150 ASP A OD2 1 
ATOM   168 N  N   . ALA A 1 32 ? 9.353   -0.237  8.692   1.00 27.25  ? 151 ALA A N   1 
ATOM   169 C  CA  . ALA A 1 32 ? 8.192   -0.531  9.519   1.00 29.68  ? 151 ALA A CA  1 
ATOM   170 C  C   . ALA A 1 32 ? 7.112   -1.304  8.780   1.00 27.60  ? 151 ALA A C   1 
ATOM   171 O  O   . ALA A 1 32 ? 6.078   -1.590  9.380   1.00 27.88  ? 151 ALA A O   1 
ATOM   172 C  CB  . ALA A 1 32 ? 7.591   0.774   10.042  1.00 34.18  ? 151 ALA A CB  1 
ATOM   173 N  N   . TRP A 1 33 ? 7.340   -1.664  7.500   1.00 22.57  ? 152 TRP A N   1 
ATOM   174 C  CA  . TRP A 1 33 ? 6.356   -2.402  6.703   1.00 21.56  ? 152 TRP A CA  1 
ATOM   175 C  C   . TRP A 1 33 ? 6.943   -3.660  6.078   1.00 24.27  ? 152 TRP A C   1 
ATOM   176 O  O   . TRP A 1 33 ? 8.034   -3.620  5.559   1.00 26.91  ? 152 TRP A O   1 
ATOM   177 C  CB  . TRP A 1 33 ? 5.826   -1.533  5.544   1.00 21.43  ? 152 TRP A CB  1 
ATOM   178 C  CG  . TRP A 1 33 ? 4.843   -0.487  5.963   1.00 22.42  ? 152 TRP A CG  1 
ATOM   179 C  CD1 . TRP A 1 33 ? 5.099   0.686   6.625   1.00 26.02  ? 152 TRP A CD1 1 
ATOM   180 C  CD2 . TRP A 1 33 ? 3.434   -0.540  5.758   1.00 21.78  ? 152 TRP A CD2 1 
ATOM   181 N  NE1 . TRP A 1 33 ? 3.919   1.388   6.809   1.00 25.92  ? 152 TRP A NE1 1 
ATOM   182 C  CE2 . TRP A 1 33 ? 2.882   0.649   6.297   1.00 25.76  ? 152 TRP A CE2 1 
ATOM   183 C  CE3 . TRP A 1 33 ? 2.577   -1.469  5.125   1.00 22.66  ? 152 TRP A CE3 1 
ATOM   184 C  CZ2 . TRP A 1 33 ? 1.497   0.920   6.243   1.00 24.83  ? 152 TRP A CZ2 1 
ATOM   185 C  CZ3 . TRP A 1 33 ? 1.213   -1.178  5.054   1.00 24.76  ? 152 TRP A CZ3 1 
ATOM   186 C  CH2 . TRP A 1 33 ? 0.691   -0.025  5.646   1.00 25.87  ? 152 TRP A CH2 1 
ATOM   187 N  N   . THR A 1 34 ? 6.214   -4.780  6.143   1.00 22.51  ? 153 THR A N   1 
ATOM   188 C  CA  . THR A 1 34 ? 6.621   -5.975  5.411   1.00 22.34  ? 153 THR A CA  1 
ATOM   189 C  C   . THR A 1 34 ? 6.070   -5.879  3.992   1.00 20.60  ? 153 THR A C   1 
ATOM   190 O  O   . THR A 1 34 ? 5.053   -5.196  3.726   1.00 20.67  ? 153 THR A O   1 
ATOM   191 C  CB  . THR A 1 34 ? 6.092   -7.260  6.035   1.00 23.50  ? 153 THR A CB  1 
ATOM   192 O  OG1 . THR A 1 34 ? 4.689   -7.240  6.076   1.00 22.86  ? 153 THR A OG1 1 
ATOM   193 C  CG2 . THR A 1 34 ? 6.605   -7.524  7.420   1.00 24.84  ? 153 THR A CG2 1 
ATOM   194 N  N   . LYS A 1 35 ? 6.690   -6.642  3.097   1.00 20.67  ? 154 LYS A N   1 
ATOM   195 C  CA  . LYS A 1 35 ? 6.126   -6.756  1.751   1.00 20.04  ? 154 LYS A CA  1 
ATOM   196 C  C   . LYS A 1 35 ? 4.753   -7.418  1.879   1.00 20.94  ? 154 LYS A C   1 
ATOM   197 O  O   . LYS A 1 35 ? 3.821   -7.008  1.180   1.00 20.02  ? 154 LYS A O   1 
ATOM   198 C  CB  . LYS A 1 35 ? 7.039   -7.563  0.818   1.00 23.13  ? 154 LYS A CB  1 
ATOM   199 C  CG  . LYS A 1 35 ? 6.440   -7.516  -0.595  1.00 25.69  ? 154 LYS A CG  1 
ATOM   200 C  CD  . LYS A 1 35 ? 7.332   -8.244  -1.562  1.00 31.57  ? 154 LYS A CD  1 
ATOM   201 C  CE  . LYS A 1 35 ? 6.880   -7.947  -2.972  1.00 31.92  ? 154 LYS A CE  1 
ATOM   202 N  NZ  . LYS A 1 35 ? 5.613   -8.656  -3.277  1.00 30.97  ? 154 LYS A NZ  1 
ATOM   203 N  N   . ALA A 1 36 ? 4.590   -8.436  2.757   1.00 21.88  ? 155 ALA A N   1 
ATOM   204 C  CA  . ALA A 1 36 ? 3.272   -9.078  2.912   1.00 22.03  ? 155 ALA A CA  1 
ATOM   205 C  C   . ALA A 1 36 ? 2.198   -8.062  3.295   1.00 22.62  ? 155 ALA A C   1 
ATOM   206 O  O   . ALA A 1 36 ? 1.087   -8.106  2.743   1.00 22.23  ? 155 ALA A O   1 
ATOM   207 C  CB  . ALA A 1 36 ? 3.349   -10.160 3.986   1.00 24.65  ? 155 ALA A CB  1 
ATOM   208 N  N   . GLU A 1 37 ? 2.498   -7.145  4.228   1.00 21.38  ? 156 GLU A N   1 
ATOM   209 C  CA  . GLU A 1 37 ? 1.491   -6.150  4.630   1.00 21.53  ? 156 GLU A CA  1 
ATOM   210 C  C   . GLU A 1 37 ? 1.224   -5.207  3.511   1.00 20.81  ? 156 GLU A C   1 
ATOM   211 O  O   . GLU A 1 37 ? 0.071   -4.807  3.296   1.00 20.79  ? 156 GLU A O   1 
ATOM   212 C  CB  . GLU A 1 37 ? 1.986   -5.345  5.838   1.00 23.17  ? 156 GLU A CB  1 
ATOM   213 C  CG  . GLU A 1 37 ? 0.852   -4.539  6.423   1.00 25.97  ? 156 GLU A CG  1 
ATOM   214 C  CD  . GLU A 1 37 ? 1.174   -3.650  7.611   1.00 31.56  ? 156 GLU A CD  1 
ATOM   215 O  OE1 . GLU A 1 37 ? 2.282   -3.775  8.188   1.00 29.03  ? 156 GLU A OE1 1 
ATOM   216 O  OE2 . GLU A 1 37 ? 0.304   -2.825  7.969   1.00 30.29  ? 156 GLU A OE2 1 
ATOM   217 N  N   . THR A 1 38 ? 2.287   -4.782  2.806   1.00 18.82  ? 157 THR A N   1 
ATOM   218 C  CA  . THR A 1 38 ? 2.075   -3.832  1.719   1.00 18.69  ? 157 THR A CA  1 
ATOM   219 C  C   . THR A 1 38 ? 1.206   -4.473  0.630   1.00 17.68  ? 157 THR A C   1 
ATOM   220 O  O   . THR A 1 38 ? 0.280   -3.834  0.085   1.00 18.10  ? 157 THR A O   1 
ATOM   221 C  CB  . THR A 1 38 ? 3.398   -3.351  1.140   1.00 19.81  ? 157 THR A CB  1 
ATOM   222 O  OG1 . THR A 1 38 ? 4.202   -2.840  2.234   1.00 20.62  ? 157 THR A OG1 1 
ATOM   223 C  CG2 . THR A 1 38 ? 3.155   -2.231  0.103   1.00 20.07  ? 157 THR A CG2 1 
ATOM   224 N  N   . ASP A 1 39 ? 1.478   -5.757  0.307   1.00 18.32  ? 158 ASP A N   1 
ATOM   225 C  CA  . ASP A 1 39 ? 0.668   -6.480  -0.688  1.00 18.34  ? 158 ASP A CA  1 
ATOM   226 C  C   . ASP A 1 39 ? -0.777  -6.571  -0.229  1.00 20.61  ? 158 ASP A C   1 
ATOM   227 O  O   . ASP A 1 39 ? -1.689  -6.404  -1.061  1.00 21.21  ? 158 ASP A O   1 
ATOM   228 C  CB  . ASP A 1 39 ? 1.214   -7.893  -0.884  1.00 19.98  ? 158 ASP A CB  1 
ATOM   229 C  CG  . ASP A 1 39 ? 2.560   -8.002  -1.591  1.00 24.78  ? 158 ASP A CG  1 
ATOM   230 O  OD1 . ASP A 1 39 ? 3.007   -7.011  -2.184  1.00 25.42  ? 158 ASP A OD1 1 
ATOM   231 O  OD2 . ASP A 1 39 ? 3.152   -9.100  -1.570  1.00 26.66  ? 158 ASP A OD2 1 
ATOM   232 N  N   . HIS A 1 40 ? -1.007  -6.781  1.063   1.00 20.57  ? 159 HIS A N   1 
ATOM   233 C  CA  . HIS A 1 40 ? -2.352  -6.851  1.639   1.00 21.64  ? 159 HIS A CA  1 
ATOM   234 C  C   . HIS A 1 40 ? -3.069  -5.515  1.456   1.00 23.13  ? 159 HIS A C   1 
ATOM   235 O  O   . HIS A 1 40 ? -4.227  -5.462  1.014   1.00 22.40  ? 159 HIS A O   1 
ATOM   236 C  CB  . HIS A 1 40 ? -2.218  -7.212  3.130   1.00 22.29  ? 159 HIS A CB  1 
ATOM   237 C  CG  . HIS A 1 40 ? -3.489  -7.186  3.922   1.00 26.41  ? 159 HIS A CG  1 
ATOM   238 N  ND1 . HIS A 1 40 ? -4.556  -8.024  3.615   1.00 28.96  ? 159 HIS A ND1 1 
ATOM   239 C  CD2 . HIS A 1 40 ? -3.774  -6.511  5.062   1.00 28.24  ? 159 HIS A CD2 1 
ATOM   240 C  CE1 . HIS A 1 40 ? -5.460  -7.820  4.570   1.00 30.35  ? 159 HIS A CE1 1 
ATOM   241 N  NE2 . HIS A 1 40 ? -5.035  -6.917  5.461   1.00 30.32  ? 159 HIS A NE2 1 
ATOM   242 N  N   . LEU A 1 41 ? -2.370  -4.405  1.741   1.00 19.64  ? 160 LEU A N   1 
ATOM   243 C  CA  . LEU A 1 41 ? -2.966  -3.079  1.556   1.00 18.98  ? 160 LEU A CA  1 
ATOM   244 C  C   . LEU A 1 41 ? -3.360  -2.862  0.103   1.00 18.92  ? 160 LEU A C   1 
ATOM   245 O  O   . LEU A 1 41 ? -4.479  -2.405  -0.169  1.00 19.95  ? 160 LEU A O   1 
ATOM   246 C  CB  . LEU A 1 41 ? -1.920  -2.024  1.974   1.00 19.91  ? 160 LEU A CB  1 
ATOM   247 C  CG  . LEU A 1 41 ? -2.272  -0.562  1.606   1.00 21.50  ? 160 LEU A CG  1 
ATOM   248 C  CD1 . LEU A 1 41 ? -3.550  -0.072  2.323   1.00 24.34  ? 160 LEU A CD1 1 
ATOM   249 C  CD2 . LEU A 1 41 ? -1.066  0.355   1.961   1.00 22.43  ? 160 LEU A CD2 1 
ATOM   250 N  N   . PHE A 1 42 ? -2.487  -3.243  -0.841  1.00 18.08  ? 161 PHE A N   1 
ATOM   251 C  CA  . PHE A 1 42 ? -2.821  -3.056  -2.262  1.00 18.47  ? 161 PHE A CA  1 
ATOM   252 C  C   . PHE A 1 42 ? -3.936  -4.014  -2.696  1.00 19.34  ? 161 PHE A C   1 
ATOM   253 O  O   . PHE A 1 42 ? -4.786  -3.609  -3.519  1.00 19.19  ? 161 PHE A O   1 
ATOM   254 C  CB  . PHE A 1 42 ? -1.562  -3.211  -3.126  1.00 19.12  ? 161 PHE A CB  1 
ATOM   255 C  CG  . PHE A 1 42 ? -0.814  -1.895  -3.189  1.00 18.04  ? 161 PHE A CG  1 
ATOM   256 C  CD1 . PHE A 1 42 ? -0.219  -1.351  -2.055  1.00 18.89  ? 161 PHE A CD1 1 
ATOM   257 C  CD2 . PHE A 1 42 ? -0.764  -1.161  -4.372  1.00 20.01  ? 161 PHE A CD2 1 
ATOM   258 C  CE1 . PHE A 1 42 ? 0.400   -0.102  -2.096  1.00 19.14  ? 161 PHE A CE1 1 
ATOM   259 C  CE2 . PHE A 1 42 ? -0.106  0.073   -4.414  1.00 21.58  ? 161 PHE A CE2 1 
ATOM   260 C  CZ  . PHE A 1 42 ? 0.453   0.598   -3.276  1.00 20.12  ? 161 PHE A CZ  1 
ATOM   261 N  N   . ASP A 1 43 ? -3.988  -5.223  -2.152  1.00 20.51  ? 162 ASP A N   1 
ATOM   262 C  CA  A ASP A 1 43 ? -5.059  -6.144  -2.508  0.70 21.68  ? 162 ASP A CA  1 
ATOM   263 C  CA  B ASP A 1 43 ? -5.068  -6.163  -2.468  0.30 21.54  ? 162 ASP A CA  1 
ATOM   264 C  C   . ASP A 1 43 ? -6.411  -5.599  -2.032  1.00 23.72  ? 162 ASP A C   1 
ATOM   265 O  O   . ASP A 1 43 ? -7.381  -5.582  -2.814  1.00 22.97  ? 162 ASP A O   1 
ATOM   266 C  CB  A ASP A 1 43 ? -4.768  -7.521  -1.891  0.70 23.53  ? 162 ASP A CB  1 
ATOM   267 C  CB  B ASP A 1 43 ? -4.820  -7.509  -1.772  0.30 24.25  ? 162 ASP A CB  1 
ATOM   268 C  CG  A ASP A 1 43 ? -5.852  -8.549  -2.142  0.70 28.47  ? 162 ASP A CG  1 
ATOM   269 C  CG  B ASP A 1 43 ? -3.790  -8.384  -2.446  0.30 34.12  ? 162 ASP A CG  1 
ATOM   270 O  OD1 A ASP A 1 43 ? -6.216  -8.760  -3.332  0.70 29.31  ? 162 ASP A OD1 1 
ATOM   271 O  OD1 B ASP A 1 43 ? -3.189  -7.934  -3.442  0.30 35.10  ? 162 ASP A OD1 1 
ATOM   272 O  OD2 A ASP A 1 43 ? -6.302  -9.189  -1.165  0.70 34.69  ? 162 ASP A OD2 1 
ATOM   273 O  OD2 B ASP A 1 43 ? -3.599  -9.528  -1.990  0.30 43.43  ? 162 ASP A OD2 1 
ATOM   274 N  N   . LEU A 1 44 ? -6.469  -5.105  -0.779  1.00 21.09  ? 163 LEU A N   1 
ATOM   275 C  CA  . LEU A 1 44 ? -7.716  -4.517  -0.254  1.00 22.33  ? 163 LEU A CA  1 
ATOM   276 C  C   . LEU A 1 44 ? -8.094  -3.268  -1.040  1.00 21.96  ? 163 LEU A C   1 
ATOM   277 O  O   . LEU A 1 44 ? -9.270  -3.000  -1.258  1.00 23.37  ? 163 LEU A O   1 
ATOM   278 C  CB  . LEU A 1 44 ? -7.530  -4.140  1.209   1.00 23.29  ? 163 LEU A CB  1 
ATOM   279 C  CG  . LEU A 1 44 ? -7.364  -5.284  2.182   1.00 28.16  ? 163 LEU A CG  1 
ATOM   280 C  CD1 . LEU A 1 44 ? -7.127  -4.738  3.580   1.00 30.30  ? 163 LEU A CD1 1 
ATOM   281 C  CD2 . LEU A 1 44 ? -8.548  -6.217  2.155   1.00 29.99  ? 163 LEU A CD2 1 
ATOM   282 N  N   . SER A 1 45 ? -7.077  -2.502  -1.492  1.00 19.63  ? 164 SER A N   1 
ATOM   283 C  CA  . SER A 1 45 ? -7.374  -1.277  -2.259  1.00 20.21  ? 164 SER A CA  1 
ATOM   284 C  C   . SER A 1 45 ? -8.028  -1.616  -3.580  1.00 21.70  ? 164 SER A C   1 
ATOM   285 O  O   . SER A 1 45 ? -8.930  -0.889  -4.028  1.00 23.33  ? 164 SER A O   1 
ATOM   286 C  CB  . SER A 1 45 ? -6.078  -0.506  -2.515  1.00 22.06  ? 164 SER A CB  1 
ATOM   287 O  OG  . SER A 1 45 ? -5.538  -0.010  -1.301  1.00 22.53  ? 164 SER A OG  1 
ATOM   288 N  N   . ARG A 1 46 ? -7.633  -2.718  -4.187  1.00 20.46  ? 165 ARG A N   1 
ATOM   289 C  CA  . ARG A 1 46 ? -8.256  -3.179  -5.435  1.00 21.83  ? 165 ARG A CA  1 
ATOM   290 C  C   . ARG A 1 46 ? -9.659  -3.688  -5.190  1.00 24.38  ? 165 ARG A C   1 
ATOM   291 O  O   . ARG A 1 46 ? -10.587 -3.352  -5.947  1.00 25.98  ? 165 ARG A O   1 
ATOM   292 C  CB  . ARG A 1 46 ? -7.438  -4.372  -6.032  1.00 23.64  ? 165 ARG A CB  1 
ATOM   293 C  CG  . ARG A 1 46 ? -6.088  -3.941  -6.568  1.00 24.87  ? 165 ARG A CG  1 
ATOM   294 C  CD  . ARG A 1 46 ? -5.324  -5.077  -7.271  1.00 24.20  ? 165 ARG A CD  1 
ATOM   295 N  NE  . ARG A 1 46 ? -3.958  -4.577  -7.522  1.00 23.03  ? 165 ARG A NE  1 
ATOM   296 C  CZ  . ARG A 1 46 ? -2.898  -4.851  -6.765  1.00 26.70  ? 165 ARG A CZ  1 
ATOM   297 N  NH1 . ARG A 1 46 ? -2.950  -5.830  -5.867  1.00 26.31  ? 165 ARG A NH1 1 
ATOM   298 N  NH2 . ARG A 1 46 ? -1.742  -4.223  -6.977  1.00 24.35  ? 165 ARG A NH2 1 
ATOM   299 N  N   . ARG A 1 47 ? -9.815  -4.519  -4.161  1.00 23.69  ? 166 ARG A N   1 
ATOM   300 C  CA  A ARG A 1 47 ? -11.082 -5.173  -3.858  0.50 25.81  ? 166 ARG A CA  1 
ATOM   301 C  CA  B ARG A 1 47 ? -11.092 -5.169  -3.894  0.50 25.67  ? 166 ARG A CA  1 
ATOM   302 C  C   . ARG A 1 47 ? -12.146 -4.192  -3.368  1.00 28.28  ? 166 ARG A C   1 
ATOM   303 O  O   . ARG A 1 47 ? -13.343 -4.404  -3.636  1.00 30.28  ? 166 ARG A O   1 
ATOM   304 C  CB  A ARG A 1 47 ? -10.854 -6.266  -2.809  0.50 29.91  ? 166 ARG A CB  1 
ATOM   305 C  CB  B ARG A 1 47 ? -10.901 -6.331  -2.915  0.50 28.96  ? 166 ARG A CB  1 
ATOM   306 C  CG  A ARG A 1 47 ? -10.140 -7.510  -3.358  0.50 39.73  ? 166 ARG A CG  1 
ATOM   307 C  CG  B ARG A 1 47 ? -10.107 -7.516  -3.493  0.50 34.86  ? 166 ARG A CG  1 
ATOM   308 C  CD  A ARG A 1 47 ? -9.449  -8.320  -2.269  0.50 47.96  ? 166 ARG A CD  1 
ATOM   309 C  CD  B ARG A 1 47 ? -9.739  -8.509  -2.402  0.50 43.44  ? 166 ARG A CD  1 
ATOM   310 N  NE  A ARG A 1 47 ? -10.389 -8.852  -1.278  0.50 54.81  ? 166 ARG A NE  1 
ATOM   311 N  NE  B ARG A 1 47 ? -9.105  -9.723  -2.916  0.50 46.73  ? 166 ARG A NE  1 
ATOM   312 C  CZ  A ARG A 1 47 ? -10.031 -9.472  -0.159  0.50 66.06  ? 166 ARG A CZ  1 
ATOM   313 C  CZ  B ARG A 1 47 ? -9.754  -10.852 -3.189  0.50 60.26  ? 166 ARG A CZ  1 
ATOM   314 N  NH1 A ARG A 1 47 ? -8.747  -9.643  0.135   0.50 47.28  ? 166 ARG A NH1 1 
ATOM   315 N  NH1 B ARG A 1 47 ? -11.070 -10.925 -3.031  0.50 52.29  ? 166 ARG A NH1 1 
ATOM   316 N  NH2 A ARG A 1 47 ? -10.954 -9.924  0.680   0.50 52.60  ? 166 ARG A NH2 1 
ATOM   317 N  NH2 B ARG A 1 47 ? -9.094  -11.913 -3.629  0.50 43.36  ? 166 ARG A NH2 1 
ATOM   318 N  N   . PHE A 1 48 ? -11.719 -3.147  -2.608  1.00 25.45  ? 167 PHE A N   1 
ATOM   319 C  CA  . PHE A 1 48 ? -12.666 -2.218  -1.994  1.00 25.65  ? 167 PHE A CA  1 
ATOM   320 C  C   . PHE A 1 48 ? -12.586 -0.815  -2.557  1.00 27.65  ? 167 PHE A C   1 
ATOM   321 O  O   . PHE A 1 48 ? -13.008 0.142   -1.919  1.00 28.68  ? 167 PHE A O   1 
ATOM   322 C  CB  . PHE A 1 48 ? -12.545 -2.246  -0.468  1.00 27.59  ? 167 PHE A CB  1 
ATOM   323 C  CG  . PHE A 1 48 ? -12.858 -3.627  0.063   1.00 29.40  ? 167 PHE A CG  1 
ATOM   324 C  CD1 . PHE A 1 48 ? -14.143 -4.147  -0.025  1.00 32.86  ? 167 PHE A CD1 1 
ATOM   325 C  CD2 . PHE A 1 48 ? -11.858 -4.434  0.584   1.00 31.08  ? 167 PHE A CD2 1 
ATOM   326 C  CE1 . PHE A 1 48 ? -14.422 -5.440  0.392   1.00 36.39  ? 167 PHE A CE1 1 
ATOM   327 C  CE2 . PHE A 1 48 ? -12.143 -5.732  1.016   1.00 36.43  ? 167 PHE A CE2 1 
ATOM   328 C  CZ  . PHE A 1 48 ? -13.427 -6.226  0.914   1.00 36.17  ? 167 PHE A CZ  1 
ATOM   329 N  N   . ASP A 1 49 ? -12.204 -0.720  -3.835  1.00 26.77  ? 168 ASP A N   1 
ATOM   330 C  CA  . ASP A 1 49 ? -12.265 0.505   -4.641  1.00 26.76  ? 168 ASP A CA  1 
ATOM   331 C  C   . ASP A 1 49 ? -11.684 1.722   -3.931  1.00 26.74  ? 168 ASP A C   1 
ATOM   332 O  O   . ASP A 1 49 ? -12.253 2.834   -3.978  1.00 27.25  ? 168 ASP A O   1 
ATOM   333 C  CB  . ASP A 1 49 ? -13.740 0.741   -5.044  1.00 31.63  ? 168 ASP A CB  1 
ATOM   334 C  CG  . ASP A 1 49 ? -14.353 -0.466  -5.738  1.00 54.85  ? 168 ASP A CG  1 
ATOM   335 O  OD1 . ASP A 1 49 ? -13.617 -1.160  -6.498  1.00 57.43  ? 168 ASP A OD1 1 
ATOM   336 O  OD2 . ASP A 1 49 ? -15.537 -0.766  -5.466  1.00 65.57  ? 168 ASP A OD2 1 
ATOM   337 N  N   . LEU A 1 50 ? -10.517 1.519   -3.291  1.00 25.56  ? 169 LEU A N   1 
ATOM   338 C  CA  . LEU A 1 50 ? -9.830  2.603   -2.610  1.00 26.04  ? 169 LEU A CA  1 
ATOM   339 C  C   . LEU A 1 50 ? -10.700 3.337   -1.580  1.00 29.72  ? 169 LEU A C   1 
ATOM   340 O  O   . LEU A 1 50 ? -10.516 4.532   -1.347  1.00 29.94  ? 169 LEU A O   1 
ATOM   341 C  CB  . LEU A 1 50 ? -9.278  3.606   -3.646  1.00 28.33  ? 169 LEU A CB  1 
ATOM   342 C  CG  . LEU A 1 50 ? -7.992  3.158   -4.310  1.00 34.66  ? 169 LEU A CG  1 
ATOM   343 C  CD1 . LEU A 1 50 ? -7.747  3.969   -5.565  1.00 36.58  ? 169 LEU A CD1 1 
ATOM   344 C  CD2 . LEU A 1 50 ? -6.826  3.215   -3.325  1.00 35.31  ? 169 LEU A CD2 1 
ATOM   345 N  N   . ARG A 1 51 ? -11.642 2.623   -0.949  1.00 25.64  ? 170 ARG A N   1 
ATOM   346 C  CA  . ARG A 1 51 ? -12.463 3.223   0.129   1.00 26.73  ? 170 ARG A CA  1 
ATOM   347 C  C   . ARG A 1 51 ? -11.699 2.997   1.418   1.00 29.19  ? 170 ARG A C   1 
ATOM   348 O  O   . ARG A 1 51 ? -11.788 1.910   1.989   1.00 29.55  ? 170 ARG A O   1 
ATOM   349 C  CB  . ARG A 1 51 ? -13.855 2.579   0.188   1.00 27.64  ? 170 ARG A CB  1 
ATOM   350 C  CG  . ARG A 1 51 ? -14.688 2.809   -1.060  1.00 30.31  ? 170 ARG A CG  1 
ATOM   351 C  CD  . ARG A 1 51 ? -15.867 1.825   -1.085  1.00 32.12  ? 170 ARG A CD  1 
ATOM   352 N  NE  . ARG A 1 51 ? -16.804 2.037   0.026   1.00 41.59  ? 170 ARG A NE  1 
ATOM   353 C  CZ  . ARG A 1 51 ? -17.855 1.259   0.290   1.00 57.66  ? 170 ARG A CZ  1 
ATOM   354 N  NH1 . ARG A 1 51 ? -18.109 0.193   -0.460  1.00 41.55  ? 170 ARG A NH1 1 
ATOM   355 N  NH2 . ARG A 1 51 ? -18.659 1.543   1.303   1.00 46.78  ? 170 ARG A NH2 1 
ATOM   356 N  N   . PHE A 1 52 ? -10.825 3.941   1.826   1.00 30.25  ? 171 PHE A N   1 
ATOM   357 C  CA  . PHE A 1 52 ? -9.929  3.694   2.955   1.00 30.22  ? 171 PHE A CA  1 
ATOM   358 C  C   . PHE A 1 52 ? -10.605 3.389   4.312   1.00 34.43  ? 171 PHE A C   1 
ATOM   359 O  O   . PHE A 1 52 ? -9.989  2.663   5.092   1.00 32.66  ? 171 PHE A O   1 
ATOM   360 C  CB  . PHE A 1 52 ? -8.912  4.829   3.130   1.00 32.22  ? 171 PHE A CB  1 
ATOM   361 C  CG  . PHE A 1 52 ? -7.802  4.672   2.112   1.00 30.35  ? 171 PHE A CG  1 
ATOM   362 C  CD1 . PHE A 1 52 ? -6.748  3.794   2.342   1.00 33.35  ? 171 PHE A CD1 1 
ATOM   363 C  CD2 . PHE A 1 52 ? -7.828  5.378   0.915   1.00 30.55  ? 171 PHE A CD2 1 
ATOM   364 C  CE1 . PHE A 1 52 ? -5.748  3.613   1.381   1.00 32.29  ? 171 PHE A CE1 1 
ATOM   365 C  CE2 . PHE A 1 52 ? -6.813  5.205   -0.039  1.00 32.37  ? 171 PHE A CE2 1 
ATOM   366 C  CZ  . PHE A 1 52 ? -5.786  4.326   0.204   1.00 31.09  ? 171 PHE A CZ  1 
ATOM   367 N  N   . VAL A 1 53 ? -11.846 3.846   4.558   1.00 35.27  ? 172 VAL A N   1 
ATOM   368 C  CA  . VAL A 1 53 ? -12.569 3.512   5.794   1.00 37.09  ? 172 VAL A CA  1 
ATOM   369 C  C   . VAL A 1 53 ? -12.859 1.996   5.782   1.00 35.85  ? 172 VAL A C   1 
ATOM   370 O  O   . VAL A 1 53 ? -12.692 1.315   6.784   1.00 36.44  ? 172 VAL A O   1 
ATOM   371 C  CB  . VAL A 1 53 ? -13.848 4.373   5.948   1.00 45.51  ? 172 VAL A CB  1 
ATOM   372 C  CG1 . VAL A 1 53 ? -14.750 3.870   7.081   1.00 48.18  ? 172 VAL A CG1 1 
ATOM   373 C  CG2 . VAL A 1 53 ? -13.487 5.843   6.159   1.00 46.96  ? 172 VAL A CG2 1 
ATOM   374 N  N   . VAL A 1 54 ? -13.229 1.463   4.609   1.00 31.95  ? 173 VAL A N   1 
ATOM   375 C  CA  . VAL A 1 54 ? -13.517 0.040   4.455   1.00 30.53  ? 173 VAL A CA  1 
ATOM   376 C  C   . VAL A 1 54 ? -12.217 -0.766  4.536   1.00 31.38  ? 173 VAL A C   1 
ATOM   377 O  O   . VAL A 1 54 ? -12.166 -1.786  5.220   1.00 32.83  ? 173 VAL A O   1 
ATOM   378 C  CB  . VAL A 1 54 ? -14.265 -0.195  3.121   1.00 32.10  ? 173 VAL A CB  1 
ATOM   379 C  CG1 . VAL A 1 54 ? -14.438 -1.692  2.857   1.00 32.59  ? 173 VAL A CG1 1 
ATOM   380 C  CG2 . VAL A 1 54 ? -15.618 0.529   3.119   1.00 32.91  ? 173 VAL A CG2 1 
ATOM   381 N  N   . ILE A 1 55 ? -11.151 -0.310  3.829   1.00 26.96  ? 174 ILE A N   1 
ATOM   382 C  CA  . ILE A 1 55 ? -9.853  -0.994  3.856   1.00 26.38  ? 174 ILE A CA  1 
ATOM   383 C  C   . ILE A 1 55 ? -9.350  -1.091  5.298   1.00 29.77  ? 174 ILE A C   1 
ATOM   384 O  O   . ILE A 1 55 ? -8.905  -2.163  5.727   1.00 30.89  ? 174 ILE A O   1 
ATOM   385 C  CB  . ILE A 1 55 ? -8.886  -0.198  2.955   1.00 25.87  ? 174 ILE A CB  1 
ATOM   386 C  CG1 . ILE A 1 55 ? -9.304  -0.359  1.484   1.00 25.08  ? 174 ILE A CG1 1 
ATOM   387 C  CG2 . ILE A 1 55 ? -7.420  -0.672  3.180   1.00 25.72  ? 174 ILE A CG2 1 
ATOM   388 C  CD1 . ILE A 1 55 ? -8.649  0.751   0.557   1.00 30.70  ? 174 ILE A CD1 1 
ATOM   389 N  N   . HIS A 1 56 ? -9.469  0.021   6.044   1.00 29.24  ? 175 HIS A N   1 
ATOM   390 C  CA  A HIS A 1 56 ? -9.043  0.097   7.452   0.50 31.14  ? 175 HIS A CA  1 
ATOM   391 C  CA  B HIS A 1 56 ? -9.036  0.077   7.452   0.50 31.40  ? 175 HIS A CA  1 
ATOM   392 C  C   . HIS A 1 56 ? -9.859  -0.874  8.315   1.00 35.38  ? 175 HIS A C   1 
ATOM   393 O  O   . HIS A 1 56 ? -9.304  -1.565  9.175   1.00 35.81  ? 175 HIS A O   1 
ATOM   394 C  CB  A HIS A 1 56 ? -9.195  1.547   7.937   0.50 33.26  ? 175 HIS A CB  1 
ATOM   395 C  CB  B HIS A 1 56 ? -9.136  1.508   7.990   0.50 33.81  ? 175 HIS A CB  1 
ATOM   396 C  CG  A HIS A 1 56 ? -8.880  1.781   9.386   0.50 38.94  ? 175 HIS A CG  1 
ATOM   397 C  CG  B HIS A 1 56 ? -8.715  1.652   9.423   0.50 39.49  ? 175 HIS A CG  1 
ATOM   398 N  ND1 A HIS A 1 56 ? -9.869  2.152   10.284  0.50 43.58  ? 175 HIS A ND1 1 
ATOM   399 N  ND1 B HIS A 1 56 ? -9.610  1.445   10.464  0.50 44.36  ? 175 HIS A ND1 1 
ATOM   400 C  CD2 A HIS A 1 56 ? -7.692  1.746   10.033  0.50 40.82  ? 175 HIS A CD2 1 
ATOM   401 C  CD2 B HIS A 1 56 ? -7.509  1.976   9.943   0.50 41.31  ? 175 HIS A CD2 1 
ATOM   402 C  CE1 A HIS A 1 56 ? -9.258  2.291   11.454  0.50 44.89  ? 175 HIS A CE1 1 
ATOM   403 C  CE1 B HIS A 1 56 ? -8.920  1.647   11.578  0.50 45.29  ? 175 HIS A CE1 1 
ATOM   404 N  NE2 A HIS A 1 56 ? -7.949  2.057   11.353  0.50 43.53  ? 175 HIS A NE2 1 
ATOM   405 N  NE2 B HIS A 1 56 ? -7.652  1.968   11.316  0.50 43.89  ? 175 HIS A NE2 1 
ATOM   406 N  N   . ASP A 1 57 ? -11.188 -0.923  8.091   1.00 35.23  ? 176 ASP A N   1 
ATOM   407 C  CA  . ASP A 1 57 ? -12.068 -1.802  8.841   1.00 35.57  ? 176 ASP A CA  1 
ATOM   408 C  C   . ASP A 1 57 ? -11.762 -3.278  8.567   1.00 37.96  ? 176 ASP A C   1 
ATOM   409 O  O   . ASP A 1 57 ? -11.895 -4.100  9.485   1.00 41.59  ? 176 ASP A O   1 
ATOM   410 C  CB  . ASP A 1 57 ? -13.547 -1.510  8.480   1.00 37.87  ? 176 ASP A CB  1 
ATOM   411 C  CG  . ASP A 1 57 ? -14.501 -2.356  9.298   1.00 47.33  ? 176 ASP A CG  1 
ATOM   412 O  OD1 . ASP A 1 57 ? -14.583 -2.133  10.536  1.00 50.34  ? 176 ASP A OD1 1 
ATOM   413 O  OD2 . ASP A 1 57 ? -15.071 -3.323  8.736   1.00 44.39  ? 176 ASP A OD2 1 
ATOM   414 N  N   . ARG A 1 58 ? -11.356 -3.607  7.321   1.00 33.89  ? 177 ARG A N   1 
ATOM   415 C  CA  . ARG A 1 58 ? -11.135 -4.992  6.899   1.00 34.97  ? 177 ARG A CA  1 
ATOM   416 C  C   . ARG A 1 58 ? -9.677  -5.471  6.951   1.00 38.42  ? 177 ARG A C   1 
ATOM   417 O  O   . ARG A 1 58 ? -9.391  -6.613  6.586   1.00 37.57  ? 177 ARG A O   1 
ATOM   418 C  CB  . ARG A 1 58 ? -11.687 -5.182  5.505   1.00 34.62  ? 177 ARG A CB  1 
ATOM   419 C  CG  . ARG A 1 58 ? -13.212 -4.960  5.524   1.00 38.92  ? 177 ARG A CG  1 
ATOM   420 C  CD  . ARG A 1 58 ? -13.867 -5.460  4.272   1.00 47.69  ? 177 ARG A CD  1 
ATOM   421 N  NE  . ARG A 1 58 ? -13.802 -6.918  4.175   1.00 49.66  ? 177 ARG A NE  1 
ATOM   422 C  CZ  . ARG A 1 58 ? -14.692 -7.753  4.694   1.00 52.02  ? 177 ARG A CZ  1 
ATOM   423 N  NH1 . ARG A 1 58 ? -15.753 -7.284  5.346   1.00 48.89  ? 177 ARG A NH1 1 
ATOM   424 N  NH2 . ARG A 1 58 ? -14.544 -9.057  4.547   1.00 46.44  ? 177 ARG A NH2 1 
ATOM   425 N  N   . TYR A 1 59 ? -8.788  -4.628  7.452   1.00 35.33  ? 178 TYR A N   1 
ATOM   426 C  CA  . TYR A 1 59 ? -7.359  -4.920  7.561   1.00 33.40  ? 178 TYR A CA  1 
ATOM   427 C  C   . TYR A 1 59 ? -7.088  -6.141  8.435   1.00 37.85  ? 178 TYR A C   1 
ATOM   428 O  O   . TYR A 1 59 ? -7.741  -6.305  9.473   1.00 38.50  ? 178 TYR A O   1 
ATOM   429 C  CB  . TYR A 1 59 ? -6.673  -3.709  8.173   1.00 34.88  ? 178 TYR A CB  1 
ATOM   430 C  CG  . TYR A 1 59 ? -5.303  -3.435  7.601   1.00 31.95  ? 178 TYR A CG  1 
ATOM   431 C  CD1 . TYR A 1 59 ? -5.153  -2.956  6.309   1.00 31.22  ? 178 TYR A CD1 1 
ATOM   432 C  CD2 . TYR A 1 59 ? -4.162  -3.607  8.371   1.00 32.35  ? 178 TYR A CD2 1 
ATOM   433 C  CE1 . TYR A 1 59 ? -3.906  -2.683  5.779   1.00 27.83  ? 178 TYR A CE1 1 
ATOM   434 C  CE2 . TYR A 1 59 ? -2.906  -3.296  7.871   1.00 30.98  ? 178 TYR A CE2 1 
ATOM   435 C  CZ  . TYR A 1 59 ? -2.780  -2.858  6.562   1.00 29.65  ? 178 TYR A CZ  1 
ATOM   436 O  OH  . TYR A 1 59 ? -1.569  -2.494  6.032   1.00 28.33  ? 178 TYR A OH  1 
ATOM   437 N  N   . ASP A 1 60 ? -6.101  -6.991  8.039   1.00 35.55  ? 179 ASP A N   1 
ATOM   438 C  CA  . ASP A 1 60 ? -5.753  -8.199  8.832   1.00 37.69  ? 179 ASP A CA  1 
ATOM   439 C  C   . ASP A 1 60 ? -4.946  -7.848  10.103  1.00 44.04  ? 179 ASP A C   1 
ATOM   440 O  O   . ASP A 1 60 ? -3.713  -7.751  10.054  1.00 40.90  ? 179 ASP A O   1 
ATOM   441 C  CB  . ASP A 1 60 ? -4.973  -9.213  7.963   1.00 38.68  ? 179 ASP A CB  1 
ATOM   442 C  CG  . ASP A 1 60 ? -4.804  -10.613 8.546   1.00 54.50  ? 179 ASP A CG  1 
ATOM   443 O  OD1 . ASP A 1 60 ? -4.999  -10.778 9.765   1.00 56.74  ? 179 ASP A OD1 1 
ATOM   444 O  OD2 . ASP A 1 60 ? -4.438  -11.532 7.783   1.00 63.22  ? 179 ASP A OD2 1 
ATOM   445 N  N   . HIS A 1 61 ? -5.624  -7.753  11.252  1.00 46.79  ? 180 HIS A N   1 
ATOM   446 C  CA  . HIS A 1 61 ? -4.938  -7.435  12.517  1.00 49.01  ? 180 HIS A CA  1 
ATOM   447 C  C   . HIS A 1 61 ? -4.460  -8.674  13.286  1.00 53.88  ? 180 HIS A C   1 
ATOM   448 O  O   . HIS A 1 61 ? -3.952  -8.543  14.399  1.00 53.91  ? 180 HIS A O   1 
ATOM   449 C  CB  . HIS A 1 61 ? -5.780  -6.503  13.394  1.00 52.90  ? 180 HIS A CB  1 
ATOM   450 C  CG  . HIS A 1 61 ? -5.805  -5.114  12.836  1.00 55.28  ? 180 HIS A CG  1 
ATOM   451 N  ND1 . HIS A 1 61 ? -4.626  -4.428  12.547  1.00 55.31  ? 180 HIS A ND1 1 
ATOM   452 C  CD2 . HIS A 1 61 ? -6.856  -4.354  12.457  1.00 57.66  ? 180 HIS A CD2 1 
ATOM   453 C  CE1 . HIS A 1 61 ? -5.003  -3.267  12.039  1.00 54.53  ? 180 HIS A CE1 1 
ATOM   454 N  NE2 . HIS A 1 61 ? -6.334  -3.176  11.966  1.00 55.94  ? 180 HIS A NE2 1 
ATOM   455 N  N   . GLN A 1 62 ? -4.518  -9.851  12.655  1.00 50.58  ? 181 GLN A N   1 
ATOM   456 C  CA  . GLN A 1 62 ? -3.941  -11.078 13.199  1.00 52.55  ? 181 GLN A CA  1 
ATOM   457 C  C   . GLN A 1 62 ? -2.445  -11.048 12.856  1.00 52.88  ? 181 GLN A C   1 
ATOM   458 O  O   . GLN A 1 62 ? -1.606  -11.411 13.673  1.00 54.29  ? 181 GLN A O   1 
ATOM   459 C  CB  . GLN A 1 62 ? -4.655  -12.315 12.598  1.00 55.59  ? 181 GLN A CB  1 
ATOM   460 C  CG  . GLN A 1 62 ? -3.968  -13.667 12.838  1.00 82.09  ? 181 GLN A CG  1 
ATOM   461 C  CD  . GLN A 1 62 ? -4.196  -14.632 11.695  1.00 106.94 ? 181 GLN A CD  1 
ATOM   462 O  OE1 . GLN A 1 62 ? -3.791  -14.390 10.547  1.00 102.12 ? 181 GLN A OE1 1 
ATOM   463 N  NE2 . GLN A 1 62 ? -4.823  -15.765 11.991  1.00 100.95 ? 181 GLN A NE2 1 
ATOM   464 N  N   . GLN A 1 63 ? -2.123  -10.577 11.641  1.00 44.69  ? 182 GLN A N   1 
ATOM   465 C  CA  . GLN A 1 63 ? -0.756  -10.534 11.139  1.00 41.89  ? 182 GLN A CA  1 
ATOM   466 C  C   . GLN A 1 63 ? -0.110  -9.174  11.302  1.00 42.62  ? 182 GLN A C   1 
ATOM   467 O  O   . GLN A 1 63 ? 1.121   -9.077  11.444  1.00 40.24  ? 182 GLN A O   1 
ATOM   468 C  CB  . GLN A 1 63 ? -0.752  -10.887 9.644   1.00 41.82  ? 182 GLN A CB  1 
ATOM   469 C  CG  . GLN A 1 63 ? -1.172  -12.309 9.296   1.00 66.58  ? 182 GLN A CG  1 
ATOM   470 C  CD  . GLN A 1 63 ? -0.946  -12.613 7.835   1.00 87.76  ? 182 GLN A CD  1 
ATOM   471 O  OE1 . GLN A 1 63 ? 0.184   -12.576 7.327   1.00 80.08  ? 182 GLN A OE1 1 
ATOM   472 N  NE2 . GLN A 1 63 ? -2.019  -12.941 7.128   1.00 84.78  ? 182 GLN A NE2 1 
ATOM   473 N  N   . PHE A 1 64 ? -0.918  -8.107  11.157  1.00 37.98  ? 183 PHE A N   1 
ATOM   474 C  CA  . PHE A 1 64 ? -0.384  -6.754  11.099  1.00 35.11  ? 183 PHE A CA  1 
ATOM   475 C  C   . PHE A 1 64 ? -0.876  -5.874  12.229  1.00 44.25  ? 183 PHE A C   1 
ATOM   476 O  O   . PHE A 1 64 ? -1.958  -6.091  12.793  1.00 46.64  ? 183 PHE A O   1 
ATOM   477 C  CB  . PHE A 1 64 ? -0.736  -6.152  9.720   1.00 33.04  ? 183 PHE A CB  1 
ATOM   478 C  CG  . PHE A 1 64 ? -0.398  -7.109  8.584   1.00 32.14  ? 183 PHE A CG  1 
ATOM   479 C  CD1 . PHE A 1 64 ? 0.903   -7.605  8.429   1.00 33.75  ? 183 PHE A CD1 1 
ATOM   480 C  CD2 . PHE A 1 64 ? -1.391  -7.561  7.710   1.00 32.66  ? 183 PHE A CD2 1 
ATOM   481 C  CE1 . PHE A 1 64 ? 1.200   -8.526  7.423   1.00 34.21  ? 183 PHE A CE1 1 
ATOM   482 C  CE2 . PHE A 1 64 ? -1.087  -8.471  6.686   1.00 33.21  ? 183 PHE A CE2 1 
ATOM   483 C  CZ  . PHE A 1 64 ? 0.211   -8.954  6.557   1.00 32.19  ? 183 PHE A CZ  1 
ATOM   484 N  N   . LYS A 1 65 ? -0.034  -4.906  12.596  1.00 43.11  ? 184 LYS A N   1 
ATOM   485 C  CA  . LYS A 1 65 ? -0.287  -4.014  13.724  1.00 45.67  ? 184 LYS A CA  1 
ATOM   486 C  C   . LYS A 1 65 ? -1.380  -2.998  13.377  1.00 49.19  ? 184 LYS A C   1 
ATOM   487 O  O   . LYS A 1 65 ? -1.786  -2.868  12.201  1.00 46.00  ? 184 LYS A O   1 
ATOM   488 C  CB  . LYS A 1 65 ? 1.017   -3.310  14.167  1.00 48.56  ? 184 LYS A CB  1 
ATOM   489 C  CG  . LYS A 1 65 ? 1.524   -2.215  13.220  1.00 57.30  ? 184 LYS A CG  1 
ATOM   490 C  CD  . LYS A 1 65 ? 2.931   -1.767  13.608  1.00 65.62  ? 184 LYS A CD  1 
ATOM   491 C  CE  . LYS A 1 65 ? 3.101   -0.270  13.534  1.00 74.11  ? 184 LYS A CE  1 
ATOM   492 N  NZ  . LYS A 1 65 ? 4.517   0.139   13.733  1.00 81.59  ? 184 LYS A NZ  1 
ATOM   493 N  N   . LYS A 1 66 ? -1.846  -2.286  14.413  1.00 48.58  ? 185 LYS A N   1 
ATOM   494 C  CA  . LYS A 1 66 ? -2.853  -1.240  14.278  1.00 48.92  ? 185 LYS A CA  1 
ATOM   495 C  C   . LYS A 1 66 ? -2.268  -0.087  13.480  1.00 51.32  ? 185 LYS A C   1 
ATOM   496 O  O   . LYS A 1 66 ? -1.206  0.459   13.820  1.00 52.98  ? 185 LYS A O   1 
ATOM   497 C  CB  . LYS A 1 66 ? -3.341  -0.751  15.660  1.00 55.25  ? 185 LYS A CB  1 
ATOM   498 C  CG  . LYS A 1 66 ? -4.201  -1.748  16.425  1.00 76.37  ? 185 LYS A CG  1 
ATOM   499 C  CD  . LYS A 1 66 ? -4.634  -1.164  17.772  1.00 90.09  ? 185 LYS A CD  1 
ATOM   500 C  CE  . LYS A 1 66 ? -5.144  -2.207  18.740  1.00 103.25 ? 185 LYS A CE  1 
ATOM   501 N  NZ  . LYS A 1 66 ? -6.520  -2.663  18.404  1.00 112.38 ? 185 LYS A NZ  1 
ATOM   502 N  N   . ARG A 1 67 ? -2.937  0.231   12.380  1.00 43.16  ? 186 ARG A N   1 
ATOM   503 C  CA  . ARG A 1 67 ? -2.565  1.323   11.505  1.00 41.38  ? 186 ARG A CA  1 
ATOM   504 C  C   . ARG A 1 67 ? -3.725  2.296   11.482  1.00 45.12  ? 186 ARG A C   1 
ATOM   505 O  O   . ARG A 1 67 ? -4.859  1.840   11.459  1.00 47.32  ? 186 ARG A O   1 
ATOM   506 C  CB  . ARG A 1 67 ? -2.315  0.801   10.069  1.00 38.61  ? 186 ARG A CB  1 
ATOM   507 C  CG  . ARG A 1 67 ? -1.301  -0.331  9.870   1.00 38.11  ? 186 ARG A CG  1 
ATOM   508 C  CD  . ARG A 1 67 ? 0.081   0.254   9.811   1.00 36.43  ? 186 ARG A CD  1 
ATOM   509 N  NE  . ARG A 1 67 ? 1.097   -0.746  9.470   1.00 29.71  ? 186 ARG A NE  1 
ATOM   510 C  CZ  . ARG A 1 67 ? 2.396   -0.498  9.561   1.00 35.06  ? 186 ARG A CZ  1 
ATOM   511 N  NH1 . ARG A 1 67 ? 2.824   0.689   9.982   1.00 34.38  ? 186 ARG A NH1 1 
ATOM   512 N  NH2 . ARG A 1 67 ? 3.276   -1.432  9.239   1.00 32.53  ? 186 ARG A NH2 1 
ATOM   513 N  N   . SER A 1 68 ? -3.470  3.598   11.413  1.00 40.77  ? 187 SER A N   1 
ATOM   514 C  CA  . SER A 1 68 ? -4.564  4.578   11.247  1.00 40.91  ? 187 SER A CA  1 
ATOM   515 C  C   . SER A 1 68 ? -4.916  4.642   9.762   1.00 40.24  ? 187 SER A C   1 
ATOM   516 O  O   . SER A 1 68 ? -4.116  4.211   8.925   1.00 35.92  ? 187 SER A O   1 
ATOM   517 C  CB  . SER A 1 68 ? -4.129  5.953   11.738  1.00 44.82  ? 187 SER A CB  1 
ATOM   518 O  OG  . SER A 1 68 ? -3.181  6.533   10.857  1.00 43.12  ? 187 SER A OG  1 
ATOM   519 N  N   . VAL A 1 69 ? -6.066  5.248   9.410   1.00 38.39  ? 188 VAL A N   1 
ATOM   520 C  CA  . VAL A 1 69 ? -6.437  5.430   8.011   1.00 36.66  ? 188 VAL A CA  1 
ATOM   521 C  C   . VAL A 1 69 ? -5.366  6.264   7.336   1.00 38.73  ? 188 VAL A C   1 
ATOM   522 O  O   . VAL A 1 69 ? -4.947  5.909   6.243   1.00 36.05  ? 188 VAL A O   1 
ATOM   523 C  CB  . VAL A 1 69 ? -7.835  6.093   7.876   1.00 42.35  ? 188 VAL A CB  1 
ATOM   524 C  CG1 . VAL A 1 69 ? -8.137  6.479   6.443   1.00 40.14  ? 188 VAL A CG1 1 
ATOM   525 C  CG2 . VAL A 1 69 ? -8.932  5.200   8.445   1.00 44.18  ? 188 VAL A CG2 1 
ATOM   526 N  N   . GLU A 1 70 ? -4.909  7.372   8.000   1.00 38.86  ? 189 GLU A N   1 
ATOM   527 C  CA  A GLU A 1 70 ? -3.870  8.229   7.432   0.50 38.36  ? 189 GLU A CA  1 
ATOM   528 C  CA  B GLU A 1 70 ? -3.852  8.245   7.473   0.50 38.83  ? 189 GLU A CA  1 
ATOM   529 C  C   . GLU A 1 70 ? -2.583  7.432   7.198   1.00 37.71  ? 189 GLU A C   1 
ATOM   530 O  O   . GLU A 1 70 ? -1.944  7.636   6.165   1.00 37.40  ? 189 GLU A O   1 
ATOM   531 C  CB  A GLU A 1 70 ? -3.609  9.462   8.312   0.50 42.82  ? 189 GLU A CB  1 
ATOM   532 C  CB  B GLU A 1 70 ? -3.541  9.396   8.449   0.50 43.58  ? 189 GLU A CB  1 
ATOM   533 C  CG  A GLU A 1 70 ? -4.678  10.542  8.178   0.50 54.25  ? 189 GLU A CG  1 
ATOM   534 C  CG  B GLU A 1 70 ? -2.875  10.591  7.775   0.50 58.99  ? 189 GLU A CG  1 
ATOM   535 C  CD  A GLU A 1 70 ? -5.107  10.893  6.762   0.50 70.85  ? 189 GLU A CD  1 
ATOM   536 C  CD  B GLU A 1 70 ? -2.574  11.802  8.641   0.50 90.95  ? 189 GLU A CD  1 
ATOM   537 O  OE1 A GLU A 1 70 ? -4.247  11.342  5.968   0.50 61.97  ? 189 GLU A OE1 1 
ATOM   538 O  OE1 B GLU A 1 70 ? -3.361  12.093  9.572   0.50 94.38  ? 189 GLU A OE1 1 
ATOM   539 O  OE2 A GLU A 1 70 ? -6.300  10.693  6.438   0.50 60.82  ? 189 GLU A OE2 1 
ATOM   540 O  OE2 B GLU A 1 70 ? -1.569  12.492  8.354   0.50 87.72  ? 189 GLU A OE2 1 
ATOM   541 N  N   . ASP A 1 71 ? -2.227  6.488   8.110   1.00 33.01  ? 190 ASP A N   1 
ATOM   542 C  CA  . ASP A 1 71 ? -1.028  5.641   7.909   1.00 31.38  ? 190 ASP A CA  1 
ATOM   543 C  C   . ASP A 1 71 ? -1.152  4.790   6.628   1.00 31.71  ? 190 ASP A C   1 
ATOM   544 O  O   . ASP A 1 71 ? -0.177  4.623   5.879   1.00 30.77  ? 190 ASP A O   1 
ATOM   545 C  CB  . ASP A 1 71 ? -0.807  4.687   9.094   1.00 34.33  ? 190 ASP A CB  1 
ATOM   546 C  CG  . ASP A 1 71 ? -0.379  5.349   10.393  1.00 42.93  ? 190 ASP A CG  1 
ATOM   547 O  OD1 . ASP A 1 71 ? 0.032   6.536   10.352  1.00 48.01  ? 190 ASP A OD1 1 
ATOM   548 O  OD2 . ASP A 1 71 ? -0.464  4.685   11.456  1.00 49.19  ? 190 ASP A OD2 1 
ATOM   549 N  N   . LEU A 1 72 ? -2.347  4.227   6.404   1.00 28.55  ? 191 LEU A N   1 
ATOM   550 C  CA  . LEU A 1 72 ? -2.566  3.411   5.189   1.00 26.75  ? 191 LEU A CA  1 
ATOM   551 C  C   . LEU A 1 72 ? -2.481  4.271   3.933   1.00 28.25  ? 191 LEU A C   1 
ATOM   552 O  O   . LEU A 1 72 ? -1.840  3.907   2.945   1.00 26.33  ? 191 LEU A O   1 
ATOM   553 C  CB  . LEU A 1 72 ? -3.917  2.688   5.255   1.00 27.62  ? 191 LEU A CB  1 
ATOM   554 C  CG  . LEU A 1 72 ? -4.151  1.727   6.435   1.00 31.12  ? 191 LEU A CG  1 
ATOM   555 C  CD1 . LEU A 1 72 ? -5.499  1.024   6.257   1.00 32.14  ? 191 LEU A CD1 1 
ATOM   556 C  CD2 . LEU A 1 72 ? -3.019  0.663   6.540   1.00 29.15  ? 191 LEU A CD2 1 
ATOM   557 N  N   . LYS A 1 73 ? -3.104  5.456   3.979   1.00 27.43  ? 192 LYS A N   1 
ATOM   558 C  CA  . LYS A 1 73 ? -3.070  6.344   2.828   1.00 25.66  ? 192 LYS A CA  1 
ATOM   559 C  C   . LYS A 1 73 ? -1.653  6.810   2.541   1.00 29.28  ? 192 LYS A C   1 
ATOM   560 O  O   . LYS A 1 73 ? -1.255  6.858   1.384   1.00 28.06  ? 192 LYS A O   1 
ATOM   561 C  CB  . LYS A 1 73 ? -3.961  7.584   3.083   1.00 31.01  ? 192 LYS A CB  1 
ATOM   562 C  CG  . LYS A 1 73 ? -5.455  7.308   3.017   1.00 34.68  ? 192 LYS A CG  1 
ATOM   563 C  CD  . LYS A 1 73 ? -6.239  8.640   3.014   1.00 37.33  ? 192 LYS A CD  1 
ATOM   564 C  CE  . LYS A 1 73 ? -7.720  8.424   3.146   1.00 56.84  ? 192 LYS A CE  1 
ATOM   565 N  NZ  . LYS A 1 73 ? -8.444  9.713   3.328   1.00 71.85  ? 192 LYS A NZ  1 
ATOM   566 N  N   . GLU A 1 74 ? -0.890  7.125   3.591   1.00 28.16  ? 193 GLU A N   1 
ATOM   567 C  CA  A GLU A 1 74 ? 0.466   7.611   3.401   0.50 29.53  ? 193 GLU A CA  1 
ATOM   568 C  CA  B GLU A 1 74 ? 0.488   7.592   3.467   0.50 29.69  ? 193 GLU A CA  1 
ATOM   569 C  C   . GLU A 1 74 ? 1.298   6.519   2.751   1.00 29.86  ? 193 GLU A C   1 
ATOM   570 O  O   . GLU A 1 74 ? 2.041   6.816   1.838   1.00 28.48  ? 193 GLU A O   1 
ATOM   571 C  CB  A GLU A 1 74 ? 1.082   8.115   4.704   0.50 33.29  ? 193 GLU A CB  1 
ATOM   572 C  CB  B GLU A 1 74 ? 1.079   7.910   4.850   0.50 33.54  ? 193 GLU A CB  1 
ATOM   573 C  CG  A GLU A 1 74 ? 0.685   9.554   4.993   0.50 43.18  ? 193 GLU A CG  1 
ATOM   574 C  CG  B GLU A 1 74 ? 2.458   8.548   4.832   0.50 41.98  ? 193 GLU A CG  1 
ATOM   575 C  CD  A GLU A 1 74 ? 0.650   10.008  6.440   0.50 65.27  ? 193 GLU A CD  1 
ATOM   576 C  CD  B GLU A 1 74 ? 3.074   8.836   6.191   0.50 65.86  ? 193 GLU A CD  1 
ATOM   577 O  OE1 A GLU A 1 74 ? 1.272   9.348   7.305   0.50 63.07  ? 193 GLU A OE1 1 
ATOM   578 O  OE1 B GLU A 1 74 ? 2.726   8.143   7.176   0.50 57.06  ? 193 GLU A OE1 1 
ATOM   579 O  OE2 A GLU A 1 74 ? 0.007   11.050  6.703   0.50 62.87  ? 193 GLU A OE2 1 
ATOM   580 O  OE2 B GLU A 1 74 ? 3.938   9.740   6.263   0.50 61.71  ? 193 GLU A OE2 1 
ATOM   581 N  N   . ARG A 1 75 ? 1.150   5.257   3.193   1.00 25.71  ? 194 ARG A N   1 
ATOM   582 C  CA  . ARG A 1 75 ? 1.909   4.166   2.608   1.00 23.63  ? 194 ARG A CA  1 
ATOM   583 C  C   . ARG A 1 75 ? 1.537   3.995   1.122   1.00 21.92  ? 194 ARG A C   1 
ATOM   584 O  O   . ARG A 1 75 ? 2.422   3.897   0.275   1.00 22.63  ? 194 ARG A O   1 
ATOM   585 C  CB  . ARG A 1 75 ? 1.664   2.874   3.392   1.00 23.23  ? 194 ARG A CB  1 
ATOM   586 C  CG  . ARG A 1 75 ? 2.434   1.625   2.839   1.00 22.61  ? 194 ARG A CG  1 
ATOM   587 C  CD  . ARG A 1 75 ? 3.941   1.805   2.888   1.00 24.22  ? 194 ARG A CD  1 
ATOM   588 N  NE  . ARG A 1 75 ? 4.628   0.543   2.589   1.00 21.03  ? 194 ARG A NE  1 
ATOM   589 C  CZ  . ARG A 1 75 ? 5.814   0.447   1.979   1.00 21.44  ? 194 ARG A CZ  1 
ATOM   590 N  NH1 . ARG A 1 75 ? 6.511   1.548   1.678   1.00 23.98  ? 194 ARG A NH1 1 
ATOM   591 N  NH2 . ARG A 1 75 ? 6.339   -0.744  1.725   1.00 22.14  ? 194 ARG A NH2 1 
ATOM   592 N  N   . TYR A 1 76 ? 0.253   3.973   0.840   1.00 20.40  ? 195 TYR A N   1 
ATOM   593 C  CA  . TYR A 1 76 ? -0.228  3.815   -0.524  1.00 19.97  ? 195 TYR A CA  1 
ATOM   594 C  C   . TYR A 1 76 ? 0.252   4.951   -1.436  1.00 23.36  ? 195 TYR A C   1 
ATOM   595 O  O   . TYR A 1 76 ? 0.850   4.696   -2.478  1.00 22.88  ? 195 TYR A O   1 
ATOM   596 C  CB  . TYR A 1 76 ? -1.764  3.798   -0.497  1.00 21.32  ? 195 TYR A CB  1 
ATOM   597 C  CG  . TYR A 1 76 ? -2.392  3.539   -1.847  1.00 22.60  ? 195 TYR A CG  1 
ATOM   598 C  CD1 . TYR A 1 76 ? -2.595  2.240   -2.303  1.00 24.02  ? 195 TYR A CD1 1 
ATOM   599 C  CD2 . TYR A 1 76 ? -2.786  4.589   -2.666  1.00 24.48  ? 195 TYR A CD2 1 
ATOM   600 C  CE1 . TYR A 1 76 ? -3.162  1.988   -3.544  1.00 24.42  ? 195 TYR A CE1 1 
ATOM   601 C  CE2 . TYR A 1 76 ? -3.349  4.347   -3.939  1.00 22.01  ? 195 TYR A CE2 1 
ATOM   602 C  CZ  . TYR A 1 76 ? -3.480  3.043   -4.381  1.00 25.68  ? 195 TYR A CZ  1 
ATOM   603 O  OH  . TYR A 1 76 ? -4.106  2.762   -5.574  1.00 27.38  ? 195 TYR A OH  1 
ATOM   604 N  N   . TYR A 1 77 ? 0.097   6.172   -0.962  1.00 24.06  ? 196 TYR A N   1 
ATOM   605 C  CA  . TYR A 1 77 ? 0.428   7.311   -1.809  1.00 25.66  ? 196 TYR A CA  1 
ATOM   606 C  C   . TYR A 1 77 ? 1.939   7.521   -1.926  1.00 26.21  ? 196 TYR A C   1 
ATOM   607 O  O   . TYR A 1 77 ? 2.376   7.926   -3.005  1.00 26.39  ? 196 TYR A O   1 
ATOM   608 C  CB  . TYR A 1 77 ? -0.424  8.516   -1.470  1.00 31.11  ? 196 TYR A CB  1 
ATOM   609 C  CG  . TYR A 1 77 ? -1.835  8.310   -2.014  1.00 30.99  ? 196 TYR A CG  1 
ATOM   610 C  CD1 . TYR A 1 77 ? -2.059  8.071   -3.376  1.00 31.78  ? 196 TYR A CD1 1 
ATOM   611 C  CD2 . TYR A 1 77 ? -2.933  8.292   -1.166  1.00 32.55  ? 196 TYR A CD2 1 
ATOM   612 C  CE1 . TYR A 1 77 ? -3.353  7.910   -3.883  1.00 30.56  ? 196 TYR A CE1 1 
ATOM   613 C  CE2 . TYR A 1 77 ? -4.232  8.098   -1.657  1.00 33.57  ? 196 TYR A CE2 1 
ATOM   614 C  CZ  . TYR A 1 77 ? -4.434  7.902   -3.020  1.00 34.80  ? 196 TYR A CZ  1 
ATOM   615 O  OH  . TYR A 1 77 ? -5.694  7.661   -3.530  1.00 35.86  ? 196 TYR A OH  1 
ATOM   616 N  N   . HIS A 1 78 ? 2.761   7.167   -0.897  1.00 24.67  ? 197 HIS A N   1 
ATOM   617 C  CA  A HIS A 1 78 ? 4.193   7.325   -1.071  0.33 26.03  ? 197 HIS A CA  1 
ATOM   618 C  CA  B HIS A 1 78 ? 4.234   7.210   -0.983  0.33 25.52  ? 197 HIS A CA  1 
ATOM   619 C  CA  C HIS A 1 78 ? 4.203   7.305   -1.067  0.34 26.16  ? 197 HIS A CA  1 
ATOM   620 C  C   . HIS A 1 78 ? 4.682   6.286   -2.091  1.00 25.00  ? 197 HIS A C   1 
ATOM   621 O  O   . HIS A 1 78 ? 5.565   6.608   -2.881  1.00 25.91  ? 197 HIS A O   1 
ATOM   622 C  CB  A HIS A 1 78 ? 4.921   7.252   0.274   0.33 28.32  ? 197 HIS A CB  1 
ATOM   623 C  CB  B HIS A 1 78 ? 4.886   6.752   0.348   0.33 26.72  ? 197 HIS A CB  1 
ATOM   624 C  CB  C HIS A 1 78 ? 4.956   7.174   0.260   0.34 28.49  ? 197 HIS A CB  1 
ATOM   625 C  CG  A HIS A 1 78 ? 4.751   8.490   1.119   0.33 33.81  ? 197 HIS A CG  1 
ATOM   626 C  CG  B HIS A 1 78 ? 6.389   6.725   0.332   0.33 31.19  ? 197 HIS A CG  1 
ATOM   627 C  CG  C HIS A 1 78 ? 4.649   8.269   1.242   0.34 33.94  ? 197 HIS A CG  1 
ATOM   628 N  ND1 A HIS A 1 78 ? 3.539   9.174   1.191   0.33 36.34  ? 197 HIS A ND1 1 
ATOM   629 N  ND1 B HIS A 1 78 ? 7.091   5.573   0.016   0.33 32.39  ? 197 HIS A ND1 1 
ATOM   630 N  ND1 C HIS A 1 78 ? 4.822   8.080   2.603   0.34 36.62  ? 197 HIS A ND1 1 
ATOM   631 C  CD2 A HIS A 1 78 ? 5.646   9.114   1.918   0.33 37.94  ? 197 HIS A CD2 1 
ATOM   632 C  CD2 B HIS A 1 78 ? 7.272   7.706   0.624   0.33 34.93  ? 197 HIS A CD2 1 
ATOM   633 C  CD2 C HIS A 1 78 ? 4.172   9.522   1.034   0.34 37.85  ? 197 HIS A CD2 1 
ATOM   634 C  CE1 A HIS A 1 78 ? 3.749   10.195  2.008   0.33 37.93  ? 197 HIS A CE1 1 
ATOM   635 C  CE1 B HIS A 1 78 ? 8.371   5.900   0.100   0.33 33.25  ? 197 HIS A CE1 1 
ATOM   636 C  CE1 C HIS A 1 78 ? 4.455   9.217   3.174   0.34 38.38  ? 197 HIS A CE1 1 
ATOM   637 N  NE2 A HIS A 1 78 ? 5.000   10.200  2.471   0.33 39.16  ? 197 HIS A NE2 1 
ATOM   638 N  NE2 B HIS A 1 78 ? 8.527   7.174   0.456   0.33 34.98  ? 197 HIS A NE2 1 
ATOM   639 N  NE2 C HIS A 1 78 ? 4.062   10.117  2.270   0.34 39.15  ? 197 HIS A NE2 1 
ATOM   640 N  N   . ILE A 1 79 ? 4.053   5.037   -2.127  1.00 21.98  ? 198 ILE A N   1 
ATOM   641 C  CA  . ILE A 1 79 ? 4.408   4.037   -3.125  1.00 20.37  ? 198 ILE A CA  1 
ATOM   642 C  C   . ILE A 1 79 ? 4.002   4.571   -4.510  1.00 20.88  ? 198 ILE A C   1 
ATOM   643 O  O   . ILE A 1 79 ? 4.803   4.452   -5.441  1.00 22.74  ? 198 ILE A O   1 
ATOM   644 C  CB  . ILE A 1 79 ? 3.757   2.692   -2.800  1.00 21.06  ? 198 ILE A CB  1 
ATOM   645 C  CG1 . ILE A 1 79 ? 4.620   2.059   -1.680  1.00 21.74  ? 198 ILE A CG1 1 
ATOM   646 C  CG2 . ILE A 1 79 ? 3.775   1.795   -4.041  1.00 21.16  ? 198 ILE A CG2 1 
ATOM   647 C  CD1 . ILE A 1 79 ? 3.850   0.870   -1.028  1.00 23.16  ? 198 ILE A CD1 1 
ATOM   648 N  N   . CYS A 1 80 ? 2.815   5.195   -4.645  1.00 20.05  ? 199 CYS A N   1 
ATOM   649 C  CA  . CYS A 1 80 ? 2.419   5.743   -5.940  1.00 20.21  ? 199 CYS A CA  1 
ATOM   650 C  C   . CYS A 1 80 ? 3.443   6.752   -6.468  1.00 22.65  ? 199 CYS A C   1 
ATOM   651 O  O   . CYS A 1 80 ? 3.789   6.705   -7.651  1.00 23.84  ? 199 CYS A O   1 
ATOM   652 C  CB  . CYS A 1 80 ? 1.046   6.388   -5.844  1.00 20.34  ? 199 CYS A CB  1 
ATOM   653 S  SG  . CYS A 1 80 ? -0.306  5.193   -5.646  1.00 22.23  ? 199 CYS A SG  1 
ATOM   654 N  N   . ALA A 1 81 ? 3.895   7.678   -5.605  1.00 23.57  ? 200 ALA A N   1 
ATOM   655 C  CA  . ALA A 1 81 ? 4.864   8.705   -6.040  1.00 26.12  ? 200 ALA A CA  1 
ATOM   656 C  C   . ALA A 1 81 ? 6.205   8.062   -6.417  1.00 26.06  ? 200 ALA A C   1 
ATOM   657 O  O   . ALA A 1 81 ? 6.781   8.418   -7.456  1.00 28.83  ? 200 ALA A O   1 
ATOM   658 C  CB  . ALA A 1 81 ? 5.052   9.747   -4.952  1.00 28.66  ? 200 ALA A CB  1 
ATOM   659 N  N   . LYS A 1 82 ? 6.679   7.070   -5.624  1.00 24.05  ? 201 LYS A N   1 
ATOM   660 C  CA  A LYS A 1 82 ? 7.937   6.421   -5.948  0.50 24.52  ? 201 LYS A CA  1 
ATOM   661 C  CA  B LYS A 1 82 ? 7.938   6.417   -5.947  0.50 24.64  ? 201 LYS A CA  1 
ATOM   662 C  C   . LYS A 1 82 ? 7.864   5.711   -7.294  1.00 28.06  ? 201 LYS A C   1 
ATOM   663 O  O   . LYS A 1 82 ? 8.787   5.833   -8.105  1.00 28.56  ? 201 LYS A O   1 
ATOM   664 C  CB  A LYS A 1 82 ? 8.337   5.438   -4.825  0.50 26.00  ? 201 LYS A CB  1 
ATOM   665 C  CB  B LYS A 1 82 ? 8.337   5.423   -4.832  0.50 26.35  ? 201 LYS A CB  1 
ATOM   666 C  CG  A LYS A 1 82 ? 9.737   4.864   -4.973  0.50 28.12  ? 201 LYS A CG  1 
ATOM   667 C  CG  B LYS A 1 82 ? 9.712   4.783   -5.016  0.50 31.81  ? 201 LYS A CG  1 
ATOM   668 C  CD  A LYS A 1 82 ? 10.839  5.902   -4.731  0.50 33.19  ? 201 LYS A CD  1 
ATOM   669 C  CD  B LYS A 1 82 ? 10.866  5.797   -5.065  0.50 39.69  ? 201 LYS A CD  1 
ATOM   670 C  CE  A LYS A 1 82 ? 12.212  5.362   -5.076  0.50 34.09  ? 201 LYS A CE  1 
ATOM   671 C  CE  B LYS A 1 82 ? 11.569  5.960   -3.737  0.50 47.83  ? 201 LYS A CE  1 
ATOM   672 N  NZ  A LYS A 1 82 ? 13.284  6.355   -4.790  0.50 43.44  ? 201 LYS A NZ  1 
ATOM   673 N  NZ  B LYS A 1 82 ? 12.540  7.089   -3.762  0.50 57.69  ? 201 LYS A NZ  1 
ATOM   674 N  N   . LEU A 1 83 ? 6.753   4.974   -7.550  1.00 24.97  ? 202 LEU A N   1 
ATOM   675 C  CA  . LEU A 1 83 ? 6.602   4.260   -8.824  1.00 24.81  ? 202 LEU A CA  1 
ATOM   676 C  C   . LEU A 1 83 ? 6.563   5.231   -9.979  1.00 27.30  ? 202 LEU A C   1 
ATOM   677 O  O   . LEU A 1 83 ? 7.203   4.999   -11.021 1.00 28.64  ? 202 LEU A O   1 
ATOM   678 C  CB  . LEU A 1 83 ? 5.337   3.413   -8.809  1.00 23.10  ? 202 LEU A CB  1 
ATOM   679 C  CG  . LEU A 1 83 ? 5.423   2.198   -7.857  1.00 25.57  ? 202 LEU A CG  1 
ATOM   680 C  CD1 . LEU A 1 83 ? 4.051   1.478   -7.800  1.00 25.92  ? 202 LEU A CD1 1 
ATOM   681 C  CD2 . LEU A 1 83 ? 6.573   1.238   -8.266  1.00 27.72  ? 202 LEU A CD2 1 
ATOM   682 N  N   . ALA A 1 84 ? 5.870   6.375   -9.789  1.00 24.96  ? 203 ALA A N   1 
ATOM   683 C  CA  . ALA A 1 84 ? 5.817   7.376   -10.877 1.00 25.79  ? 203 ALA A CA  1 
ATOM   684 C  C   . ALA A 1 84 ? 7.238   7.820   -11.267 1.00 30.92  ? 203 ALA A C   1 
ATOM   685 O  O   . ALA A 1 84 ? 7.561   7.951   -12.460 1.00 33.45  ? 203 ALA A O   1 
ATOM   686 C  CB  . ALA A 1 84 ? 4.999   8.583   -10.434 1.00 26.79  ? 203 ALA A CB  1 
ATOM   687 N  N   . ASN A 1 85 ? 8.094   8.013   -10.264 1.00 30.84  ? 204 ASN A N   1 
ATOM   688 C  CA  . ASN A 1 85 ? 9.458   8.475   -10.519 1.00 34.54  ? 204 ASN A CA  1 
ATOM   689 C  C   . ASN A 1 85 ? 10.360  7.401   -11.118 1.00 40.22  ? 204 ASN A C   1 
ATOM   690 O  O   . ASN A 1 85 ? 11.098  7.711   -12.051 1.00 43.32  ? 204 ASN A O   1 
ATOM   691 C  CB  . ASN A 1 85 ? 10.063  8.995   -9.228  1.00 35.74  ? 204 ASN A CB  1 
ATOM   692 C  CG  . ASN A 1 85 ? 9.489   10.351  -8.872  1.00 48.13  ? 204 ASN A CG  1 
ATOM   693 O  OD1 . ASN A 1 85 ? 9.378   11.247  -9.715  1.00 49.84  ? 204 ASN A OD1 1 
ATOM   694 N  ND2 . ASN A 1 85 ? 9.121   10.535  -7.627  1.00 40.42  ? 204 ASN A ND2 1 
ATOM   695 N  N   . VAL A 1 86 ? 10.296  6.154   -10.617 1.00 35.60  ? 205 VAL A N   1 
ATOM   696 C  CA  . VAL A 1 86 ? 11.207  5.122   -11.134 1.00 37.95  ? 205 VAL A CA  1 
ATOM   697 C  C   . VAL A 1 86 ? 10.790  4.633   -12.536 1.00 41.92  ? 205 VAL A C   1 
ATOM   698 O  O   . VAL A 1 86 ? 11.637  4.135   -13.276 1.00 45.23  ? 205 VAL A O   1 
ATOM   699 C  CB  . VAL A 1 86 ? 11.406  3.963   -10.128 1.00 41.05  ? 205 VAL A CB  1 
ATOM   700 C  CG1 . VAL A 1 86 ? 11.931  4.504   -8.805  1.00 40.73  ? 205 VAL A CG1 1 
ATOM   701 C  CG2 . VAL A 1 86 ? 10.131  3.156   -9.924  1.00 39.08  ? 205 VAL A CG2 1 
ATOM   702 N  N   . ARG A 1 87 ? 9.534   4.860   -12.937 1.00 36.20  ? 206 ARG A N   1 
ATOM   703 C  CA  . ARG A 1 87 ? 9.061   4.426   -14.242 1.00 36.51  ? 206 ARG A CA  1 
ATOM   704 C  C   . ARG A 1 87 ? 9.230   5.512   -15.297 1.00 44.52  ? 206 ARG A C   1 
ATOM   705 O  O   . ARG A 1 87 ? 8.911   5.275   -16.467 1.00 46.95  ? 206 ARG A O   1 
ATOM   706 C  CB  . ARG A 1 87 ? 7.621   3.984   -14.156 1.00 33.86  ? 206 ARG A CB  1 
ATOM   707 C  CG  . ARG A 1 87 ? 7.485   2.728   -13.331 1.00 33.36  ? 206 ARG A CG  1 
ATOM   708 C  CD  . ARG A 1 87 ? 6.041   2.464   -13.004 1.00 26.73  ? 206 ARG A CD  1 
ATOM   709 N  NE  . ARG A 1 87 ? 5.942   1.223   -12.261 1.00 26.79  ? 206 ARG A NE  1 
ATOM   710 C  CZ  . ARG A 1 87 ? 4.800   0.642   -11.921 1.00 25.06  ? 206 ARG A CZ  1 
ATOM   711 N  NH1 . ARG A 1 87 ? 3.635   1.201   -12.255 1.00 23.75  ? 206 ARG A NH1 1 
ATOM   712 N  NH2 . ARG A 1 87 ? 4.811   -0.503  -11.246 1.00 26.25  ? 206 ARG A NH2 1 
ATOM   713 N  N   . ALA A 1 88 ? 9.740   6.694   -14.893 1.00 42.08  ? 207 ALA A N   1 
ATOM   714 C  CA  . ALA A 1 88 ? 9.920   7.831   -15.813 1.00 51.36  ? 207 ALA A CA  1 
ATOM   715 C  C   . ALA A 1 88 ? 11.196  7.674   -16.611 1.00 93.97  ? 207 ALA A C   1 
ATOM   716 O  O   . ALA A 1 88 ? 11.220  6.881   -17.541 1.00 64.77  ? 207 ALA A O   1 
ATOM   717 C  CB  . ALA A 1 88 ? 9.945   9.141   -15.046 1.00 52.06  ? 207 ALA A CB  1 
HETATM 718 CA CA  . CA  B 2 .  ? -11.243 -2.143  -7.933  0.50 24.80  ? 301 CA  A CA  1 
HETATM 719 O  O   . HOH C 3 .  ? 11.443  -3.691  6.499   1.00 22.42  ? 401 HOH A O   1 
HETATM 720 O  O   . HOH C 3 .  ? 9.387   -3.263  3.421   1.00 24.72  ? 402 HOH A O   1 
HETATM 721 O  O   . HOH C 3 .  ? 0.930   0.167   -12.233 1.00 26.91  ? 403 HOH A O   1 
HETATM 722 O  O   . HOH C 3 .  ? -1.024  -6.863  -3.828  1.00 26.54  ? 404 HOH A O   1 
HETATM 723 O  O   . HOH C 3 .  ? -16.294 -3.511  6.340   1.00 27.22  ? 405 HOH A O   1 
HETATM 724 O  O   . HOH C 3 .  ? 1.136   -4.385  -6.369  1.00 28.92  ? 406 HOH A O   1 
HETATM 725 O  O   . HOH C 3 .  ? 4.330   -5.336  8.190   1.00 28.98  ? 407 HOH A O   1 
HETATM 726 O  O   . HOH C 3 .  ? -0.011  -10.379 1.822   1.00 31.22  ? 408 HOH A O   1 
HETATM 727 O  O   . HOH C 3 .  ? -4.784  -8.020  -5.514  1.00 31.71  ? 409 HOH A O   1 
HETATM 728 O  O   . HOH C 3 .  ? -4.940  4.637   -7.257  1.00 32.21  ? 410 HOH A O   1 
HETATM 729 O  O   . HOH C 3 .  ? 12.327  2.989   6.180   1.00 33.72  ? 411 HOH A O   1 
HETATM 730 O  O   . HOH C 3 .  ? -11.923 -4.175  -8.273  1.00 47.98  ? 412 HOH A O   1 
HETATM 731 O  O   . HOH C 3 .  ? 5.247   -6.509  10.484  0.50 31.54  ? 413 HOH A O   1 
HETATM 732 O  O   . HOH C 3 .  ? -13.770 5.263   2.621   1.00 35.40  ? 414 HOH A O   1 
HETATM 733 O  O   . HOH C 3 .  ? 3.782   -8.756  10.842  1.00 35.97  ? 415 HOH A O   1 
HETATM 734 O  O   . HOH C 3 .  ? -4.715  -9.606  1.197   1.00 35.69  ? 416 HOH A O   1 
HETATM 735 O  O   . HOH C 3 .  ? -11.627 -8.703  3.026   1.00 36.67  ? 417 HOH A O   1 
HETATM 736 O  O   . HOH C 3 .  ? -2.013  -10.120 -0.024  1.00 38.52  ? 418 HOH A O   1 
HETATM 737 O  O   . HOH C 3 .  ? -9.836  -0.317  -6.618  1.00 36.97  ? 419 HOH A O   1 
HETATM 738 O  O   . HOH C 3 .  ? 2.303   -6.790  -7.154  1.00 37.54  ? 420 HOH A O   1 
HETATM 739 O  O   . HOH C 3 .  ? -5.865  7.082   -6.416  1.00 36.60  ? 421 HOH A O   1 
HETATM 740 O  O   . HOH C 3 .  ? 2.276   -4.630  10.936  1.00 37.63  ? 422 HOH A O   1 
HETATM 741 O  O   . HOH C 3 .  ? -11.349 6.857   1.016   1.00 38.50  ? 423 HOH A O   1 
HETATM 742 O  O   . HOH C 3 .  ? 6.243   4.177   2.795   1.00 45.35  ? 424 HOH A O   1 
HETATM 743 O  O   . HOH C 3 .  ? 6.105   -2.411  11.999  1.00 38.50  ? 425 HOH A O   1 
HETATM 744 O  O   . HOH C 3 .  ? 5.255   -7.832  -6.057  1.00 37.51  ? 426 HOH A O   1 
HETATM 745 O  O   . HOH C 3 .  ? 13.578  -1.673  5.208   1.00 39.53  ? 427 HOH A O   1 
HETATM 746 O  O   . HOH C 3 .  ? -16.620 3.979   2.641   1.00 41.56  ? 428 HOH A O   1 
HETATM 747 O  O   . HOH C 3 .  ? -9.840  6.945   -2.154  1.00 40.64  ? 429 HOH A O   1 
HETATM 748 O  O   . HOH C 3 .  ? 2.478   5.276   6.482   1.00 39.78  ? 430 HOH A O   1 
HETATM 749 O  O   . HOH C 3 .  ? 9.384   3.120   1.172   1.00 40.27  ? 431 HOH A O   1 
HETATM 750 O  O   . HOH C 3 .  ? 0.970   -1.875  -14.049 1.00 48.25  ? 432 HOH A O   1 
HETATM 751 O  O   . HOH C 3 .  ? 1.648   2.995   11.340  1.00 44.97  ? 433 HOH A O   1 
HETATM 752 O  O   . HOH C 3 .  ? -16.504 -1.404  -2.101  1.00 51.71  ? 434 HOH A O   1 
HETATM 753 O  O   . HOH C 3 .  ? 4.645   5.349   4.624   1.00 46.91  ? 435 HOH A O   1 
HETATM 754 O  O   . HOH C 3 .  ? -6.526  8.432   10.309  1.00 45.25  ? 436 HOH A O   1 
HETATM 755 O  O   A HOH C 3 .  ? 10.279  -8.096  -3.469  0.50 34.70  ? 437 HOH A O   1 
HETATM 756 O  O   . HOH C 3 .  ? -12.688 1.864   9.470   1.00 45.57  ? 438 HOH A O   1 
HETATM 757 O  O   . HOH C 3 .  ? -19.395 -2.205  -2.383  1.00 44.32  ? 439 HOH A O   1 
HETATM 758 O  O   . HOH C 3 .  ? 10.289  -8.699  -10.599 1.00 52.24  ? 440 HOH A O   1 
HETATM 759 O  O   . HOH C 3 .  ? -7.763  6.088   11.822  1.00 47.38  ? 441 HOH A O   1 
HETATM 760 O  O   . HOH C 3 .  ? 11.836  8.911   -6.096  1.00 49.77  ? 442 HOH A O   1 
HETATM 761 O  O   . HOH C 3 .  ? 7.155   -9.550  -10.116 1.00 44.86  ? 443 HOH A O   1 
HETATM 762 O  O   . HOH C 3 .  ? 4.018   -12.657 1.213   1.00 47.83  ? 444 HOH A O   1 
HETATM 763 O  O   . HOH C 3 .  ? 7.477   -0.860  13.770  1.00 47.01  ? 445 HOH A O   1 
HETATM 764 O  O   . HOH C 3 .  ? 2.083   -11.246 -0.360  1.00 50.30  ? 446 HOH A O   1 
HETATM 765 O  O   . HOH C 3 .  ? 9.338   1.020   13.239  1.00 50.92  ? 447 HOH A O   1 
HETATM 766 O  O   . HOH C 3 .  ? -1.194  -9.624  -3.761  1.00 56.59  ? 448 HOH A O   1 
HETATM 767 O  O   . HOH C 3 .  ? 10.388  -0.019  -12.909 1.00 52.61  ? 449 HOH A O   1 
HETATM 768 O  O   . HOH C 3 .  ? 6.192   -11.336 -2.690  1.00 55.18  ? 450 HOH A O   1 
HETATM 769 O  O   . HOH C 3 .  ? -7.524  8.352   -1.812  1.00 53.25  ? 451 HOH A O   1 
HETATM 770 O  O   . HOH C 3 .  ? -13.616 -9.174  -2.179  1.00 60.91  ? 452 HOH A O   1 
HETATM 771 O  O   . HOH C 3 .  ? 10.274  -4.625  -12.700 1.00 52.86  ? 453 HOH A O   1 
HETATM 772 O  O   . HOH C 3 .  ? 16.854  0.727   6.544   1.00 54.39  ? 454 HOH A O   1 
HETATM 773 O  O   . HOH C 3 .  ? 5.003   3.127   9.340   1.00 51.97  ? 455 HOH A O   1 
HETATM 774 O  O   . HOH C 3 .  ? -6.855  2.876   14.002  1.00 58.15  ? 456 HOH A O   1 
HETATM 775 O  O   . HOH C 3 .  ? 6.961   -1.156  -14.779 1.00 65.48  ? 457 HOH A O   1 
HETATM 776 O  O   . HOH C 3 .  ? -15.814 -10.990 -4.103  1.00 58.00  ? 458 HOH A O   1 
HETATM 777 O  O   . HOH C 3 .  ? 5.262   2.403   12.292  1.00 51.60  ? 459 HOH A O   1 
HETATM 778 O  O   . HOH C 3 .  ? 14.390  4.214   -12.678 1.00 57.47  ? 460 HOH A O   1 
HETATM 779 O  O   . HOH C 3 .  ? 12.106  -2.748  -11.990 1.00 67.62  ? 461 HOH A O   1 
HETATM 780 O  O   . HOH C 3 .  ? -18.065 -4.651  -3.155  1.00 54.95  ? 462 HOH A O   1 
HETATM 781 O  O   . HOH C 3 .  ? 5.724   -3.718  -12.892 1.00 69.04  ? 463 HOH A O   1 
HETATM 782 O  O   . HOH C 3 .  ? -13.200 5.608   -3.430  1.00 61.14  ? 464 HOH A O   1 
HETATM 783 O  O   . HOH C 3 .  ? -1.988  8.756   11.885  1.00 60.39  ? 465 HOH A O   1 
HETATM 784 O  O   . HOH C 3 .  ? 3.063   -3.305  -13.389 1.00 62.40  ? 466 HOH A O   1 
HETATM 785 O  O   . HOH C 3 .  ? -14.433 -7.039  -4.201  1.00 57.80  ? 467 HOH A O   1 
HETATM 786 O  O   . HOH C 3 .  ? -9.367  1.710   -9.285  1.00 68.48  ? 468 HOH A O   1 
HETATM 787 O  O   . HOH C 3 .  ? 13.932  2.506   3.515   1.00 64.84  ? 469 HOH A O   1 
HETATM 788 O  O   A HOH C 3 .  ? 9.625   3.689   8.831   0.60 53.98  ? 470 HOH A O   1 
HETATM 789 O  O   B HOH C 3 .  ? 10.695  3.651   10.339  0.40 35.86  ? 470 HOH A O   1 
HETATM 790 O  O   . HOH C 3 .  ? -11.709 -1.860  -10.253 1.00 54.59  ? 471 HOH A O   1 
HETATM 791 O  O   . HOH C 3 .  ? -13.711 -9.983  0.605   1.00 61.15  ? 472 HOH A O   1 
HETATM 792 O  O   . HOH C 3 .  ? -12.308 0.145   -8.422  1.00 49.94  ? 473 HOH A O   1 
HETATM 793 O  O   . HOH C 3 .  ? 8.881   4.804   3.248   1.00 51.97  ? 474 HOH A O   1 
HETATM 794 O  O   . HOH C 3 .  ? -6.838  -1.124  10.530  1.00 63.31  ? 475 HOH A O   1 
HETATM 795 O  O   A HOH C 3 .  ? 8.101   4.727   -0.609  0.70 56.58  ? 476 HOH A O   1 
# 
loop_
_atom_site_anisotrop.id 
_atom_site_anisotrop.type_symbol 
_atom_site_anisotrop.pdbx_label_atom_id 
_atom_site_anisotrop.pdbx_label_alt_id 
_atom_site_anisotrop.pdbx_label_comp_id 
_atom_site_anisotrop.pdbx_label_asym_id 
_atom_site_anisotrop.pdbx_label_seq_id 
_atom_site_anisotrop.pdbx_PDB_ins_code 
_atom_site_anisotrop.U[1][1] 
_atom_site_anisotrop.U[2][2] 
_atom_site_anisotrop.U[3][3] 
_atom_site_anisotrop.U[1][2] 
_atom_site_anisotrop.U[1][3] 
_atom_site_anisotrop.U[2][3] 
_atom_site_anisotrop.pdbx_auth_seq_id 
_atom_site_anisotrop.pdbx_auth_comp_id 
_atom_site_anisotrop.pdbx_auth_asym_id 
_atom_site_anisotrop.pdbx_auth_atom_id 
1   N N   . VAL A 14 ? 0.6117 0.6107 0.6039 0.0146  -0.0869 0.0244  133 VAL A N   
2   C CA  A VAL A 14 ? 0.5928 0.5871 0.5769 0.0112  -0.0758 0.0236  133 VAL A CA  
3   C CA  B VAL A 14 ? 0.6026 0.5968 0.5870 0.0112  -0.0758 0.0234  133 VAL A CA  
4   C C   . VAL A 14 ? 0.6086 0.6080 0.5891 0.0087  -0.0695 0.0144  133 VAL A C   
5   O O   . VAL A 14 ? 0.6281 0.6372 0.6212 0.0101  -0.0713 0.0099  133 VAL A O   
6   C CB  A VAL A 14 ? 0.6344 0.6224 0.6334 0.0137  -0.0748 0.0245  133 VAL A CB  
7   C CB  B VAL A 14 ? 0.6591 0.6475 0.6587 0.0140  -0.0746 0.0236  133 VAL A CB  
8   C CG1 A VAL A 14 ? 0.6231 0.6085 0.6171 0.0091  -0.0650 0.0295  133 VAL A CG1 
9   C CG1 B VAL A 14 ? 0.6746 0.6539 0.6783 0.0117  -0.0795 0.0375  133 VAL A CG1 
10  C CG2 A VAL A 14 ? 0.6476 0.6267 0.6583 0.0165  -0.0868 0.0325  133 VAL A CG2 
11  C CG2 B VAL A 14 ? 0.6538 0.6459 0.6686 0.0227  -0.0805 0.0145  133 VAL A CG2 
12  N N   . GLN A 15 ? 0.4975 0.4918 0.4626 0.0060  -0.0622 0.0133  134 GLN A N   
13  C CA  . GLN A 15 ? 0.4591 0.4524 0.4211 0.0038  -0.0585 0.0053  134 GLN A CA  
14  C C   . GLN A 15 ? 0.4520 0.4459 0.4243 0.0047  -0.0494 0.0040  134 GLN A C   
15  O O   . GLN A 15 ? 0.4227 0.4154 0.4001 0.0064  -0.0460 0.0089  134 GLN A O   
16  C CB  . GLN A 15 ? 0.4807 0.4652 0.4173 0.0045  -0.0577 0.0018  134 GLN A CB  
17  C CG  . GLN A 15 ? 0.6872 0.6690 0.6088 0.0040  -0.0701 0.0010  134 GLN A CG  
18  C CD  . GLN A 15 ? 1.0193 0.9923 0.9079 0.0093  -0.0700 -0.0042 134 GLN A CD  
19  O OE1 . GLN A 15 ? 0.9737 0.9487 0.8492 0.0151  -0.0575 -0.0010 134 GLN A OE1 
20  N NE2 . GLN A 15 ? 1.0065 0.9711 0.8803 0.0086  -0.0850 -0.0118 134 GLN A NE2 
21  N N   . VAL A 16 ? 0.3602 0.3549 0.3367 0.0026  -0.0477 -0.0008 135 VAL A N   
22  C CA  . VAL A 16 ? 0.3148 0.3095 0.2985 0.0038  -0.0403 -0.0015 135 VAL A CA  
23  C C   . VAL A 16 ? 0.3267 0.3139 0.2994 0.0054  -0.0332 -0.0017 135 VAL A C   
24  O O   . VAL A 16 ? 0.3444 0.3245 0.3031 0.0063  -0.0337 -0.0067 135 VAL A O   
25  C CB  . VAL A 16 ? 0.3355 0.3352 0.3287 0.0010  -0.0407 -0.0028 135 VAL A CB  
26  C CG1 . VAL A 16 ? 0.3132 0.3119 0.3110 0.0026  -0.0344 -0.0027 135 VAL A CG1 
27  C CG2 . VAL A 16 ? 0.3346 0.3504 0.3401 0.0020  -0.0442 0.0003  135 VAL A CG2 
28  N N   . PRO A 17 ? 0.2947 0.2842 0.2747 0.0071  -0.0275 0.0034  136 PRO A N   
29  C CA  . PRO A 17 ? 0.2999 0.2895 0.2734 0.0105  -0.0184 0.0056  136 PRO A CA  
30  C C   . PRO A 17 ? 0.3122 0.2963 0.2839 0.0128  -0.0155 -0.0022 136 PRO A C   
31  O O   . PRO A 17 ? 0.3090 0.2907 0.2898 0.0096  -0.0197 -0.0052 136 PRO A O   
32  C CB  . PRO A 17 ? 0.3129 0.3088 0.3046 0.0094  -0.0158 0.0157  136 PRO A CB  
33  C CG  . PRO A 17 ? 0.3455 0.3390 0.3454 0.0066  -0.0261 0.0179  136 PRO A CG  
34  C CD  . PRO A 17 ? 0.3136 0.3053 0.3087 0.0071  -0.0309 0.0077  136 PRO A CD  
35  N N   . VAL A 18 ? 0.2983 0.2820 0.2586 0.0197  -0.0080 -0.0040 137 VAL A N   
36  C CA  . VAL A 18 ? 0.3091 0.2847 0.2685 0.0248  -0.0061 -0.0122 137 VAL A CA  
37  C C   . VAL A 18 ? 0.3330 0.3206 0.3014 0.0314  0.0058  -0.0057 137 VAL A C   
38  O O   . VAL A 18 ? 0.3588 0.3579 0.3175 0.0381  0.0150  -0.0002 137 VAL A O   
39  C CB  . VAL A 18 ? 0.3753 0.3359 0.3099 0.0313  -0.0113 -0.0252 137 VAL A CB  
40  C CG1 . VAL A 18 ? 0.3888 0.3366 0.3245 0.0385  -0.0119 -0.0347 137 VAL A CG1 
41  C CG2 . VAL A 18 ? 0.3870 0.3386 0.3197 0.0222  -0.0258 -0.0285 137 VAL A CG2 
42  N N   . TYR A 19 ? 0.3024 0.2906 0.2900 0.0302  0.0061  -0.0041 138 TYR A N   
43  C CA  . TYR A 19 ? 0.3024 0.3045 0.3045 0.0366  0.0164  0.0033  138 TYR A CA  
44  C C   . TYR A 19 ? 0.3624 0.3571 0.3593 0.0482  0.0199  -0.0065 138 TYR A C   
45  O O   . TYR A 19 ? 0.3705 0.3462 0.3631 0.0467  0.0104  -0.0163 138 TYR A O   
46  C CB  . TYR A 19 ? 0.2816 0.2899 0.3107 0.0289  0.0119  0.0122  138 TYR A CB  
47  C CG  . TYR A 19 ? 0.2713 0.2676 0.3029 0.0236  0.0014  0.0065  138 TYR A CG  
48  C CD1 . TYR A 19 ? 0.2860 0.2753 0.3218 0.0272  0.0003  0.0026  138 TYR A CD1 
49  C CD2 . TYR A 19 ? 0.2729 0.2671 0.3036 0.0165  -0.0070 0.0066  138 TYR A CD2 
50  C CE1 . TYR A 19 ? 0.2792 0.2616 0.3176 0.0218  -0.0083 0.0021  138 TYR A CE1 
51  C CE2 . TYR A 19 ? 0.2545 0.2448 0.2858 0.0138  -0.0137 0.0042  138 TYR A CE2 
52  C CZ  . TYR A 19 ? 0.2691 0.2548 0.3048 0.0155  -0.0141 0.0038  138 TYR A CZ  
53  O OH  . TYR A 19 ? 0.2923 0.2778 0.3286 0.0124  -0.0198 0.0059  138 TYR A OH  
54  N N   . SER A 20 ? 0.3535 0.3643 0.3538 0.0603  0.0329  -0.0025 139 SER A N   
55  C CA  . SER A 20 ? 0.3754 0.3800 0.3729 0.0753  0.0364  -0.0130 139 SER A CA  
56  C C   . SER A 20 ? 0.4194 0.4258 0.4471 0.0717  0.0331  -0.0070 139 SER A C   
57  O O   . SER A 20 ? 0.3702 0.3869 0.4189 0.0597  0.0300  0.0054  139 SER A O   
58  C CB  . SER A 20 ? 0.4447 0.4720 0.4330 0.0938  0.0541  -0.0104 139 SER A CB  
59  O OG  . SER A 20 ? 0.4583 0.5167 0.4767 0.0898  0.0645  0.0110  139 SER A OG  
60  N N   . GLU A 21 ? 0.4200 0.4147 0.4498 0.0834  0.0316  -0.0165 140 GLU A N   
61  C CA  . GLU A 21 ? 0.4125 0.4099 0.4708 0.0819  0.0281  -0.0098 140 GLU A CA  
62  C C   . GLU A 21 ? 0.4242 0.4544 0.5092 0.0845  0.0397  0.0061  140 GLU A C   
63  O O   . GLU A 21 ? 0.3991 0.4364 0.5094 0.0744  0.0331  0.0172  140 GLU A O   
64  C CB  . GLU A 21 ? 0.4630 0.4404 0.5194 0.0963  0.0235  -0.0227 140 GLU A CB  
65  C CG  . GLU A 21 ? 0.6242 0.5699 0.6731 0.0857  0.0055  -0.0294 140 GLU A CG  
66  C CD  . GLU A 21 ? 1.0716 0.9941 1.1308 0.0930  -0.0054 -0.0352 140 GLU A CD  
67  O OE1 . GLU A 21 ? 1.1298 1.0607 1.2043 0.1075  0.0006  -0.0349 140 GLU A OE1 
68  O OE2 . GLU A 21 ? 1.0103 0.9075 1.0660 0.0834  -0.0210 -0.0377 140 GLU A OE2 
69  N N   . GLN A 22 ? 0.4028 0.4552 0.4825 0.0979  0.0561  0.0090  141 GLN A N   
70  C CA  . GLN A 22 ? 0.3880 0.4780 0.4983 0.1002  0.0686  0.0290  141 GLN A CA  
71  C C   . GLN A 22 ? 0.3745 0.4730 0.5008 0.0790  0.0618  0.0454  141 GLN A C   
72  O O   . GLN A 22 ? 0.3423 0.4557 0.5040 0.0709  0.0573  0.0602  141 GLN A O   
73  C CB  . GLN A 22 ? 0.4410 0.5565 0.5370 0.1208  0.0897  0.0301  141 GLN A CB  
74  C CG  . GLN A 22 ? 0.6442 0.8064 0.7780 0.1260  0.1057  0.0545  141 GLN A CG  
75  C CD  . GLN A 22 ? 0.8433 1.0354 0.9602 0.1526  0.1295  0.0549  141 GLN A CD  
76  O OE1 . GLN A 22 ? 0.7819 0.9782 0.8657 0.1575  0.1377  0.0534  141 GLN A OE1 
77  N NE2 . GLN A 22 ? 0.7682 0.9842 0.9069 0.1722  0.1415  0.0574  141 GLN A NE2 
78  N N   . GLU A 23 ? 0.3387 0.4255 0.4403 0.0708  0.0585  0.0419  142 GLU A N   
79  C CA  . GLU A 23 ? 0.3095 0.3988 0.4247 0.0531  0.0494  0.0548  142 GLU A CA  
80  C C   . GLU A 23 ? 0.3073 0.3802 0.4369 0.0416  0.0315  0.0517  142 GLU A C   
81  O O   . GLU A 23 ? 0.2826 0.3628 0.4380 0.0312  0.0226  0.0639  142 GLU A O   
82  C CB  . GLU A 23 ? 0.3195 0.3955 0.4042 0.0485  0.0468  0.0487  142 GLU A CB  
83  C CG  . GLU A 23 ? 0.3865 0.4850 0.4603 0.0564  0.0624  0.0594  142 GLU A CG  
84  C CD  . GLU A 23 ? 0.5547 0.6394 0.5963 0.0534  0.0586  0.0531  142 GLU A CD  
85  O OE1 . GLU A 23 ? 0.3988 0.4573 0.4182 0.0528  0.0488  0.0342  142 GLU A OE1 
86  O OE2 . GLU A 23 ? 0.4037 0.5061 0.4449 0.0514  0.0648  0.0692  142 GLU A OE2 
87  N N   . TYR A 24 ? 0.2931 0.3433 0.4053 0.0434  0.0245  0.0361  143 TYR A N   
88  C CA  . TYR A 24 ? 0.2781 0.3165 0.3987 0.0347  0.0091  0.0348  143 TYR A CA  
89  C C   . TYR A 24 ? 0.2992 0.3514 0.4526 0.0357  0.0057  0.0449  143 TYR A C   
90  O O   . TYR A 24 ? 0.2784 0.3315 0.4479 0.0268  -0.0076 0.0508  143 TYR A O   
91  C CB  . TYR A 24 ? 0.2833 0.3006 0.3841 0.0361  0.0036  0.0223  143 TYR A CB  
92  C CG  . TYR A 24 ? 0.2579 0.2684 0.3605 0.0282  -0.0103 0.0231  143 TYR A CG  
93  C CD1 . TYR A 24 ? 0.2718 0.2854 0.3918 0.0290  -0.0173 0.0282  143 TYR A CD1 
94  C CD2 . TYR A 24 ? 0.2507 0.2545 0.3371 0.0218  -0.0163 0.0193  143 TYR A CD2 
95  C CE1 . TYR A 24 ? 0.2662 0.2756 0.3823 0.0242  -0.0303 0.0286  143 TYR A CE1 
96  C CE2 . TYR A 24 ? 0.2555 0.2574 0.3393 0.0186  -0.0274 0.0192  143 TYR A CE2 
97  C CZ  . TYR A 24 ? 0.2579 0.2623 0.3542 0.0200  -0.0345 0.0237  143 TYR A CZ  
98  O OH  . TYR A 24 ? 0.2823 0.2861 0.3702 0.0194  -0.0459 0.0229  143 TYR A OH  
99  N N   . GLN A 25 ? 0.3035 0.3646 0.4662 0.0479  0.0156  0.0453  144 GLN A N   
100 C CA  A GLN A 25 ? 0.3028 0.3796 0.4994 0.0512  0.0135  0.0553  144 GLN A CA  
101 C CA  B GLN A 25 ? 0.2996 0.3748 0.4962 0.0495  0.0115  0.0554  144 GLN A CA  
102 C C   . GLN A 25 ? 0.3353 0.4380 0.5655 0.0437  0.0132  0.0740  144 GLN A C   
103 O O   . GLN A 25 ? 0.3314 0.4385 0.5890 0.0360  -0.0013 0.0825  144 GLN A O   
104 C CB  A GLN A 25 ? 0.3306 0.4149 0.5294 0.0701  0.0275  0.0511  144 GLN A CB  
105 C CB  B GLN A 25 ? 0.3261 0.4044 0.5281 0.0662  0.0204  0.0511  144 GLN A CB  
106 C CG  A GLN A 25 ? 0.4014 0.5105 0.6404 0.0778  0.0301  0.0637  144 GLN A CG  
107 C CG  B GLN A 25 ? 0.3294 0.3773 0.5069 0.0700  0.0134  0.0360  144 GLN A CG  
108 C CD  A GLN A 25 ? 0.5378 0.6381 0.7952 0.0695  0.0107  0.0672  144 GLN A CD  
109 C CD  B GLN A 25 ? 0.3645 0.3940 0.5348 0.0573  -0.0040 0.0354  144 GLN A CD  
110 O OE1 A GLN A 25 ? 0.4867 0.5604 0.7227 0.0641  -0.0017 0.0579  144 GLN A OE1 
111 O OE1 B GLN A 25 ? 0.3534 0.3894 0.5374 0.0488  -0.0149 0.0434  144 GLN A OE1 
112 N NE2 A GLN A 25 ? 0.3641 0.4893 0.6626 0.0689  0.0076  0.0828  144 GLN A NE2 
113 N NE2 B GLN A 25 ? 0.3370 0.3442 0.4856 0.0570  -0.0082 0.0265  144 GLN A NE2 
114 N N   . LEU A 26 ? 0.2950 0.4148 0.5234 0.0457  0.0276  0.0818  145 LEU A N   
115 C CA  . LEU A 26 ? 0.3066 0.4546 0.5730 0.0377  0.0281  0.1052  145 LEU A CA  
116 C C   . LEU A 26 ? 0.3248 0.4584 0.5972 0.0196  0.0082  0.1094  145 LEU A C   
117 O O   . LEU A 26 ? 0.3185 0.4651 0.6307 0.0094  -0.0034 0.1264  145 LEU A O   
118 C CB  . LEU A 26 ? 0.3251 0.5024 0.5893 0.0471  0.0518  0.1173  145 LEU A CB  
119 C CG  . LEU A 26 ? 0.4114 0.6144 0.6787 0.0695  0.0736  0.1175  145 LEU A CG  
120 C CD1 . LEU A 26 ? 0.4444 0.6732 0.6944 0.0812  0.0967  0.1257  145 LEU A CD1 
121 C CD2 . LEU A 26 ? 0.4271 0.6620 0.7482 0.0703  0.0737  0.1371  145 LEU A CD2 
122 N N   . TYR A 27 ? 0.2598 0.3668 0.4956 0.0161  0.0028  0.0943  146 TYR A N   
123 C CA  . TYR A 27 ? 0.2480 0.3425 0.4883 0.0026  -0.0143 0.0977  146 TYR A CA  
124 C C   . TYR A 27 ? 0.2713 0.3349 0.4856 -0.0003 -0.0319 0.0786  146 TYR A C   
125 O O   . TYR A 27 ? 0.2807 0.3327 0.5035 -0.0087 -0.0500 0.0797  146 TYR A O   
126 C CB  . TYR A 27 ? 0.2595 0.3595 0.4846 0.0020  -0.0025 0.1041  146 TYR A CB  
127 C CG  . TYR A 27 ? 0.3029 0.4382 0.5441 0.0082  0.0193  0.1241  146 TYR A CG  
128 C CD1 . TYR A 27 ? 0.3372 0.5010 0.6270 0.0011  0.0183  0.1509  146 TYR A CD1 
129 C CD2 . TYR A 27 ? 0.3230 0.4653 0.5312 0.0219  0.0399  0.1173  146 TYR A CD2 
130 C CE1 . TYR A 27 ? 0.3691 0.5735 0.6746 0.0087  0.0415  0.1729  146 TYR A CE1 
131 C CE2 . TYR A 27 ? 0.3548 0.5334 0.5718 0.0320  0.0617  0.1347  146 TYR A CE2 
132 C CZ  . TYR A 27 ? 0.4522 0.6646 0.7181 0.0258  0.0644  0.1639  146 TYR A CZ  
133 O OH  . TYR A 27 ? 0.5119 0.7679 0.7877 0.0373  0.0889  0.1848  146 TYR A OH  
134 N N   . LEU A 28 ? 0.2475 0.2985 0.4314 0.0071  -0.0273 0.0622  147 LEU A N   
135 C CA  . LEU A 28 ? 0.2509 0.2805 0.4080 0.0060  -0.0392 0.0471  147 LEU A CA  
136 C C   . LEU A 28 ? 0.2812 0.3028 0.4344 0.0080  -0.0516 0.0400  147 LEU A C   
137 O O   . LEU A 28 ? 0.2797 0.2889 0.4098 0.0094  -0.0598 0.0293  147 LEU A O   
138 C CB  . LEU A 28 ? 0.2441 0.2668 0.3690 0.0104  -0.0270 0.0373  147 LEU A CB  
139 C CG  . LEU A 28 ? 0.2588 0.2891 0.3791 0.0106  -0.0145 0.0428  147 LEU A CG  
140 C CD1 . LEU A 28 ? 0.2677 0.2883 0.3570 0.0145  -0.0078 0.0312  147 LEU A CD1 
141 C CD2 . LEU A 28 ? 0.2560 0.2852 0.3868 0.0028  -0.0239 0.0508  147 LEU A CD2 
142 N N   . HIS A 29 ? 0.2795 0.3103 0.4543 0.0096  -0.0529 0.0469  148 HIS A N   
143 C CA  . HIS A 29 ? 0.2947 0.3185 0.4636 0.0119  -0.0659 0.0420  148 HIS A CA  
144 C C   . HIS A 29 ? 0.2982 0.3110 0.4640 0.0088  -0.0885 0.0364  148 HIS A C   
145 O O   . HIS A 29 ? 0.2988 0.3101 0.4836 0.0027  -0.0988 0.0404  148 HIS A O   
146 C CB  . HIS A 29 ? 0.3327 0.3689 0.5298 0.0144  -0.0657 0.0517  148 HIS A CB  
147 C CG  . HIS A 29 ? 0.4033 0.4536 0.6401 0.0086  -0.0736 0.0648  148 HIS A CG  
148 N ND1 . HIS A 29 ? 0.4506 0.5196 0.7092 0.0074  -0.0584 0.0769  148 HIS A ND1 
149 C CD2 . HIS A 29 ? 0.4604 0.5093 0.7189 0.0031  -0.0966 0.0687  148 HIS A CD2 
150 C CE1 . HIS A 29 ? 0.4529 0.5341 0.7514 -0.0004 -0.0715 0.0912  148 HIS A CE1 
151 N NE2 . HIS A 29 ? 0.4678 0.5352 0.7687 -0.0037 -0.0964 0.0859  148 HIS A NE2 
152 N N   . ASP A 30 ? 0.2644 0.2688 0.4048 0.0139  -0.0973 0.0273  149 ASP A N   
153 C CA  . ASP A 30 ? 0.2687 0.2616 0.3973 0.0163  -0.1203 0.0175  149 ASP A CA  
154 C C   . ASP A 30 ? 0.2926 0.2870 0.4095 0.0220  -0.1289 0.0170  149 ASP A C   
155 O O   . ASP A 30 ? 0.2947 0.2950 0.3959 0.0254  -0.1152 0.0198  149 ASP A O   
156 C CB  . ASP A 30 ? 0.2943 0.2788 0.3910 0.0216  -0.1186 0.0049  149 ASP A CB  
157 C CG  . ASP A 30 ? 0.4147 0.3852 0.4932 0.0291  -0.1421 -0.0097 149 ASP A CG  
158 O OD1 . ASP A 30 ? 0.3905 0.3617 0.4471 0.0377  -0.1506 -0.0153 149 ASP A OD1 
159 O OD2 . ASP A 30 ? 0.5021 0.4606 0.5830 0.0288  -0.1512 -0.0166 149 ASP A OD2 
160 N N   . ASP A 31 ? 0.2866 0.2749 0.4109 0.0227  -0.1535 0.0142  150 ASP A N   
161 C CA  . ASP A 31 ? 0.2993 0.2901 0.4116 0.0286  -0.1636 0.0155  150 ASP A CA  
162 C C   . ASP A 31 ? 0.3204 0.3129 0.3864 0.0392  -0.1578 0.0087  150 ASP A C   
163 O O   . ASP A 31 ? 0.3207 0.3197 0.3768 0.0432  -0.1597 0.0156  150 ASP A O   
164 C CB  . ASP A 31 ? 0.3490 0.3300 0.4727 0.0283  -0.1959 0.0108  150 ASP A CB  
165 C CG  . ASP A 31 ? 0.4455 0.4335 0.6241 0.0167  -0.2024 0.0251  150 ASP A CG  
166 O OD1 . ASP A 31 ? 0.3813 0.3850 0.5846 0.0122  -0.1792 0.0383  150 ASP A OD1 
167 O OD2 . ASP A 31 ? 0.5467 0.5262 0.7447 0.0130  -0.2318 0.0236  150 ASP A OD2 
168 N N   . ALA A 32 ? 0.3355 0.3243 0.3756 0.0446  -0.1527 -0.0025 151 ALA A N   
169 C CA  . ALA A 32 ? 0.3773 0.3743 0.3762 0.0563  -0.1461 -0.0069 151 ALA A CA  
170 C C   . ALA A 32 ? 0.3480 0.3566 0.3443 0.0528  -0.1200 0.0013  151 ALA A C   
171 O O   . ALA A 32 ? 0.3565 0.3777 0.3253 0.0608  -0.1120 0.0023  151 ALA A O   
172 C CB  . ALA A 32 ? 0.4465 0.4338 0.4184 0.0685  -0.1605 -0.0267 151 ALA A CB  
173 N N   . TRP A 33 ? 0.2757 0.2821 0.3000 0.0418  -0.1074 0.0081  152 TRP A N   
174 C CA  . TRP A 33 ? 0.2612 0.2739 0.2842 0.0378  -0.0873 0.0140  152 TRP A CA  
175 C C   . TRP A 33 ? 0.2882 0.3006 0.3333 0.0311  -0.0782 0.0255  152 TRP A C   
176 O O   . TRP A 33 ? 0.3150 0.3233 0.3840 0.0279  -0.0808 0.0271  152 TRP A O   
177 C CB  . TRP A 33 ? 0.2595 0.2667 0.2881 0.0346  -0.0814 0.0067  152 TRP A CB  
178 C CG  . TRP A 33 ? 0.2795 0.2869 0.2854 0.0431  -0.0862 -0.0048 152 TRP A CG  
179 C CD1 . TRP A 33 ? 0.3312 0.3294 0.3280 0.0510  -0.1043 -0.0174 152 TRP A CD1 
180 C CD2 . TRP A 33 ? 0.2730 0.2904 0.2643 0.0463  -0.0742 -0.0055 152 TRP A CD2 
181 N NE1 . TRP A 33 ? 0.3363 0.3372 0.3114 0.0613  -0.1030 -0.0278 152 TRP A NE1 
182 C CE2 . TRP A 33 ? 0.3299 0.3458 0.3029 0.0583  -0.0834 -0.0193 152 TRP A CE2 
183 C CE3 . TRP A 33 ? 0.2798 0.3065 0.2747 0.0403  -0.0586 0.0039  152 TRP A CE3 
184 C CZ2 . TRP A 33 ? 0.3186 0.3470 0.2777 0.0658  -0.0744 -0.0224 152 TRP A CZ2 
185 C CZ3 . TRP A 33 ? 0.3062 0.3446 0.2898 0.0447  -0.0517 0.0022  152 TRP A CZ3 
186 C CH2 . TRP A 33 ? 0.3249 0.3670 0.2912 0.0579  -0.0579 -0.0099 152 TRP A CH2 
187 N N   . THR A 34 ? 0.2664 0.2834 0.3056 0.0296  -0.0687 0.0343  153 THR A N   
188 C CA  . THR A 34 ? 0.2598 0.2705 0.3185 0.0250  -0.0621 0.0416  153 THR A CA  
189 C C   . THR A 34 ? 0.2384 0.2431 0.3011 0.0214  -0.0512 0.0354  153 THR A C   
190 O O   . THR A 34 ? 0.2426 0.2504 0.2923 0.0205  -0.0477 0.0302  153 THR A O   
191 C CB  . THR A 34 ? 0.2749 0.2881 0.3299 0.0234  -0.0610 0.0550  153 THR A CB  
192 O OG1 . THR A 34 ? 0.2685 0.2903 0.3096 0.0212  -0.0545 0.0578  153 THR A OG1 
193 C CG2 . THR A 34 ? 0.2916 0.3121 0.3400 0.0276  -0.0711 0.0644  153 THR A CG2 
194 N N   . LYS A 35 ? 0.2366 0.2335 0.3154 0.0212  -0.0464 0.0358  154 LYS A N   
195 C CA  . LYS A 35 ? 0.2314 0.2216 0.3083 0.0198  -0.0375 0.0296  154 LYS A CA  
196 C C   . LYS A 35 ? 0.2474 0.2347 0.3136 0.0151  -0.0373 0.0329  154 LYS A C   
197 O O   . LYS A 35 ? 0.2386 0.2259 0.2963 0.0124  -0.0335 0.0280  154 LYS A O   
198 C CB  . LYS A 35 ? 0.2684 0.2509 0.3595 0.0251  -0.0327 0.0273  154 LYS A CB  
199 C CG  . LYS A 35 ? 0.3061 0.2823 0.3876 0.0261  -0.0247 0.0185  154 LYS A CG  
200 C CD  . LYS A 35 ? 0.3796 0.3507 0.4692 0.0361  -0.0186 0.0136  154 LYS A CD  
201 C CE  . LYS A 35 ? 0.3897 0.3587 0.4643 0.0394  -0.0108 0.0046  154 LYS A CE  
202 N NZ  . LYS A 35 ? 0.3886 0.3396 0.4485 0.0356  -0.0170 -0.0016 154 LYS A NZ  
203 N N   . ALA A 36 ? 0.2584 0.2449 0.3281 0.0131  -0.0423 0.0441  155 ALA A N   
204 C CA  . ALA A 36 ? 0.2607 0.2488 0.3277 0.0063  -0.0430 0.0528  155 ALA A CA  
205 C C   . ALA A 36 ? 0.2667 0.2736 0.3192 0.0055  -0.0391 0.0531  155 ALA A C   
206 O O   . ALA A 36 ? 0.2610 0.2701 0.3134 0.0006  -0.0368 0.0537  155 ALA A O   
207 C CB  . ALA A 36 ? 0.2908 0.2803 0.3657 0.0036  -0.0495 0.0703  155 ALA A CB  
208 N N   . GLU A 37 ? 0.2505 0.2705 0.2911 0.0118  -0.0400 0.0517  156 GLU A N   
209 C CA  . GLU A 37 ? 0.2519 0.2892 0.2769 0.0158  -0.0368 0.0491  156 GLU A CA  
210 C C   . GLU A 37 ? 0.2454 0.2759 0.2695 0.0157  -0.0342 0.0356  156 GLU A C   
211 O O   . GLU A 37 ? 0.2434 0.2840 0.2628 0.0156  -0.0305 0.0351  156 GLU A O   
212 C CB  . GLU A 37 ? 0.2749 0.3220 0.2836 0.0259  -0.0422 0.0457  156 GLU A CB  
213 C CG  . GLU A 37 ? 0.3099 0.3771 0.2997 0.0343  -0.0386 0.0435  156 GLU A CG  
214 C CD  . GLU A 37 ? 0.3861 0.4606 0.3523 0.0487  -0.0461 0.0353  156 GLU A CD  
215 O OE1 . GLU A 37 ? 0.3574 0.4236 0.3220 0.0504  -0.0559 0.0347  156 GLU A OE1 
216 O OE2 . GLU A 37 ? 0.3711 0.4596 0.3201 0.0598  -0.0436 0.0283  156 GLU A OE2 
217 N N   . THR A 38 ? 0.2226 0.2392 0.2532 0.0162  -0.0361 0.0266  157 THR A N   
218 C CA  . THR A 38 ? 0.2230 0.2345 0.2527 0.0157  -0.0338 0.0173  157 THR A CA  
219 C C   . THR A 38 ? 0.2112 0.2181 0.2426 0.0103  -0.0290 0.0179  157 THR A C   
220 O O   . THR A 38 ? 0.2170 0.2275 0.2431 0.0096  -0.0276 0.0143  157 THR A O   
221 C CB  . THR A 38 ? 0.2362 0.2395 0.2768 0.0164  -0.0354 0.0135  157 THR A CB  
222 O OG1 . THR A 38 ? 0.2452 0.2508 0.2873 0.0200  -0.0446 0.0134  157 THR A OG1 
223 C CG2 . THR A 38 ? 0.2406 0.2414 0.2804 0.0155  -0.0338 0.0081  157 THR A CG2 
224 N N   . ASP A 39 ? 0.2199 0.2170 0.2590 0.0070  -0.0290 0.0216  158 ASP A N   
225 C CA  . ASP A 39 ? 0.2231 0.2107 0.2630 0.0022  -0.0296 0.0202  158 ASP A CA  
226 C C   . ASP A 39 ? 0.2470 0.2479 0.2881 -0.0034 -0.0314 0.0286  158 ASP A C   
227 O O   . ASP A 39 ? 0.2554 0.2553 0.2953 -0.0068 -0.0325 0.0256  158 ASP A O   
228 C CB  . ASP A 39 ? 0.2465 0.2173 0.2953 0.0016  -0.0337 0.0216  158 ASP A CB  
229 C CG  . ASP A 39 ? 0.3104 0.2709 0.3603 0.0098  -0.0302 0.0129  158 ASP A CG  
230 O OD1 . ASP A 39 ? 0.3182 0.2847 0.3630 0.0137  -0.0240 0.0074  158 ASP A OD1 
231 O OD2 . ASP A 39 ? 0.3358 0.2834 0.3939 0.0130  -0.0338 0.0131  158 ASP A OD2 
232 N N   . HIS A 40 ? 0.2403 0.2571 0.2840 -0.0035 -0.0311 0.0407  159 HIS A N   
233 C CA  . HIS A 40 ? 0.2453 0.2842 0.2929 -0.0070 -0.0297 0.0534  159 HIS A CA  
234 C C   . HIS A 40 ? 0.2626 0.3156 0.3006 -0.0008 -0.0254 0.0454  159 HIS A C   
235 O O   . HIS A 40 ? 0.2478 0.3107 0.2925 -0.0048 -0.0254 0.0490  159 HIS A O   
236 C CB  . HIS A 40 ? 0.2474 0.3051 0.2943 -0.0043 -0.0279 0.0685  159 HIS A CB  
237 C CG  . HIS A 40 ? 0.2877 0.3786 0.3373 -0.0042 -0.0226 0.0850  159 HIS A CG  
238 N ND1 . HIS A 40 ? 0.3100 0.4091 0.3814 -0.0161 -0.0248 0.1013  159 HIS A ND1 
239 C CD2 . HIS A 40 ? 0.3065 0.4257 0.3408 0.0075  -0.0159 0.0892  159 HIS A CD2 
240 C CE1 . HIS A 40 ? 0.3146 0.4519 0.3866 -0.0120 -0.0166 0.1180  159 HIS A CE1 
241 N NE2 . HIS A 40 ? 0.3180 0.4688 0.3650 0.0040  -0.0101 0.1101  159 HIS A NE2 
242 N N   . LEU A 41 ? 0.2234 0.2748 0.2481 0.0087  -0.0245 0.0341  160 LEU A N   
243 C CA  . LEU A 41 ? 0.2153 0.2741 0.2319 0.0160  -0.0236 0.0250  160 LEU A CA  
244 C C   . LEU A 41 ? 0.2170 0.2638 0.2380 0.0103  -0.0250 0.0194  160 LEU A C   
245 O O   . LEU A 41 ? 0.2255 0.2841 0.2484 0.0114  -0.0245 0.0199  160 LEU A O   
246 C CB  . LEU A 41 ? 0.2335 0.2833 0.2397 0.0248  -0.0279 0.0135  160 LEU A CB  
247 C CG  . LEU A 41 ? 0.2565 0.3033 0.2571 0.0320  -0.0316 0.0020  160 LEU A CG  
248 C CD1 . LEU A 41 ? 0.2874 0.3571 0.2803 0.0432  -0.0288 0.0018  160 LEU A CD1 
249 C CD2 . LEU A 41 ? 0.2744 0.3063 0.2716 0.0371  -0.0409 -0.0073 160 LEU A CD2 
250 N N   . PHE A 42 ? 0.2128 0.2391 0.2350 0.0057  -0.0265 0.0148  161 PHE A N   
251 C CA  . PHE A 42 ? 0.2219 0.2376 0.2422 0.0023  -0.0281 0.0094  161 PHE A CA  
252 C C   . PHE A 42 ? 0.2301 0.2470 0.2576 -0.0054 -0.0320 0.0147  161 PHE A C   
253 O O   . PHE A 42 ? 0.2282 0.2463 0.2544 -0.0071 -0.0352 0.0124  161 PHE A O   
254 C CB  . PHE A 42 ? 0.2371 0.2358 0.2537 0.0030  -0.0265 0.0038  161 PHE A CB  
255 C CG  . PHE A 42 ? 0.2236 0.2229 0.2387 0.0075  -0.0254 0.0010  161 PHE A CG  
256 C CD1 . PHE A 42 ? 0.2319 0.2355 0.2506 0.0113  -0.0277 0.0014  161 PHE A CD1 
257 C CD2 . PHE A 42 ? 0.2516 0.2466 0.2622 0.0076  -0.0247 -0.0008 161 PHE A CD2 
258 C CE1 . PHE A 42 ? 0.2349 0.2355 0.2568 0.0136  -0.0318 -0.0006 161 PHE A CE1 
259 C CE2 . PHE A 42 ? 0.2699 0.2650 0.2852 0.0094  -0.0263 0.0008  161 PHE A CE2 
260 C CZ  . PHE A 42 ? 0.2484 0.2447 0.2713 0.0118  -0.0311 0.0004  161 PHE A CZ  
261 N N   . ASP A 43 ? 0.2416 0.2583 0.2792 -0.0108 -0.0345 0.0233  162 ASP A N   
262 C CA  A ASP A 43 ? 0.2522 0.2686 0.3031 -0.0205 -0.0424 0.0309  162 ASP A CA  
263 C CA  B ASP A 43 ? 0.2500 0.2670 0.3013 -0.0206 -0.0424 0.0314  162 ASP A CA  
264 C C   . ASP A 43 ? 0.2647 0.3106 0.3260 -0.0216 -0.0404 0.0413  162 ASP A C   
265 O O   . ASP A 43 ? 0.2521 0.2996 0.3208 -0.0269 -0.0471 0.0419  162 ASP A O   
266 C CB  A ASP A 43 ? 0.2734 0.2829 0.3379 -0.0269 -0.0472 0.0415  162 ASP A CB  
267 C CB  B ASP A 43 ? 0.2813 0.2934 0.3467 -0.0270 -0.0467 0.0430  162 ASP A CB  
268 C CG  A ASP A 43 ? 0.3296 0.3371 0.4150 -0.0395 -0.0596 0.0529  162 ASP A CG  
269 C CG  B ASP A 43 ? 0.4182 0.3989 0.4792 -0.0260 -0.0527 0.0329  162 ASP A CG  
270 O OD1 A ASP A 43 ? 0.3474 0.3359 0.4305 -0.0428 -0.0703 0.0428  162 ASP A OD1 
271 O OD1 B ASP A 43 ? 0.4407 0.4075 0.4856 -0.0192 -0.0508 0.0173  162 ASP A OD1 
272 O OD2 A ASP A 43 ? 0.3963 0.4207 0.5011 -0.0465 -0.0604 0.0731  162 ASP A OD2 
273 O OD2 B ASP A 43 ? 0.5349 0.5061 0.6091 -0.0310 -0.0595 0.0415  162 ASP A OD2 
274 N N   . LEU A 44 ? 0.2235 0.2939 0.2840 -0.0144 -0.0316 0.0486  163 LEU A N   
275 C CA  . LEU A 44 ? 0.2252 0.3292 0.2939 -0.0102 -0.0268 0.0577  163 LEU A CA  
276 C C   . LEU A 44 ? 0.2240 0.3257 0.2846 -0.0033 -0.0276 0.0445  163 LEU A C   
277 O O   . LEU A 44 ? 0.2313 0.3524 0.3043 -0.0035 -0.0286 0.0503  163 LEU A O   
278 C CB  . LEU A 44 ? 0.2323 0.3605 0.2922 0.0017  -0.0170 0.0631  163 LEU A CB  
279 C CG  . LEU A 44 ? 0.2871 0.4270 0.3559 -0.0038 -0.0149 0.0820  163 LEU A CG  
280 C CD1 . LEU A 44 ? 0.3120 0.4761 0.3632 0.0119  -0.0058 0.0840  163 LEU A CD1 
281 C CD2 . LEU A 44 ? 0.2932 0.4547 0.3915 -0.0167 -0.0171 0.1053  163 LEU A CD2 
282 N N   . SER A 45 ? 0.2079 0.2870 0.2509 0.0023  -0.0283 0.0290  164 SER A N   
283 C CA  . SER A 45 ? 0.2188 0.2935 0.2555 0.0081  -0.0309 0.0193  164 SER A CA  
284 C C   . SER A 45 ? 0.2388 0.3048 0.2810 -0.0011 -0.0385 0.0198  164 SER A C   
285 O O   . SER A 45 ? 0.2550 0.3301 0.3013 0.0018  -0.0416 0.0196  164 SER A O   
286 C CB  . SER A 45 ? 0.2542 0.3072 0.2769 0.0126  -0.0316 0.0082  164 SER A CB  
287 O OG  . SER A 45 ? 0.2601 0.3188 0.2771 0.0221  -0.0292 0.0052  164 SER A OG  
288 N N   . ARG A 46 ? 0.2292 0.2772 0.2709 -0.0104 -0.0433 0.0199  165 ARG A N   
289 C CA  . ARG A 46 ? 0.2501 0.2864 0.2930 -0.0181 -0.0542 0.0180  165 ARG A CA  
290 C C   . ARG A 46 ? 0.2673 0.3241 0.3349 -0.0259 -0.0608 0.0310  165 ARG A C   
291 O O   . ARG A 46 ? 0.2842 0.3456 0.3573 -0.0281 -0.0691 0.0313  165 ARG A O   
292 C CB  . ARG A 46 ? 0.2848 0.2937 0.3195 -0.0229 -0.0599 0.0119  165 ARG A CB  
293 C CG  . ARG A 46 ? 0.3132 0.3058 0.3261 -0.0149 -0.0532 0.0010  165 ARG A CG  
294 C CD  . ARG A 46 ? 0.3164 0.2842 0.3187 -0.0146 -0.0577 -0.0074 165 ARG A CD  
295 N NE  . ARG A 46 ? 0.3077 0.2713 0.2959 -0.0056 -0.0467 -0.0129 165 ARG A NE  
296 C CZ  . ARG A 46 ? 0.3525 0.3159 0.3460 -0.0025 -0.0396 -0.0114 165 ARG A CZ  
297 N NH1 . ARG A 46 ? 0.3436 0.3053 0.3509 -0.0068 -0.0431 -0.0065 165 ARG A NH1 
298 N NH2 . ARG A 46 ? 0.3241 0.2896 0.3113 0.0042  -0.0303 -0.0128 165 ARG A NH2 
299 N N   . ARG A 47 ? 0.2480 0.3193 0.3330 -0.0308 -0.0581 0.0444  166 ARG A N   
300 C CA  A ARG A 47 ? 0.2566 0.3516 0.3726 -0.0409 -0.0642 0.0630  166 ARG A CA  
301 C CA  B ARG A 47 ? 0.2550 0.3496 0.3708 -0.0410 -0.0645 0.0627  166 ARG A CA  
302 C C   . ARG A 47 ? 0.2705 0.4048 0.3991 -0.0328 -0.0561 0.0714  166 ARG A C   
303 O O   . ARG A 47 ? 0.2805 0.4345 0.4357 -0.0403 -0.0638 0.0840  166 ARG A O   
304 C CB  A ARG A 47 ? 0.3005 0.4037 0.4323 -0.0477 -0.0618 0.0792  166 ARG A CB  
305 C CB  B ARG A 47 ? 0.2887 0.3899 0.4215 -0.0489 -0.0635 0.0792  166 ARG A CB  
306 C CG  A ARG A 47 ? 0.4382 0.5030 0.5685 -0.0574 -0.0754 0.0740  166 ARG A CG  
307 C CG  B ARG A 47 ? 0.3782 0.4394 0.5068 -0.0575 -0.0766 0.0721  166 ARG A CG  
308 C CD  A ARG A 47 ? 0.5400 0.6058 0.6763 -0.0593 -0.0704 0.0858  166 ARG A CD  
309 C CD  B ARG A 47 ? 0.4802 0.5464 0.6238 -0.0630 -0.0745 0.0889  166 ARG A CD  
310 N NE  A ARG A 47 ? 0.6042 0.7055 0.7727 -0.0682 -0.0689 0.1151  166 ARG A NE  
311 N NE  B ARG A 47 ? 0.5346 0.5615 0.6796 -0.0704 -0.0900 0.0829  166 ARG A NE  
312 C CZ  A ARG A 47 ? 0.7400 0.8534 0.9166 -0.0699 -0.0631 0.1325  166 ARG A CZ  
313 C CZ  B ARG A 47 ? 0.7008 0.7156 0.8733 -0.0855 -0.1098 0.0941  166 ARG A CZ  
314 N NH1 A ARG A 47 ? 0.5165 0.6075 0.6723 -0.0633 -0.0598 0.1219  166 ARG A NH1 
315 N NH1 B ARG A 47 ? 0.5798 0.6227 0.7843 -0.0971 -0.1159 0.1149  166 ARG A NH1 
316 N NH2 A ARG A 47 ? 0.5466 0.6980 0.7539 -0.0780 -0.0605 0.1633  166 ARG A NH2 
317 N NH2 B ARG A 47 ? 0.5008 0.4751 0.6715 -0.0885 -0.1254 0.0849  166 ARG A NH2 
318 N N   . PHE A 48 ? 0.2364 0.3824 0.3482 -0.0166 -0.0423 0.0647  167 PHE A N   
319 C CA  . PHE A 48 ? 0.2234 0.4068 0.3444 -0.0035 -0.0338 0.0701  167 PHE A CA  
320 C C   . PHE A 48 ? 0.2583 0.4301 0.3623 0.0093  -0.0352 0.0527  167 PHE A C   
321 O O   . PHE A 48 ? 0.2644 0.4582 0.3672 0.0260  -0.0280 0.0502  167 PHE A O   
322 C CB  . PHE A 48 ? 0.2389 0.4520 0.3575 0.0075  -0.0191 0.0793  167 PHE A CB  
323 C CG  . PHE A 48 ? 0.2477 0.4789 0.3906 -0.0068 -0.0185 0.1037  167 PHE A CG  
324 C CD1 . PHE A 48 ? 0.2686 0.5318 0.4480 -0.0168 -0.0215 0.1261  167 PHE A CD1 
325 C CD2 . PHE A 48 ? 0.2777 0.4920 0.4111 -0.0122 -0.0178 0.1063  167 PHE A CD2 
326 C CE1 . PHE A 48 ? 0.2995 0.5763 0.5070 -0.0332 -0.0246 0.1520  167 PHE A CE1 
327 C CE2 . PHE A 48 ? 0.3328 0.5597 0.4916 -0.0270 -0.0205 0.1310  167 PHE A CE2 
328 C CZ  . PHE A 48 ? 0.3068 0.5641 0.5033 -0.0382 -0.0243 0.1544  167 PHE A CZ  
329 N N   . ASP A 49 ? 0.2615 0.4008 0.3550 0.0021  -0.0459 0.0424  168 ASP A N   
330 C CA  . ASP A 49 ? 0.2689 0.3963 0.3517 0.0097  -0.0508 0.0314  168 ASP A CA  
331 C C   . ASP A 49 ? 0.2741 0.3993 0.3425 0.0266  -0.0444 0.0209  168 ASP A C   
332 O O   . ASP A 49 ? 0.2772 0.4099 0.3483 0.0388  -0.0466 0.0166  168 ASP A O   
333 C CB  . ASP A 49 ? 0.3147 0.4664 0.4205 0.0098  -0.0572 0.0400  168 ASP A CB  
334 C CG  . ASP A 49 ? 0.6031 0.7543 0.7266 -0.0083 -0.0691 0.0503  168 ASP A CG  
335 O OD1 . ASP A 49 ? 0.6517 0.7708 0.7595 -0.0183 -0.0769 0.0433  168 ASP A OD1 
336 O OD2 . ASP A 49 ? 0.7177 0.9014 0.8722 -0.0116 -0.0710 0.0654  168 ASP A OD2 
337 N N   . LEU A 50 ? 0.2682 0.3804 0.3224 0.0277  -0.0391 0.0160  169 LEU A N   
338 C CA  . LEU A 50 ? 0.2813 0.3858 0.3223 0.0421  -0.0378 0.0048  169 LEU A CA  
339 C C   . LEU A 50 ? 0.3176 0.4497 0.3619 0.0613  -0.0336 0.0026  169 LEU A C   
340 O O   . LEU A 50 ? 0.3267 0.4485 0.3623 0.0758  -0.0386 -0.0099 169 LEU A O   
341 C CB  . LEU A 50 ? 0.3221 0.3986 0.3555 0.0414  -0.0467 -0.0030 169 LEU A CB  
342 C CG  . LEU A 50 ? 0.4137 0.4657 0.4376 0.0299  -0.0473 -0.0034 169 LEU A CG  
343 C CD1 . LEU A 50 ? 0.4453 0.4793 0.4652 0.0271  -0.0543 -0.0037 169 LEU A CD1 
344 C CD2 . LEU A 50 ? 0.4266 0.4711 0.4440 0.0339  -0.0446 -0.0081 169 LEU A CD2 
345 N N   . ARG A 51 ? 0.2495 0.4175 0.3073 0.0626  -0.0249 0.0154  170 ARG A N   
346 C CA  . ARG A 51 ? 0.2513 0.4542 0.3102 0.0849  -0.0169 0.0146  170 ARG A CA  
347 C C   . ARG A 51 ? 0.2875 0.4947 0.3268 0.0940  -0.0098 0.0116  170 ARG A C   
348 O O   . ARG A 51 ? 0.2828 0.5119 0.3282 0.0865  -0.0011 0.0276  170 ARG A O   
349 C CB  . ARG A 51 ? 0.2387 0.4860 0.3256 0.0820  -0.0096 0.0348  170 ARG A CB  
350 C CG  . ARG A 51 ? 0.2666 0.5112 0.3739 0.0737  -0.0194 0.0381  170 ARG A CG  
351 C CD  . ARG A 51 ? 0.2648 0.5493 0.4065 0.0622  -0.0160 0.0623  170 ARG A CD  
352 N NE  . ARG A 51 ? 0.3620 0.7006 0.5175 0.0816  -0.0010 0.0734  170 ARG A NE  
353 C CZ  . ARG A 51 ? 0.5383 0.9238 0.7288 0.0747  0.0054  0.0997  170 ARG A CZ  
354 N NH1 . ARG A 51 ? 0.3279 0.7069 0.5440 0.0474  -0.0057 0.1157  170 ARG A NH1 
355 N NH2 . ARG A 51 ? 0.3787 0.8188 0.5798 0.0958  0.0218  0.1104  170 ARG A NH2 
356 N N   . PHE A 52 ? 0.3169 0.4988 0.3336 0.1074  -0.0167 -0.0079 171 PHE A N   
357 C CA  . PHE A 52 ? 0.3242 0.5038 0.3202 0.1140  -0.0143 -0.0123 171 PHE A CA  
358 C C   . PHE A 52 ? 0.3655 0.5901 0.3527 0.1323  -0.0005 -0.0045 171 PHE A C   
359 O O   . PHE A 52 ? 0.3452 0.5748 0.3210 0.1295  0.0038  0.0022  171 PHE A O   
360 C CB  . PHE A 52 ? 0.3682 0.5108 0.3452 0.1245  -0.0290 -0.0346 171 PHE A CB  
361 C CG  . PHE A 52 ? 0.3544 0.4601 0.3386 0.1025  -0.0379 -0.0339 171 PHE A CG  
362 C CD1 . PHE A 52 ? 0.3967 0.4931 0.3773 0.0901  -0.0364 -0.0282 171 PHE A CD1 
363 C CD2 . PHE A 52 ? 0.3606 0.4445 0.3555 0.0957  -0.0467 -0.0368 171 PHE A CD2 
364 C CE1 . PHE A 52 ? 0.3899 0.4588 0.3783 0.0727  -0.0418 -0.0264 171 PHE A CE1 
365 C CE2 . PHE A 52 ? 0.3909 0.4481 0.3910 0.0775  -0.0518 -0.0332 171 PHE A CE2 
366 C CZ  . PHE A 52 ? 0.3775 0.4290 0.3746 0.0673  -0.0485 -0.0286 171 PHE A CZ  
367 N N   . VAL A 53 ? 0.3619 0.6223 0.3559 0.1504  0.0075  -0.0024 172 VAL A N   
368 C CA  . VAL A 53 ? 0.3696 0.6827 0.3571 0.1693  0.0244  0.0095  172 VAL A CA  
369 C C   . VAL A 53 ? 0.3364 0.6773 0.3486 0.1453  0.0351  0.0421  172 VAL A C   
370 O O   . VAL A 53 ? 0.3389 0.7045 0.3411 0.1484  0.0450  0.0559  172 VAL A O   
371 C CB  . VAL A 53 ? 0.4621 0.8108 0.4560 0.1957  0.0314  0.0053  172 VAL A CB  
372 C CG1 . VAL A 53 ? 0.4733 0.8891 0.4680 0.2134  0.0535  0.0255  172 VAL A CG1 
373 C CG2 . VAL A 53 ? 0.5001 0.8172 0.4669 0.2227  0.0177  -0.0287 172 VAL A CG2 
374 N N   . VAL A 54 ? 0.2795 0.6113 0.3231 0.1205  0.0300  0.0540  173 VAL A N   
375 C CA  . VAL A 54 ? 0.2466 0.5954 0.3181 0.0959  0.0337  0.0830  173 VAL A CA  
376 C C   . VAL A 54 ? 0.2734 0.5868 0.3320 0.0799  0.0275  0.0824  173 VAL A C   
377 O O   . VAL A 54 ? 0.2829 0.6163 0.3483 0.0722  0.0338  0.1038  173 VAL A O   
378 C CB  . VAL A 54 ? 0.2575 0.5999 0.3623 0.0767  0.0246  0.0904  173 VAL A CB  
379 C CG1 . VAL A 54 ? 0.2522 0.5996 0.3864 0.0492  0.0215  0.1166  173 VAL A CG1 
380 C CG2 . VAL A 54 ? 0.2477 0.6317 0.3711 0.0928  0.0311  0.0950  173 VAL A CG2 
381 N N   . ILE A 55 ? 0.2395 0.5026 0.2824 0.0751  0.0150  0.0600  174 ILE A N   
382 C CA  . ILE A 55 ? 0.2462 0.4771 0.2791 0.0627  0.0093  0.0579  174 ILE A CA  
383 C C   . ILE A 55 ? 0.2911 0.5383 0.3017 0.0766  0.0158  0.0604  174 ILE A C   
384 O O   . ILE A 55 ? 0.3033 0.5524 0.3179 0.0655  0.0173  0.0761  174 ILE A O   
385 C CB  . ILE A 55 ? 0.2591 0.4440 0.2799 0.0608  -0.0025 0.0348  174 ILE A CB  
386 C CG1 . ILE A 55 ? 0.2482 0.4176 0.2872 0.0453  -0.0090 0.0359  174 ILE A CG1 
387 C CG2 . ILE A 55 ? 0.2703 0.4274 0.2794 0.0540  -0.0072 0.0305  174 ILE A CG2 
388 C CD1 . ILE A 55 ? 0.3344 0.4695 0.3625 0.0477  -0.0183 0.0165  174 ILE A CD1 
389 N N   . HIS A 56 ? 0.2886 0.5471 0.2751 0.1021  0.0182  0.0448  175 HIS A N   
390 C CA  A HIS A 56 ? 0.3173 0.5915 0.2746 0.1206  0.0223  0.0428  175 HIS A CA  
391 C CA  B HIS A 56 ? 0.3204 0.5946 0.2779 0.1203  0.0224  0.0431  175 HIS A CA  
392 C C   . HIS A 56 ? 0.3503 0.6774 0.3164 0.1215  0.0389  0.0736  175 HIS A C   
393 O O   . HIS A 56 ? 0.3574 0.6921 0.3112 0.1206  0.0412  0.0857  175 HIS A O   
394 C CB  A HIS A 56 ? 0.3534 0.6270 0.2834 0.1507  0.0187  0.0164  175 HIS A CB  
395 C CB  B HIS A 56 ? 0.3609 0.6340 0.2896 0.1505  0.0185  0.0167  175 HIS A CB  
396 C CG  A HIS A 56 ? 0.4324 0.7223 0.3250 0.1756  0.0207  0.0093  175 HIS A CG  
397 C CG  B HIS A 56 ? 0.4405 0.7276 0.3324 0.1731  0.0200  0.0106  175 HIS A CG  
398 N ND1 A HIS A 56 ? 0.4811 0.8178 0.3570 0.2042  0.0344  0.0109  175 HIS A ND1 
399 N ND1 B HIS A 56 ? 0.4881 0.8299 0.3676 0.1934  0.0373  0.0248  175 HIS A ND1 
400 C CD2 A HIS A 56 ? 0.4724 0.7382 0.3403 0.1777  0.0099  -0.0005 175 HIS A CD2 
401 C CD2 B HIS A 56 ? 0.4829 0.7381 0.3486 0.1784  0.0055  -0.0070 175 HIS A CD2 
402 C CE1 A HIS A 56 ? 0.5099 0.8487 0.3470 0.2235  0.0314  0.0014  175 HIS A CE1 
403 C CE1 B HIS A 56 ? 0.5134 0.8532 0.3541 0.2119  0.0328  0.0136  175 HIS A CE1 
404 N NE2 A HIS A 56 ? 0.5088 0.8045 0.3408 0.2074  0.0154  -0.0057 175 HIS A NE2 
405 N NE2 B HIS A 56 ? 0.5163 0.8030 0.3484 0.2030  0.0122  -0.0063 175 HIS A NE2 
406 N N   . ASP A 57 ? 0.3274 0.6935 0.3177 0.1228  0.0496  0.0895  176 ASP A N   
407 C CA  . ASP A 57 ? 0.3069 0.7302 0.3142 0.1221  0.0659  0.1245  176 ASP A CA  
408 C C   . ASP A 57 ? 0.3308 0.7448 0.3666 0.0906  0.0615  0.1516  176 ASP A C   
409 O O   . ASP A 57 ? 0.3644 0.8126 0.4034 0.0890  0.0709  0.1800  176 ASP A O   
410 C CB  . ASP A 57 ? 0.3117 0.7782 0.3488 0.1274  0.0759  0.1367  176 ASP A CB  
411 C CG  . ASP A 57 ? 0.4014 0.9356 0.4614 0.1272  0.0943  0.1775  176 ASP A CG  
412 O OD1 . ASP A 57 ? 0.4357 1.0099 0.4672 0.1531  0.1094  0.1824  176 ASP A OD1 
413 O OD2 . ASP A 57 ? 0.3451 0.8908 0.4508 0.1002  0.0921  0.2063  176 ASP A OD2 
414 N N   . ARG A 58 ? 0.2886 0.6561 0.3431 0.0673  0.0466  0.1433  177 ARG A N   
415 C CA  . ARG A 58 ? 0.2979 0.6497 0.3811 0.0391  0.0385  0.1646  177 ARG A CA  
416 C C   . ARG A 58 ? 0.3621 0.6695 0.4280 0.0318  0.0283  0.1542  177 ARG A C   
417 O O   . ARG A 58 ? 0.3505 0.6389 0.4380 0.0112  0.0197  0.1681  177 ARG A O   
418 C CB  . ARG A 58 ? 0.2899 0.6219 0.4035 0.0207  0.0274  0.1626  177 ARG A CB  
419 C CG  . ARG A 58 ? 0.3181 0.7010 0.4597 0.0242  0.0363  0.1812  177 ARG A CG  
420 C CD  . ARG A 58 ? 0.4218 0.7902 0.6001 0.0019  0.0221  0.1875  177 ARG A CD  
421 N NE  . ARG A 58 ? 0.4401 0.7987 0.6480 -0.0234 0.0114  0.2119  177 ARG A NE  
422 C CZ  . ARG A 58 ? 0.4429 0.8442 0.6894 -0.0351 0.0146  0.2499  177 ARG A CZ  
423 N NH1 . ARG A 58 ? 0.3776 0.8416 0.6385 -0.0224 0.0316  0.2693  177 ARG A NH1 
424 N NH2 . ARG A 58 ? 0.3690 0.7520 0.6434 -0.0590 0.0001  0.2701  177 ARG A NH2 
425 N N   . TYR A 59 ? 0.3400 0.6325 0.3698 0.0495  0.0280  0.1310  178 TYR A N   
426 C CA  . TYR A 59 ? 0.3332 0.5880 0.3479 0.0453  0.0183  0.1204  178 TYR A CA  
427 C C   . TYR A 59 ? 0.3829 0.6516 0.4038 0.0374  0.0199  0.1479  178 TYR A C   
428 O O   . TYR A 59 ? 0.3775 0.6912 0.3940 0.0464  0.0314  0.1694  178 TYR A O   
429 C CB  . TYR A 59 ? 0.3670 0.6134 0.3448 0.0678  0.0163  0.0946  178 TYR A CB  
430 C CG  . TYR A 59 ? 0.3481 0.5465 0.3193 0.0624  0.0028  0.0732  178 TYR A CG  
431 C CD1 . TYR A 59 ? 0.3449 0.5142 0.3271 0.0545  -0.0035 0.0576  178 TYR A CD1 
432 C CD2 . TYR A 59 ? 0.3627 0.5491 0.3172 0.0662  -0.0037 0.0703  178 TYR A CD2 
433 C CE1 . TYR A 59 ? 0.3150 0.4479 0.2944 0.0502  -0.0135 0.0422  178 TYR A CE1 
434 C CE2 . TYR A 59 ? 0.3584 0.5067 0.3120 0.0619  -0.0157 0.0530  178 TYR A CE2 
435 C CZ  . TYR A 59 ? 0.3450 0.4687 0.3128 0.0535  -0.0194 0.0404  178 TYR A CZ  
436 O OH  . TYR A 59 ? 0.3376 0.4309 0.3081 0.0497  -0.0290 0.0272  178 TYR A OH  
437 N N   . ASP A 60 ? 0.3626 0.5947 0.3934 0.0223  0.0087  0.1481  179 ASP A N   
438 C CA  . ASP A 60 ? 0.3844 0.6237 0.4239 0.0140  0.0069  0.1748  179 ASP A CA  
439 C C   . ASP A 60 ? 0.4731 0.7223 0.4778 0.0312  0.0087  0.1719  179 ASP A C   
440 O O   . ASP A 60 ? 0.4482 0.6645 0.4412 0.0327  -0.0014 0.1549  179 ASP A O   
441 C CB  . ASP A 60 ? 0.4043 0.5991 0.4660 -0.0045 -0.0073 0.1733  179 ASP A CB  
442 C CG  . ASP A 60 ? 0.5973 0.7941 0.6792 -0.0170 -0.0129 0.2038  179 ASP A CG  
443 O OD1 . ASP A 60 ? 0.6171 0.8489 0.6899 -0.0108 -0.0055 0.2268  179 ASP A OD1 
444 O OD2 . ASP A 60 ? 0.7117 0.8737 0.8167 -0.0313 -0.0257 0.2041  179 ASP A OD2 
445 N N   . HIS A 61 ? 0.4972 0.7938 0.4868 0.0443  0.0208  0.1907  180 HIS A N   
446 C CA  . HIS A 61 ? 0.5345 0.8424 0.4851 0.0632  0.0210  0.1878  180 HIS A CA  
447 C C   . HIS A 61 ? 0.5918 0.9063 0.5493 0.0537  0.0176  0.2188  180 HIS A C   
448 O O   . HIS A 61 ? 0.5986 0.9265 0.5231 0.0688  0.0171  0.2212  180 HIS A O   
449 C CB  . HIS A 61 ? 0.5791 0.9330 0.4979 0.0899  0.0351  0.1852  180 HIS A CB  
450 C CG  . HIS A 61 ? 0.6211 0.9555 0.5236 0.1044  0.0316  0.1469  180 HIS A CG  
451 N ND1 . HIS A 61 ? 0.6424 0.9302 0.5290 0.1074  0.0151  0.1150  180 HIS A ND1 
452 C CD2 . HIS A 61 ? 0.6435 0.9977 0.5498 0.1142  0.0408  0.1389  180 HIS A CD2 
453 C CE1 . HIS A 61 ? 0.6373 0.9171 0.5173 0.1186  0.0142  0.0898  180 HIS A CE1 
454 N NE2 . HIS A 61 ? 0.6393 0.9569 0.5293 0.1241  0.0292  0.1017  180 HIS A NE2 
455 N N   . GLN A 62 ? 0.5416 0.8400 0.5401 0.0293  0.0117  0.2395  181 GLN A N   
456 C CA  . GLN A 62 ? 0.5641 0.8569 0.5757 0.0178  0.0037  0.2670  181 GLN A CA  
457 C C   . GLN A 62 ? 0.5877 0.8302 0.5914 0.0178  -0.0121 0.2407  181 GLN A C   
458 O O   . GLN A 62 ? 0.6109 0.8507 0.6013 0.0220  -0.0189 0.2488  181 GLN A O   
459 C CB  . GLN A 62 ? 0.5864 0.8772 0.6487 -0.0076 -0.0005 0.2974  181 GLN A CB  
460 C CG  . GLN A 62 ? 0.9218 1.1902 1.0071 -0.0228 -0.0148 0.3216  181 GLN A CG  
461 C CD  . GLN A 62 ? 1.2330 1.4654 1.3647 -0.0457 -0.0291 0.3262  181 GLN A CD  
462 O OE1 . GLN A 62 ? 1.1847 1.3759 1.3194 -0.0474 -0.0370 0.2935  181 GLN A OE1 
463 N NE2 . GLN A 62 ? 1.1403 1.3866 1.3086 -0.0632 -0.0347 0.3676  181 GLN A NE2 
464 N N   . GLN A 63 ? 0.4929 0.6995 0.5056 0.0140  -0.0174 0.2106  182 GLN A N   
465 C CA  . GLN A 63 ? 0.4717 0.6358 0.4842 0.0135  -0.0299 0.1876  182 GLN A CA  
466 C C   . GLN A 63 ? 0.4931 0.6516 0.4747 0.0301  -0.0315 0.1572  182 GLN A C   
467 O O   . GLN A 63 ? 0.4719 0.6088 0.4481 0.0335  -0.0422 0.1456  182 GLN A O   
468 C CB  . GLN A 63 ? 0.4724 0.6026 0.5138 0.0000  -0.0347 0.1751  182 GLN A CB  
469 C CG  . GLN A 63 ? 0.7778 0.8982 0.8539 -0.0176 -0.0411 0.1992  182 GLN A CG  
470 C CD  . GLN A 63 ? 1.0527 1.1339 1.1480 -0.0255 -0.0490 0.1799  182 GLN A CD  
471 O OE1 . GLN A 63 ? 0.9659 1.0182 1.0587 -0.0208 -0.0545 0.1600  182 GLN A OE1 
472 N NE2 . GLN A 63 ? 1.0084 1.0899 1.1231 -0.0367 -0.0501 0.1861  182 GLN A NE2 
473 N N   . PHE A 64 ? 0.4341 0.6083 0.4005 0.0397  -0.0232 0.1433  183 PHE A N   
474 C CA  . PHE A 64 ? 0.4097 0.5710 0.3532 0.0534  -0.0284 0.1127  183 PHE A CA  
475 C C   . PHE A 64 ? 0.5282 0.7189 0.4342 0.0752  -0.0245 0.1077  183 PHE A C   
476 O O   . PHE A 64 ? 0.5481 0.7767 0.4472 0.0811  -0.0115 0.1262  183 PHE A O   
477 C CB  . PHE A 64 ? 0.3843 0.5275 0.3435 0.0472  -0.0263 0.0948  183 PHE A CB  
478 C CG  . PHE A 64 ? 0.3709 0.4885 0.3617 0.0291  -0.0291 0.0995  183 PHE A CG  
479 C CD1 . PHE A 64 ? 0.3966 0.4891 0.3968 0.0250  -0.0383 0.0964  183 PHE A CD1 
480 C CD2 . PHE A 64 ? 0.3701 0.4896 0.3811 0.0181  -0.0238 0.1069  183 PHE A CD2 
481 C CE1 . PHE A 64 ? 0.4016 0.4712 0.4271 0.0131  -0.0406 0.0986  183 PHE A CE1 
482 C CE2 . PHE A 64 ? 0.3781 0.4707 0.4130 0.0047  -0.0292 0.1078  183 PHE A CE2 
483 C CZ  . PHE A 64 ? 0.3716 0.4394 0.4120 0.0037  -0.0368 0.1029  183 PHE A CZ  
484 N N   . LYS A 65 ? 0.5273 0.7011 0.4095 0.0884  -0.0371 0.0834  184 LYS A N   
485 C CA  . LYS A 65 ? 0.5675 0.7606 0.4073 0.1134  -0.0391 0.0717  184 LYS A CA  
486 C C   . LYS A 65 ? 0.6108 0.8159 0.4424 0.1258  -0.0305 0.0566  184 LYS A C   
487 O O   . LYS A 65 ? 0.5650 0.7585 0.4242 0.1133  -0.0260 0.0531  184 LYS A O   
488 C CB  . LYS A 65 ? 0.6199 0.7840 0.4413 0.1218  -0.0617 0.0488  184 LYS A CB  
489 C CG  . LYS A 65 ? 0.7378 0.8667 0.5728 0.1185  -0.0742 0.0214  184 LYS A CG  
490 C CD  . LYS A 65 ? 0.8538 0.9553 0.6842 0.1204  -0.0988 0.0068  184 LYS A CD  
491 C CE  . LYS A 65 ? 0.9728 1.0518 0.7912 0.1323  -0.1163 -0.0230 184 LYS A CE  
492 N NZ  . LYS A 65 ? 1.0745 1.1250 0.9008 0.1286  -0.1430 -0.0340 184 LYS A NZ  
493 N N   . LYS A 66 ? 0.6085 0.8374 0.4001 0.1525  -0.0290 0.0470  185 LYS A N   
494 C CA  . LYS A 66 ? 0.6126 0.8547 0.3916 0.1709  -0.0223 0.0300  185 LYS A CA  
495 C C   . LYS A 66 ? 0.6561 0.8526 0.4413 0.1701  -0.0407 -0.0019 185 LYS A C   
496 O O   . LYS A 66 ? 0.6919 0.8585 0.4626 0.1751  -0.0621 -0.0210 185 LYS A O   
497 C CB  . LYS A 66 ? 0.6978 0.9744 0.4268 0.2050  -0.0182 0.0239  185 LYS A CB  
498 C CG  . LYS A 66 ? 0.9478 1.2819 0.6719 0.2087  0.0050  0.0605  185 LYS A CG  
499 C CD  . LYS A 66 ? 1.1280 1.4990 0.7960 0.2474  0.0103  0.0519  185 LYS A CD  
500 C CE  . LYS A 66 ? 1.2791 1.7077 0.9364 0.2514  0.0304  0.0922  185 LYS A CE  
501 N NZ  . LYS A 66 ? 1.3670 1.8462 1.0567 0.2457  0.0573  0.1229  185 LYS A NZ  
502 N N   . ARG A 67 ? 0.5455 0.7375 0.3570 0.1615  -0.0339 -0.0045 186 ARG A N   
503 C CA  . ARG A 67 ? 0.5322 0.6860 0.3541 0.1593  -0.0488 -0.0289 186 ARG A CA  
504 C C   . ARG A 67 ? 0.5784 0.7470 0.3889 0.1801  -0.0434 -0.0427 186 ARG A C   
505 O O   . ARG A 67 ? 0.5915 0.7978 0.4088 0.1823  -0.0236 -0.0257 186 ARG A O   
506 C CB  . ARG A 67 ? 0.4896 0.6242 0.3532 0.1303  -0.0456 -0.0181 186 ARG A CB  
507 C CG  . ARG A 67 ? 0.4811 0.6039 0.3630 0.1096  -0.0473 -0.0024 186 ARG A CG  
508 C CD  . ARG A 67 ? 0.4707 0.5592 0.3543 0.1071  -0.0676 -0.0178 186 ARG A CD  
509 N NE  . ARG A 67 ? 0.3818 0.4591 0.2878 0.0890  -0.0688 -0.0044 186 ARG A NE  
510 C CZ  . ARG A 67 ? 0.4546 0.5101 0.3673 0.0856  -0.0850 -0.0112 186 ARG A CZ  
511 N NH1 . ARG A 67 ? 0.4557 0.4953 0.3554 0.0966  -0.1038 -0.0306 186 ARG A NH1 
512 N NH2 . ARG A 67 ? 0.4173 0.4665 0.3521 0.0718  -0.0844 0.0013  186 ARG A NH2 
513 N N   . SER A 68 ? 0.5370 0.6759 0.3361 0.1940  -0.0620 -0.0711 187 SER A N   
514 C CA  . SER A 68 ? 0.5379 0.6856 0.3310 0.2144  -0.0591 -0.0858 187 SER A CA  
515 C C   . SER A 68 ? 0.5203 0.6558 0.3529 0.1925  -0.0548 -0.0783 187 SER A C   
516 O O   . SER A 68 ? 0.4651 0.5770 0.3226 0.1662  -0.0593 -0.0695 187 SER A O   
517 C CB  . SER A 68 ? 0.6073 0.7214 0.3742 0.2379  -0.0853 -0.1200 187 SER A CB  
518 O OG  . SER A 68 ? 0.5933 0.6594 0.3858 0.2187  -0.1069 -0.1288 187 SER A OG  
519 N N   . VAL A 69 ? 0.4902 0.6407 0.3276 0.2052  -0.0478 -0.0830 188 VAL A N   
520 C CA  . VAL A 69 ? 0.4614 0.5991 0.3323 0.1870  -0.0468 -0.0776 188 VAL A CA  
521 C C   . VAL A 69 ? 0.5016 0.5884 0.3816 0.1766  -0.0700 -0.0924 188 VAL A C   
522 O O   . VAL A 69 ? 0.4641 0.5358 0.3699 0.1516  -0.0695 -0.0807 188 VAL A O   
523 C CB  . VAL A 69 ? 0.5246 0.6867 0.3978 0.2068  -0.0388 -0.0823 188 VAL A CB  
524 C CG1 . VAL A 69 ? 0.4928 0.6357 0.3966 0.1902  -0.0431 -0.0798 188 VAL A CG1 
525 C CG2 . VAL A 69 ? 0.5282 0.7485 0.4022 0.2137  -0.0138 -0.0606 188 VAL A CG2 
526 N N   . GLU A 70 ? 0.5188 0.5796 0.3781 0.1966  -0.0916 -0.1176 189 GLU A N   
527 C CA  A GLU A 70 ? 0.5234 0.5368 0.3972 0.1856  -0.1169 -0.1285 189 GLU A CA  
528 C CA  B GLU A 70 ? 0.5299 0.5427 0.4026 0.1863  -0.1174 -0.1292 189 GLU A CA  
529 C C   . GLU A 70 ? 0.5142 0.5159 0.4026 0.1599  -0.1188 -0.1142 189 GLU A C   
530 O O   . GLU A 70 ? 0.5085 0.4881 0.4246 0.1395  -0.1255 -0.1071 189 GLU A O   
531 C CB  A GLU A 70 ? 0.5972 0.5829 0.4470 0.2118  -0.1440 -0.1584 189 GLU A CB  
532 C CB  B GLU A 70 ? 0.6074 0.5942 0.4541 0.2128  -0.1441 -0.1588 189 GLU A CB  
533 C CG  A GLU A 70 ? 0.7446 0.7267 0.5899 0.2354  -0.1491 -0.1754 189 GLU A CG  
534 C CG  B GLU A 70 ? 0.8117 0.7497 0.6801 0.2049  -0.1734 -0.1700 189 GLU A CG  
535 C CD  A GLU A 70 ? 0.9461 0.9192 0.8266 0.2183  -0.1466 -0.1639 189 GLU A CD  
536 C CD  B GLU A 70 ? 1.2351 1.1380 1.0824 0.2300  -0.2066 -0.2013 189 GLU A CD  
537 O OE1 A GLU A 70 ? 0.8371 0.7752 0.7422 0.1977  -0.1637 -0.1598 189 GLU A OE1 
538 O OE1 B GLU A 70 ? 1.2860 1.2026 1.0975 0.2634  -0.2053 -0.2214 189 GLU A OE1 
539 O OE2 A GLU A 70 ? 0.8073 0.8113 0.6920 0.2249  -0.1275 -0.1564 189 GLU A OE2 
540 O OE2 B GLU A 70 ? 1.2012 1.0627 1.0691 0.2170  -0.2352 -0.2056 189 GLU A OE2 
541 N N   . ASP A 71 ? 0.4541 0.4744 0.3258 0.1613  -0.1114 -0.1075 190 ASP A N   
542 C CA  . ASP A 71 ? 0.4308 0.4428 0.3187 0.1388  -0.1124 -0.0932 190 ASP A CA  
543 C C   . ASP A 71 ? 0.4225 0.4424 0.3399 0.1147  -0.0945 -0.0721 190 ASP A C   
544 O O   . ASP A 71 ? 0.4088 0.4116 0.3487 0.0964  -0.0989 -0.0647 190 ASP A O   
545 C CB  . ASP A 71 ? 0.4685 0.5024 0.3333 0.1455  -0.1060 -0.0867 190 ASP A CB  
546 C CG  . ASP A 71 ? 0.5921 0.6157 0.4234 0.1682  -0.1267 -0.1073 190 ASP A CG  
547 O OD1 . ASP A 71 ? 0.6673 0.6580 0.4988 0.1749  -0.1515 -0.1280 190 ASP A OD1 
548 O OD2 . ASP A 71 ? 0.6725 0.7200 0.4767 0.1795  -0.1199 -0.1024 190 ASP A OD2 
549 N N   . LEU A 72 ? 0.3734 0.4211 0.2904 0.1160  -0.0751 -0.0619 191 LEU A N   
550 C CA  . LEU A 72 ? 0.3411 0.3931 0.2823 0.0951  -0.0618 -0.0450 191 LEU A CA  
551 C C   . LEU A 72 ? 0.3617 0.3914 0.3202 0.0871  -0.0691 -0.0493 191 LEU A C   
552 O O   . LEU A 72 ? 0.3355 0.3538 0.3113 0.0701  -0.0674 -0.0405 191 LEU A O   
553 C CB  . LEU A 72 ? 0.3408 0.4267 0.2819 0.0974  -0.0441 -0.0326 191 LEU A CB  
554 C CG  . LEU A 72 ? 0.3794 0.4952 0.3078 0.1034  -0.0339 -0.0204 191 LEU A CG  
555 C CD1 . LEU A 72 ? 0.3768 0.5270 0.3174 0.1004  -0.0176 -0.0025 191 LEU A CD1 
556 C CD2 . LEU A 72 ? 0.3560 0.4608 0.2907 0.0881  -0.0356 -0.0095 191 LEU A CD2 
557 N N   . LYS A 73 ? 0.3553 0.3789 0.3081 0.1014  -0.0779 -0.0626 192 LYS A N   
558 C CA  . LYS A 73 ? 0.3342 0.3368 0.3039 0.0943  -0.0865 -0.0640 192 LYS A CA  
559 C C   . LYS A 73 ? 0.3850 0.3595 0.3681 0.0832  -0.1019 -0.0640 192 LYS A C   
560 O O   . LYS A 73 ? 0.3661 0.3322 0.3680 0.0678  -0.1005 -0.0531 192 LYS A O   
561 C CB  . LYS A 73 ? 0.4061 0.4041 0.3681 0.1146  -0.0966 -0.0797 192 LYS A CB  
562 C CG  . LYS A 73 ? 0.4431 0.4720 0.4024 0.1241  -0.0811 -0.0759 192 LYS A CG  
563 C CD  . LYS A 73 ? 0.4801 0.5006 0.4377 0.1441  -0.0926 -0.0912 192 LYS A CD  
564 C CE  . LYS A 73 ? 0.7152 0.7726 0.6719 0.1577  -0.0772 -0.0878 192 LYS A CE  
565 N NZ  . LYS A 73 ? 0.9087 0.9594 0.8616 0.1829  -0.0888 -0.1056 192 LYS A NZ  
566 N N   . GLU A 74 ? 0.3777 0.3406 0.3517 0.0913  -0.1168 -0.0747 193 GLU A N   
567 C CA  A GLU A 74 ? 0.3968 0.3354 0.3898 0.0800  -0.1343 -0.0727 193 GLU A CA  
568 C CA  B GLU A 74 ? 0.3990 0.3378 0.3911 0.0805  -0.1346 -0.0731 193 GLU A CA  
569 C C   . GLU A 74 ? 0.3920 0.3408 0.4017 0.0610  -0.1202 -0.0540 193 GLU A C   
570 O O   . GLU A 74 ? 0.3695 0.3092 0.4033 0.0474  -0.1234 -0.0432 193 GLU A O   
571 C CB  A GLU A 74 ? 0.4540 0.3774 0.4333 0.0929  -0.1566 -0.0891 193 GLU A CB  
572 C CB  B GLU A 74 ? 0.4571 0.3846 0.4329 0.0936  -0.1541 -0.0887 193 GLU A CB  
573 C CG  A GLU A 74 ? 0.5898 0.4879 0.5631 0.1090  -0.1805 -0.1090 193 GLU A CG  
574 C CG  B GLU A 74 ? 0.5649 0.4660 0.5643 0.0830  -0.1788 -0.0879 193 GLU A CG  
575 C CD  A GLU A 74 ? 0.8832 0.7715 0.8252 0.1337  -0.1992 -0.1336 193 GLU A CD  
576 C CD  B GLU A 74 ? 0.8776 0.7649 0.8600 0.0955  -0.2025 -0.1045 193 GLU A CD  
577 O OE1 A GLU A 74 ? 0.8575 0.7534 0.7854 0.1351  -0.2001 -0.1342 193 GLU A OE1 
578 O OE1 B GLU A 74 ? 0.7707 0.6756 0.7216 0.1093  -0.1938 -0.1111 193 GLU A OE1 
579 O OE2 A GLU A 74 ? 0.8623 0.7342 0.7922 0.1533  -0.2144 -0.1533 193 GLU A OE2 
580 O OE2 B GLU A 74 ? 0.8279 0.6868 0.8299 0.0908  -0.2313 -0.1093 193 GLU A OE2 
581 N N   . ARG A 75 ? 0.3366 0.3055 0.3346 0.0611  -0.1044 -0.0488 194 ARG A N   
582 C CA  . ARG A 75 ? 0.3031 0.2792 0.3156 0.0466  -0.0924 -0.0340 194 ARG A CA  
583 C C   . ARG A 75 ? 0.2767 0.2555 0.3006 0.0364  -0.0796 -0.0242 194 ARG A C   
584 O O   . ARG A 75 ? 0.2809 0.2565 0.3224 0.0261  -0.0773 -0.0145 194 ARG A O   
585 C CB  . ARG A 75 ? 0.2968 0.2905 0.2952 0.0495  -0.0809 -0.0299 194 ARG A CB  
586 C CG  . ARG A 75 ? 0.2828 0.2805 0.2959 0.0372  -0.0701 -0.0166 194 ARG A CG  
587 C CD  . ARG A 75 ? 0.3001 0.2883 0.3317 0.0319  -0.0803 -0.0135 194 ARG A CD  
588 N NE  . ARG A 75 ? 0.2538 0.2484 0.2969 0.0256  -0.0700 -0.0030 194 ARG A NE  
589 C CZ  . ARG A 75 ? 0.2516 0.2450 0.3180 0.0194  -0.0697 0.0045  194 ARG A CZ  
590 N NH1 . ARG A 75 ? 0.2796 0.2674 0.3643 0.0158  -0.0804 0.0060  194 ARG A NH1 
591 N NH2 . ARG A 75 ? 0.2559 0.2549 0.3304 0.0176  -0.0600 0.0115  194 ARG A NH2 
592 N N   . TYR A 76 ? 0.2582 0.2454 0.2716 0.0407  -0.0720 -0.0264 195 TYR A N   
593 C CA  . TYR A 76 ? 0.2501 0.2391 0.2694 0.0327  -0.0629 -0.0190 195 TYR A CA  
594 C C   . TYR A 76 ? 0.2932 0.2682 0.3263 0.0278  -0.0716 -0.0154 195 TYR A C   
595 O O   . TYR A 76 ? 0.2836 0.2596 0.3263 0.0186  -0.0650 -0.0048 195 TYR A O   
596 C CB  . TYR A 76 ? 0.2666 0.2679 0.2757 0.0394  -0.0579 -0.0223 195 TYR A CB  
597 C CG  . TYR A 76 ? 0.2808 0.2843 0.2935 0.0315  -0.0512 -0.0157 195 TYR A CG  
598 C CD1 . TYR A 76 ? 0.2969 0.3074 0.3083 0.0242  -0.0415 -0.0095 195 TYR A CD1 
599 C CD2 . TYR A 76 ? 0.3060 0.3017 0.3224 0.0321  -0.0574 -0.0159 195 TYR A CD2 
600 C CE1 . TYR A 76 ? 0.3024 0.3122 0.3134 0.0184  -0.0389 -0.0060 195 TYR A CE1 
601 C CE2 . TYR A 76 ? 0.2741 0.2719 0.2901 0.0256  -0.0529 -0.0096 195 TYR A CE2 
602 C CZ  . TYR A 76 ? 0.3200 0.3242 0.3317 0.0191  -0.0440 -0.0058 195 TYR A CZ  
603 O OH  . TYR A 76 ? 0.3428 0.3472 0.3503 0.0145  -0.0429 -0.0025 195 TYR A OH  
604 N N   . TYR A 77 ? 0.3056 0.2682 0.3404 0.0350  -0.0873 -0.0237 196 TYR A N   
605 C CA  . TYR A 77 ? 0.3250 0.2732 0.3768 0.0293  -0.0983 -0.0172 196 TYR A CA  
606 C C   . TYR A 77 ? 0.3265 0.2682 0.4011 0.0189  -0.1056 -0.0064 196 TYR A C   
607 O O   . TYR A 77 ? 0.3231 0.2649 0.4148 0.0092  -0.1043 0.0092  196 TYR A O   
608 C CB  . TYR A 77 ? 0.3997 0.3343 0.4481 0.0410  -0.1139 -0.0290 196 TYR A CB  
609 C CG  . TYR A 77 ? 0.3975 0.3452 0.4348 0.0460  -0.1027 -0.0298 196 TYR A CG  
610 C CD1 . TYR A 77 ? 0.4041 0.3575 0.4459 0.0355  -0.0934 -0.0163 196 TYR A CD1 
611 C CD2 . TYR A 77 ? 0.4190 0.3767 0.4411 0.0619  -0.1013 -0.0431 196 TYR A CD2 
612 C CE1 . TYR A 77 ? 0.3877 0.3519 0.4215 0.0392  -0.0871 -0.0168 196 TYR A CE1 
613 C CE2 . TYR A 77 ? 0.4279 0.4013 0.4462 0.0655  -0.0922 -0.0413 196 TYR A CE2 
614 C CZ  . TYR A 77 ? 0.4406 0.4157 0.4660 0.0531  -0.0866 -0.0284 196 TYR A CZ  
615 O OH  . TYR A 77 ? 0.4496 0.4397 0.4732 0.0552  -0.0806 -0.0259 196 TYR A OH  
616 N N   . HIS A 78 ? 0.3067 0.2472 0.3833 0.0204  -0.1115 -0.0112 197 HIS A N   
617 C CA  A HIS A 78 ? 0.3152 0.2543 0.4196 0.0095  -0.1182 0.0021  197 HIS A CA  
618 C CA  B HIS A 78 ? 0.3087 0.2488 0.4120 0.0099  -0.1175 0.0016  197 HIS A CA  
619 C CA  C HIS A 78 ? 0.3167 0.2560 0.4211 0.0095  -0.1180 0.0021  197 HIS A CA  
620 C C   . HIS A 78 ? 0.2933 0.2530 0.4036 0.0017  -0.0954 0.0177  197 HIS A C   
621 O O   . HIS A 78 ? 0.2945 0.2604 0.4295 -0.0075 -0.0941 0.0352  197 HIS A O   
622 C CB  A HIS A 78 ? 0.3462 0.2782 0.4515 0.0137  -0.1337 -0.0074 197 HIS A CB  
623 C CB  B HIS A 78 ? 0.3257 0.2643 0.4250 0.0145  -0.1264 -0.0075 197 HIS A CB  
624 C CB  C HIS A 78 ? 0.3480 0.2811 0.4533 0.0133  -0.1324 -0.0067 197 HIS A CB  
625 C CG  A HIS A 78 ? 0.4249 0.3316 0.5282 0.0219  -0.1620 -0.0228 197 HIS A CG  
626 C CG  B HIS A 78 ? 0.3710 0.3123 0.5018 0.0040  -0.1335 0.0062  197 HIS A CG  
627 C CG  C HIS A 78 ? 0.4274 0.3371 0.5249 0.0237  -0.1587 -0.0246 197 HIS A CG  
628 N ND1 A HIS A 78 ? 0.4666 0.3628 0.5511 0.0338  -0.1668 -0.0367 197 HIS A ND1 
629 N ND1 B HIS A 78 ? 0.3771 0.3381 0.5155 -0.0003 -0.1157 0.0173  197 HIS A ND1 
630 N ND1 C HIS A 78 ? 0.4689 0.3736 0.5489 0.0344  -0.1706 -0.0400 197 HIS A ND1 
631 C CD2 A HIS A 78 ? 0.4783 0.3675 0.5960 0.0211  -0.1885 -0.0277 197 HIS A CD2 
632 C CD2 B HIS A 78 ? 0.4138 0.3410 0.5724 -0.0021 -0.1581 0.0103  197 HIS A CD2 
633 C CD2 C HIS A 78 ? 0.4820 0.3715 0.5846 0.0269  -0.1760 -0.0303 197 HIS A CD2 
634 C CE1 A HIS A 78 ? 0.4947 0.3657 0.5808 0.0417  -0.1956 -0.0512 197 HIS A CE1 
635 C CE1 B HIS A 78 ? 0.3763 0.3391 0.5481 -0.0084 -0.1274 0.0293  197 HIS A CE1 
636 C CE1 C HIS A 78 ? 0.5016 0.3827 0.5737 0.0455  -0.1946 -0.0569 197 HIS A CE1 
637 N NE2 A HIS A 78 ? 0.5062 0.3703 0.6113 0.0338  -0.2110 -0.0468 197 HIS A NE2 
638 N NE2 B HIS A 78 ? 0.3996 0.3428 0.5865 -0.0113 -0.1537 0.0267  197 HIS A NE2 
639 N NE2 C HIS A 78 ? 0.5101 0.3799 0.5976 0.0412  -0.1993 -0.0520 197 HIS A NE2 
640 N N   . ILE A 79 ? 0.2588 0.2298 0.3464 0.0063  -0.0774 0.0123  198 ILE A N   
641 C CA  . ILE A 79 ? 0.2335 0.2188 0.3217 0.0027  -0.0584 0.0221  198 ILE A CA  
642 C C   . ILE A 79 ? 0.2393 0.2274 0.3268 -0.0006 -0.0524 0.0313  198 ILE A C   
643 O O   . ILE A 79 ? 0.2551 0.2552 0.3537 -0.0043 -0.0428 0.0454  198 ILE A O   
644 C CB  . ILE A 79 ? 0.2477 0.2374 0.3150 0.0076  -0.0476 0.0135  198 ILE A CB  
645 C CG1 . ILE A 79 ? 0.2536 0.2449 0.3276 0.0091  -0.0513 0.0121  198 ILE A CG1 
646 C CG2 . ILE A 79 ? 0.2484 0.2458 0.3096 0.0068  -0.0317 0.0185  198 ILE A CG2 
647 C CD1 . ILE A 79 ? 0.2769 0.2708 0.3324 0.0134  -0.0453 0.0057  198 ILE A CD1 
648 N N   . CYS A 80 ? 0.2357 0.2154 0.3107 0.0019  -0.0581 0.0249  199 CYS A N   
649 C CA  . CYS A 80 ? 0.2376 0.2193 0.3111 -0.0012 -0.0548 0.0350  199 CYS A CA  
650 C C   . CYS A 80 ? 0.2590 0.2422 0.3595 -0.0091 -0.0610 0.0542  199 CYS A C   
651 O O   . CYS A 80 ? 0.2689 0.2658 0.3710 -0.0122 -0.0497 0.0701  199 CYS A O   
652 C CB  . CYS A 80 ? 0.2461 0.2183 0.3084 0.0035  -0.0635 0.0258  199 CYS A CB  
653 S SG  . CYS A 80 ? 0.2759 0.2554 0.3133 0.0096  -0.0538 0.0123  199 CYS A SG  
654 N N   . ALA A 81 ? 0.2681 0.2376 0.3898 -0.0117 -0.0804 0.0536  200 ALA A N   
655 C CA  . ALA A 81 ? 0.2890 0.2584 0.4449 -0.0220 -0.0910 0.0752  200 ALA A CA  
656 C C   . ALA A 81 ? 0.2738 0.2674 0.4489 -0.0275 -0.0768 0.0929  200 ALA A C   
657 O O   . ALA A 81 ? 0.2972 0.3081 0.4901 -0.0341 -0.0693 0.1176  200 ALA A O   
658 C CB  . ALA A 81 ? 0.3234 0.2678 0.4979 -0.0229 -0.1196 0.0672  200 ALA A CB  
659 N N   . LYS A 82 ? 0.2480 0.2466 0.4192 -0.0231 -0.0716 0.0821  201 LYS A N   
660 C CA  A LYS A 82 ? 0.2392 0.2623 0.4303 -0.0254 -0.0580 0.0974  201 LYS A CA  
661 C CA  B LYS A 82 ? 0.2407 0.2637 0.4317 -0.0253 -0.0580 0.0974  201 LYS A CA  
662 C C   . LYS A 82 ? 0.2823 0.3275 0.4561 -0.0202 -0.0324 0.1062  201 LYS A C   
663 O O   . LYS A 82 ? 0.2733 0.3437 0.4682 -0.0228 -0.0212 0.1292  201 LYS A O   
664 C CB  A LYS A 82 ? 0.2598 0.2812 0.4470 -0.0201 -0.0588 0.0829  201 LYS A CB  
665 C CB  B LYS A 82 ? 0.2642 0.2858 0.4512 -0.0200 -0.0584 0.0828  201 LYS A CB  
666 C CG  A LYS A 82 ? 0.2692 0.3151 0.4844 -0.0213 -0.0489 0.0984  201 LYS A CG  
667 C CG  B LYS A 82 ? 0.3162 0.3628 0.5295 -0.0207 -0.0473 0.0979  201 LYS A CG  
668 C CD  A LYS A 82 ? 0.3157 0.3667 0.5786 -0.0333 -0.0665 0.1187  201 LYS A CD  
669 C CD  B LYS A 82 ? 0.3962 0.4538 0.6581 -0.0326 -0.0600 0.1223  201 LYS A CD  
670 C CE  A LYS A 82 ? 0.3049 0.3893 0.6011 -0.0339 -0.0532 0.1390  201 LYS A CE  
671 C CE  B LYS A 82 ? 0.4953 0.5417 0.7804 -0.0366 -0.0830 0.1172  201 LYS A CE  
672 N NZ  A LYS A 82 ? 0.4030 0.4946 0.7531 -0.0480 -0.0730 0.1617  201 LYS A NZ  
673 N NZ  B LYS A 82 ? 0.6015 0.6527 0.9377 -0.0509 -0.1023 0.1407  201 LYS A NZ  
674 N N   . LEU A 83 ? 0.2586 0.2960 0.3940 -0.0120 -0.0237 0.0886  202 LEU A N   
675 C CA  . LEU A 83 ? 0.2590 0.3121 0.3716 -0.0048 -0.0036 0.0919  202 LEU A CA  
676 C C   . LEU A 83 ? 0.2855 0.3497 0.4022 -0.0090 -0.0009 0.1129  202 LEU A C   
677 O O   . LEU A 83 ? 0.2943 0.3843 0.4097 -0.0045 0.0163  0.1288  202 LEU A O   
678 C CB  . LEU A 83 ? 0.2545 0.2924 0.3307 0.0019  -0.0019 0.0695  202 LEU A CB  
679 C CG  . LEU A 83 ? 0.2899 0.3211 0.3608 0.0067  -0.0010 0.0534  202 LEU A CG  
680 C CD1 . LEU A 83 ? 0.3085 0.3253 0.3509 0.0099  -0.0029 0.0359  202 LEU A CD1 
681 C CD2 . LEU A 83 ? 0.3096 0.3577 0.3859 0.0143  0.0141  0.0579  202 LEU A CD2 
682 N N   . ALA A 84 ? 0.2595 0.3063 0.3827 -0.0165 -0.0184 0.1149  203 ALA A N   
683 C CA  . ALA A 84 ? 0.2646 0.3203 0.3949 -0.0219 -0.0186 0.1386  203 ALA A CA  
684 C C   . ALA A 84 ? 0.3078 0.3909 0.4761 -0.0290 -0.0125 0.1701  203 ALA A C   
685 O O   . ALA A 84 ? 0.3318 0.4413 0.4977 -0.0278 0.0025  0.1933  203 ALA A O   
686 C CB  . ALA A 84 ? 0.2831 0.3122 0.4226 -0.0283 -0.0424 0.1357  203 ALA A CB  
687 N N   . ASN A 85 ? 0.2961 0.3760 0.4996 -0.0357 -0.0242 0.1722  204 ASN A N   
688 C CA  . ASN A 85 ? 0.3184 0.4260 0.5680 -0.0448 -0.0216 0.2046  204 ASN A CA  
689 C C   . ASN A 85 ? 0.3783 0.5248 0.6249 -0.0344 0.0069  0.2134  204 ASN A C   
690 O O   . ASN A 85 ? 0.3991 0.5813 0.6656 -0.0362 0.0210  0.2454  204 ASN A O   
691 C CB  . ASN A 85 ? 0.3266 0.4164 0.6149 -0.0550 -0.0472 0.2021  204 ASN A CB  
692 C CG  . ASN A 85 ? 0.4897 0.5466 0.7926 -0.0652 -0.0772 0.2027  204 ASN A CG  
693 O OD1 . ASN A 85 ? 0.5052 0.5662 0.8223 -0.0732 -0.0807 0.2270  204 ASN A OD1 
694 N ND2 . ASN A 85 ? 0.4045 0.4278 0.7033 -0.0636 -0.1001 0.1765  204 ASN A ND2 
695 N N   . VAL A 86 ? 0.3297 0.4710 0.5521 -0.0223 0.0155  0.1870  205 VAL A N   
696 C CA  . VAL A 86 ? 0.3482 0.5237 0.5699 -0.0093 0.0405  0.1928  205 VAL A CA  
697 C C   . VAL A 86 ? 0.4067 0.5997 0.5863 0.0056  0.0636  0.1936  205 VAL A C   
698 O O   . VAL A 86 ? 0.4355 0.6655 0.6174 0.0178  0.0860  0.2071  205 VAL A O   
699 C CB  . VAL A 86 ? 0.3939 0.5568 0.6092 -0.0012 0.0394  0.1673  205 VAL A CB  
700 C CG1 . VAL A 86 ? 0.3811 0.5306 0.6357 -0.0144 0.0161  0.1691  205 VAL A CG1 
701 C CG2 . VAL A 86 ? 0.3954 0.5271 0.5624 0.0070  0.0373  0.1345  205 VAL A CG2 
702 N N   . ARG A 87 ? 0.3540 0.5239 0.4977 0.0056  0.0573  0.1811  206 ARG A N   
703 C CA  . ARG A 87 ? 0.3684 0.5507 0.4683 0.0198  0.0742  0.1794  206 ARG A CA  
704 C C   . ARG A 87 ? 0.4582 0.6664 0.5672 0.0142  0.0798  0.2142  206 ARG A C   
705 O O   . ARG A 87 ? 0.4965 0.7197 0.5675 0.0267  0.0941  0.2170  206 ARG A O   
706 C CB  . ARG A 87 ? 0.3607 0.5072 0.4186 0.0230  0.0634  0.1487  206 ARG A CB  
707 C CG  . ARG A 87 ? 0.3648 0.4920 0.4107 0.0304  0.0616  0.1190  206 ARG A CG  
708 C CD  . ARG A 87 ? 0.3011 0.3949 0.3198 0.0282  0.0471  0.0945  206 ARG A CD  
709 N NE  . ARG A 87 ? 0.3098 0.3877 0.3204 0.0341  0.0455  0.0712  206 ARG A NE  
710 C CZ  . ARG A 87 ? 0.3030 0.3561 0.2931 0.0336  0.0351  0.0505  206 ARG A CZ  
711 N NH1 . ARG A 87 ? 0.2950 0.3370 0.2704 0.0285  0.0256  0.0483  206 ARG A NH1 
712 N NH2 . ARG A 87 ? 0.3230 0.3636 0.3108 0.0377  0.0332  0.0342  206 ARG A NH2 
713 N N   . ALA A 88 ? 0.4089 0.6218 0.5680 -0.0044 0.0668  0.2415  207 ALA A N   
714 C CA  . ALA A 88 ? 0.5130 0.7488 0.6898 -0.0135 0.0684  0.2805  207 ALA A CA  
715 C C   . ALA A 88 ? 1.0270 1.3198 1.2236 -0.0065 0.0949  0.3143  207 ALA A C   
716 O O   . ALA A 88 ? 0.6627 0.9801 0.8180 0.0142  0.1191  0.3098  207 ALA A O   
717 C CB  . ALA A 88 ? 0.5129 0.7264 0.7388 -0.0364 0.0396  0.2959  207 ALA A CB  
# 
loop_
_pdbx_poly_seq_scheme.asym_id 
_pdbx_poly_seq_scheme.entity_id 
_pdbx_poly_seq_scheme.seq_id 
_pdbx_poly_seq_scheme.mon_id 
_pdbx_poly_seq_scheme.ndb_seq_num 
_pdbx_poly_seq_scheme.pdb_seq_num 
_pdbx_poly_seq_scheme.auth_seq_num 
_pdbx_poly_seq_scheme.pdb_mon_id 
_pdbx_poly_seq_scheme.auth_mon_id 
_pdbx_poly_seq_scheme.pdb_strand_id 
_pdbx_poly_seq_scheme.pdb_ins_code 
_pdbx_poly_seq_scheme.hetero 
A 1 1  GLY 1  0   ?   ?   ?   A . n 
A 1 2  GLY 2  121 ?   ?   ?   A . n 
A 1 3  LYS 3  122 ?   ?   ?   A . n 
A 1 4  ASP 4  123 ?   ?   ?   A . n 
A 1 5  TYR 5  124 ?   ?   ?   A . n 
A 1 6  PRO 6  125 ?   ?   ?   A . n 
A 1 7  PHE 7  126 ?   ?   ?   A . n 
A 1 8  ALA 8  127 ?   ?   ?   A . n 
A 1 9  ARG 9  128 ?   ?   ?   A . n 
A 1 10 PHE 10 129 ?   ?   ?   A . n 
A 1 11 ASN 11 130 ?   ?   ?   A . n 
A 1 12 LYS 12 131 ?   ?   ?   A . n 
A 1 13 THR 13 132 ?   ?   ?   A . n 
A 1 14 VAL 14 133 133 VAL VAL A . n 
A 1 15 GLN 15 134 134 GLN GLN A . n 
A 1 16 VAL 16 135 135 VAL VAL A . n 
A 1 17 PRO 17 136 136 PRO PRO A . n 
A 1 18 VAL 18 137 137 VAL VAL A . n 
A 1 19 TYR 19 138 138 TYR TYR A . n 
A 1 20 SER 20 139 139 SER SER A . n 
A 1 21 GLU 21 140 140 GLU GLU A . n 
A 1 22 GLN 22 141 141 GLN GLN A . n 
A 1 23 GLU 23 142 142 GLU GLU A . n 
A 1 24 TYR 24 143 143 TYR TYR A . n 
A 1 25 GLN 25 144 144 GLN GLN A . n 
A 1 26 LEU 26 145 145 LEU LEU A . n 
A 1 27 TYR 27 146 146 TYR TYR A . n 
A 1 28 LEU 28 147 147 LEU LEU A . n 
A 1 29 HIS 29 148 148 HIS HIS A . n 
A 1 30 ASP 30 149 149 ASP ASP A . n 
A 1 31 ASP 31 150 150 ASP ASP A . n 
A 1 32 ALA 32 151 151 ALA ALA A . n 
A 1 33 TRP 33 152 152 TRP TRP A . n 
A 1 34 THR 34 153 153 THR THR A . n 
A 1 35 LYS 35 154 154 LYS LYS A . n 
A 1 36 ALA 36 155 155 ALA ALA A . n 
A 1 37 GLU 37 156 156 GLU GLU A . n 
A 1 38 THR 38 157 157 THR THR A . n 
A 1 39 ASP 39 158 158 ASP ASP A . n 
A 1 40 HIS 40 159 159 HIS HIS A . n 
A 1 41 LEU 41 160 160 LEU LEU A . n 
A 1 42 PHE 42 161 161 PHE PHE A . n 
A 1 43 ASP 43 162 162 ASP ASP A . n 
A 1 44 LEU 44 163 163 LEU LEU A . n 
A 1 45 SER 45 164 164 SER SER A . n 
A 1 46 ARG 46 165 165 ARG ARG A . n 
A 1 47 ARG 47 166 166 ARG ARG A . n 
A 1 48 PHE 48 167 167 PHE PHE A . n 
A 1 49 ASP 49 168 168 ASP ASP A . n 
A 1 50 LEU 50 169 169 LEU LEU A . n 
A 1 51 ARG 51 170 170 ARG ARG A . n 
A 1 52 PHE 52 171 171 PHE PHE A . n 
A 1 53 VAL 53 172 172 VAL VAL A . n 
A 1 54 VAL 54 173 173 VAL VAL A . n 
A 1 55 ILE 55 174 174 ILE ILE A . n 
A 1 56 HIS 56 175 175 HIS HIS A . n 
A 1 57 ASP 57 176 176 ASP ASP A . n 
A 1 58 ARG 58 177 177 ARG ARG A . n 
A 1 59 TYR 59 178 178 TYR TYR A . n 
A 1 60 ASP 60 179 179 ASP ASP A . n 
A 1 61 HIS 61 180 180 HIS HIS A . n 
A 1 62 GLN 62 181 181 GLN GLN A . n 
A 1 63 GLN 63 182 182 GLN GLN A . n 
A 1 64 PHE 64 183 183 PHE PHE A . n 
A 1 65 LYS 65 184 184 LYS LYS A . n 
A 1 66 LYS 66 185 185 LYS LYS A . n 
A 1 67 ARG 67 186 186 ARG ARG A . n 
A 1 68 SER 68 187 187 SER SER A . n 
A 1 69 VAL 69 188 188 VAL VAL A . n 
A 1 70 GLU 70 189 189 GLU GLU A . n 
A 1 71 ASP 71 190 190 ASP ASP A . n 
A 1 72 LEU 72 191 191 LEU LEU A . n 
A 1 73 LYS 73 192 192 LYS LYS A . n 
A 1 74 GLU 74 193 193 GLU GLU A . n 
A 1 75 ARG 75 194 194 ARG ARG A . n 
A 1 76 TYR 76 195 195 TYR TYR A . n 
A 1 77 TYR 77 196 196 TYR TYR A . n 
A 1 78 HIS 78 197 197 HIS HIS A . n 
A 1 79 ILE 79 198 198 ILE ILE A . n 
A 1 80 CYS 80 199 199 CYS CYS A . n 
A 1 81 ALA 81 200 200 ALA ALA A . n 
A 1 82 LYS 82 201 201 LYS LYS A . n 
A 1 83 LEU 83 202 202 LEU LEU A . n 
A 1 84 ALA 84 203 203 ALA ALA A . n 
A 1 85 ASN 85 204 204 ASN ASN A . n 
A 1 86 VAL 86 205 205 VAL VAL A . n 
A 1 87 ARG 87 206 206 ARG ARG A . n 
A 1 88 ALA 88 207 207 ALA ALA A . n 
A 1 89 VAL 89 208 ?   ?   ?   A . n 
A 1 90 PRO 90 209 ?   ?   ?   A . n 
A 1 91 GLY 91 210 ?   ?   ?   A . n 
A 1 92 THR 92 211 ?   ?   ?   A . n 
A 1 93 ASP 93 212 ?   ?   ?   A . n 
# 
loop_
_pdbx_SG_project.project_name 
_pdbx_SG_project.full_name_of_center 
_pdbx_SG_project.id 
_pdbx_SG_project.initial_of_center 
PSI:Biology 'Joint Center for Structural Genomics' 1 JCSG  
PSI:Biology 'Partnership for T-Cell Biology'       2 TCELL 
# 
loop_
_pdbx_nonpoly_scheme.asym_id 
_pdbx_nonpoly_scheme.entity_id 
_pdbx_nonpoly_scheme.mon_id 
_pdbx_nonpoly_scheme.ndb_seq_num 
_pdbx_nonpoly_scheme.pdb_seq_num 
_pdbx_nonpoly_scheme.auth_seq_num 
_pdbx_nonpoly_scheme.pdb_mon_id 
_pdbx_nonpoly_scheme.auth_mon_id 
_pdbx_nonpoly_scheme.pdb_strand_id 
_pdbx_nonpoly_scheme.pdb_ins_code 
B 2 CA  1  301 469 CA  CA  A . 
C 3 HOH 1  401 470 HOH HOH A . 
C 3 HOH 2  402 471 HOH HOH A . 
C 3 HOH 3  403 472 HOH HOH A . 
C 3 HOH 4  404 473 HOH HOH A . 
C 3 HOH 5  405 474 HOH HOH A . 
C 3 HOH 6  406 475 HOH HOH A . 
C 3 HOH 7  407 476 HOH HOH A . 
C 3 HOH 8  408 477 HOH HOH A . 
C 3 HOH 9  409 478 HOH HOH A . 
C 3 HOH 10 410 479 HOH HOH A . 
C 3 HOH 11 411 480 HOH HOH A . 
C 3 HOH 12 412 481 HOH HOH A . 
C 3 HOH 13 413 482 HOH HOH A . 
C 3 HOH 14 414 483 HOH HOH A . 
C 3 HOH 15 415 484 HOH HOH A . 
C 3 HOH 16 416 485 HOH HOH A . 
C 3 HOH 17 417 486 HOH HOH A . 
C 3 HOH 18 418 487 HOH HOH A . 
C 3 HOH 19 419 488 HOH HOH A . 
C 3 HOH 20 420 489 HOH HOH A . 
C 3 HOH 21 421 490 HOH HOH A . 
C 3 HOH 22 422 491 HOH HOH A . 
C 3 HOH 23 423 492 HOH HOH A . 
C 3 HOH 24 424 493 HOH HOH A . 
C 3 HOH 25 425 494 HOH HOH A . 
C 3 HOH 26 426 495 HOH HOH A . 
C 3 HOH 27 427 496 HOH HOH A . 
C 3 HOH 28 428 497 HOH HOH A . 
C 3 HOH 29 429 498 HOH HOH A . 
C 3 HOH 30 430 499 HOH HOH A . 
C 3 HOH 31 431 500 HOH HOH A . 
C 3 HOH 32 432 501 HOH HOH A . 
C 3 HOH 33 433 502 HOH HOH A . 
C 3 HOH 34 434 503 HOH HOH A . 
C 3 HOH 35 435 504 HOH HOH A . 
C 3 HOH 36 436 505 HOH HOH A . 
C 3 HOH 37 437 506 HOH HOH A . 
C 3 HOH 38 438 507 HOH HOH A . 
C 3 HOH 39 439 508 HOH HOH A . 
C 3 HOH 40 440 509 HOH HOH A . 
C 3 HOH 41 441 510 HOH HOH A . 
C 3 HOH 42 442 511 HOH HOH A . 
C 3 HOH 43 443 512 HOH HOH A . 
C 3 HOH 44 444 513 HOH HOH A . 
C 3 HOH 45 445 514 HOH HOH A . 
C 3 HOH 46 446 515 HOH HOH A . 
C 3 HOH 47 447 516 HOH HOH A . 
C 3 HOH 48 448 517 HOH HOH A . 
C 3 HOH 49 449 518 HOH HOH A . 
C 3 HOH 50 450 519 HOH HOH A . 
C 3 HOH 51 451 520 HOH HOH A . 
C 3 HOH 52 452 521 HOH HOH A . 
C 3 HOH 53 453 522 HOH HOH A . 
C 3 HOH 54 454 523 HOH HOH A . 
C 3 HOH 55 455 524 HOH HOH A . 
C 3 HOH 56 456 525 HOH HOH A . 
C 3 HOH 57 457 526 HOH HOH A . 
C 3 HOH 58 458 527 HOH HOH A . 
C 3 HOH 59 459 528 HOH HOH A . 
C 3 HOH 60 460 529 HOH HOH A . 
C 3 HOH 61 461 530 HOH HOH A . 
C 3 HOH 62 462 531 HOH HOH A . 
C 3 HOH 63 463 532 HOH HOH A . 
C 3 HOH 64 464 533 HOH HOH A . 
C 3 HOH 65 465 534 HOH HOH A . 
C 3 HOH 66 466 535 HOH HOH A . 
C 3 HOH 67 467 536 HOH HOH A . 
C 3 HOH 68 468 537 HOH HOH A . 
C 3 HOH 69 469 538 HOH HOH A . 
C 3 HOH 70 470 539 HOH HOH A . 
C 3 HOH 71 471 540 HOH HOH A . 
C 3 HOH 72 472 541 HOH HOH A . 
C 3 HOH 73 473 542 HOH HOH A . 
C 3 HOH 74 474 543 HOH HOH A . 
C 3 HOH 75 475 544 HOH HOH A . 
C 3 HOH 76 476 545 HOH HOH A . 
# 
_pdbx_struct_assembly.id                   1 
_pdbx_struct_assembly.details              author_defined_assembly 
_pdbx_struct_assembly.method_details       ? 
_pdbx_struct_assembly.oligomeric_details   monomeric 
_pdbx_struct_assembly.oligomeric_count     1 
# 
_pdbx_struct_assembly_gen.assembly_id       1 
_pdbx_struct_assembly_gen.oper_expression   1 
_pdbx_struct_assembly_gen.asym_id_list      A,B,C 
# 
_pdbx_struct_oper_list.id                   1 
_pdbx_struct_oper_list.type                 'identity operation' 
_pdbx_struct_oper_list.name                 1_555 
_pdbx_struct_oper_list.symmetry_operation   x,y,z 
_pdbx_struct_oper_list.matrix[1][1]         1.0000000000 
_pdbx_struct_oper_list.matrix[1][2]         0.0000000000 
_pdbx_struct_oper_list.matrix[1][3]         0.0000000000 
_pdbx_struct_oper_list.vector[1]            0.0000000000 
_pdbx_struct_oper_list.matrix[2][1]         0.0000000000 
_pdbx_struct_oper_list.matrix[2][2]         1.0000000000 
_pdbx_struct_oper_list.matrix[2][3]         0.0000000000 
_pdbx_struct_oper_list.vector[2]            0.0000000000 
_pdbx_struct_oper_list.matrix[3][1]         0.0000000000 
_pdbx_struct_oper_list.matrix[3][2]         0.0000000000 
_pdbx_struct_oper_list.matrix[3][3]         1.0000000000 
_pdbx_struct_oper_list.vector[3]            0.0000000000 
# 
_pdbx_struct_special_symmetry.id              1 
_pdbx_struct_special_symmetry.PDB_model_num   1 
_pdbx_struct_special_symmetry.auth_asym_id    A 
_pdbx_struct_special_symmetry.auth_comp_id    HOH 
_pdbx_struct_special_symmetry.auth_seq_id     413 
_pdbx_struct_special_symmetry.PDB_ins_code    ? 
_pdbx_struct_special_symmetry.label_asym_id   C 
_pdbx_struct_special_symmetry.label_comp_id   HOH 
_pdbx_struct_special_symmetry.label_seq_id    . 
# 
loop_
_pdbx_struct_conn_angle.id 
_pdbx_struct_conn_angle.ptnr1_label_atom_id 
_pdbx_struct_conn_angle.ptnr1_label_alt_id 
_pdbx_struct_conn_angle.ptnr1_label_asym_id 
_pdbx_struct_conn_angle.ptnr1_label_comp_id 
_pdbx_struct_conn_angle.ptnr1_label_seq_id 
_pdbx_struct_conn_angle.ptnr1_auth_atom_id 
_pdbx_struct_conn_angle.ptnr1_auth_asym_id 
_pdbx_struct_conn_angle.ptnr1_auth_comp_id 
_pdbx_struct_conn_angle.ptnr1_auth_seq_id 
_pdbx_struct_conn_angle.ptnr1_PDB_ins_code 
_pdbx_struct_conn_angle.ptnr1_symmetry 
_pdbx_struct_conn_angle.ptnr2_label_atom_id 
_pdbx_struct_conn_angle.ptnr2_label_alt_id 
_pdbx_struct_conn_angle.ptnr2_label_asym_id 
_pdbx_struct_conn_angle.ptnr2_label_comp_id 
_pdbx_struct_conn_angle.ptnr2_label_seq_id 
_pdbx_struct_conn_angle.ptnr2_auth_atom_id 
_pdbx_struct_conn_angle.ptnr2_auth_asym_id 
_pdbx_struct_conn_angle.ptnr2_auth_comp_id 
_pdbx_struct_conn_angle.ptnr2_auth_seq_id 
_pdbx_struct_conn_angle.ptnr2_PDB_ins_code 
_pdbx_struct_conn_angle.ptnr2_symmetry 
_pdbx_struct_conn_angle.ptnr3_label_atom_id 
_pdbx_struct_conn_angle.ptnr3_label_alt_id 
_pdbx_struct_conn_angle.ptnr3_label_asym_id 
_pdbx_struct_conn_angle.ptnr3_label_comp_id 
_pdbx_struct_conn_angle.ptnr3_label_seq_id 
_pdbx_struct_conn_angle.ptnr3_auth_atom_id 
_pdbx_struct_conn_angle.ptnr3_auth_asym_id 
_pdbx_struct_conn_angle.ptnr3_auth_comp_id 
_pdbx_struct_conn_angle.ptnr3_auth_seq_id 
_pdbx_struct_conn_angle.ptnr3_PDB_ins_code 
_pdbx_struct_conn_angle.ptnr3_symmetry 
_pdbx_struct_conn_angle.value 
_pdbx_struct_conn_angle.value_esd 
1  O   ? A ARG 46 ? A ARG 165 ? 1_555 CA ? B CA . ? A CA 301 ? 1_555 OD1 ? A ASP 49 ? A ASP 168 ? 1_555 89.2  ? 
2  O   ? A ARG 46 ? A ARG 165 ? 1_555 CA ? B CA . ? A CA 301 ? 1_555 O   ? C HOH .  ? A HOH 412 ? 1_555 75.2  ? 
3  OD1 ? A ASP 49 ? A ASP 168 ? 1_555 CA ? B CA . ? A CA 301 ? 1_555 O   ? C HOH .  ? A HOH 412 ? 1_555 97.8  ? 
4  O   ? A ARG 46 ? A ARG 165 ? 1_555 CA ? B CA . ? A CA 301 ? 1_555 O   ? C HOH .  ? A HOH 419 ? 1_555 78.0  ? 
5  OD1 ? A ASP 49 ? A ASP 168 ? 1_555 CA ? B CA . ? A CA 301 ? 1_555 O   ? C HOH .  ? A HOH 419 ? 1_555 87.5  ? 
6  O   ? C HOH .  ? A HOH 412 ? 1_555 CA ? B CA . ? A CA 301 ? 1_555 O   ? C HOH .  ? A HOH 419 ? 1_555 152.6 ? 
7  O   ? A ARG 46 ? A ARG 165 ? 1_555 CA ? B CA . ? A CA 301 ? 1_555 O   ? C HOH .  ? A HOH 471 ? 1_555 155.9 ? 
8  OD1 ? A ASP 49 ? A ASP 168 ? 1_555 CA ? B CA . ? A CA 301 ? 1_555 O   ? C HOH .  ? A HOH 471 ? 1_555 106.1 ? 
9  O   ? C HOH .  ? A HOH 412 ? 1_555 CA ? B CA . ? A CA 301 ? 1_555 O   ? C HOH .  ? A HOH 471 ? 1_555 84.1  ? 
10 O   ? C HOH .  ? A HOH 419 ? 1_555 CA ? B CA . ? A CA 301 ? 1_555 O   ? C HOH .  ? A HOH 471 ? 1_555 120.3 ? 
11 O   ? A ARG 46 ? A ARG 165 ? 1_555 CA ? B CA . ? A CA 301 ? 1_555 O   ? C HOH .  ? A HOH 473 ? 1_555 135.6 ? 
12 OD1 ? A ASP 49 ? A ASP 168 ? 1_555 CA ? B CA . ? A CA 301 ? 1_555 O   ? C HOH .  ? A HOH 473 ? 1_555 57.4  ? 
13 O   ? C HOH .  ? A HOH 412 ? 1_555 CA ? B CA . ? A CA 301 ? 1_555 O   ? C HOH .  ? A HOH 473 ? 1_555 132.4 ? 
14 O   ? C HOH .  ? A HOH 419 ? 1_555 CA ? B CA . ? A CA 301 ? 1_555 O   ? C HOH .  ? A HOH 473 ? 1_555 72.6  ? 
15 O   ? C HOH .  ? A HOH 471 ? 1_555 CA ? B CA . ? A CA 301 ? 1_555 O   ? C HOH .  ? A HOH 473 ? 1_555 68.2  ? 
# 
loop_
_pdbx_audit_revision_history.ordinal 
_pdbx_audit_revision_history.data_content_type 
_pdbx_audit_revision_history.major_revision 
_pdbx_audit_revision_history.minor_revision 
_pdbx_audit_revision_history.revision_date 
1 'Structure model' 1 0 2013-01-02 
2 'Structure model' 1 1 2013-01-09 
3 'Structure model' 1 2 2013-01-16 
4 'Structure model' 1 3 2017-11-15 
5 'Structure model' 1 4 2023-02-01 
6 'Structure model' 1 5 2023-09-20 
# 
_pdbx_audit_revision_details.ordinal             1 
_pdbx_audit_revision_details.revision_ordinal    1 
_pdbx_audit_revision_details.data_content_type   'Structure model' 
_pdbx_audit_revision_details.provider            repository 
_pdbx_audit_revision_details.type                'Initial release' 
_pdbx_audit_revision_details.description         ? 
_pdbx_audit_revision_details.details             ? 
# 
loop_
_pdbx_audit_revision_group.ordinal 
_pdbx_audit_revision_group.revision_ordinal 
_pdbx_audit_revision_group.data_content_type 
_pdbx_audit_revision_group.group 
1 2 'Structure model' 'Structure summary'      
2 3 'Structure model' 'Structure summary'      
3 4 'Structure model' 'Refinement description' 
4 5 'Structure model' 'Database references'    
5 5 'Structure model' 'Derived calculations'   
6 6 'Structure model' 'Data collection'        
7 6 'Structure model' 'Refinement description' 
# 
loop_
_pdbx_audit_revision_category.ordinal 
_pdbx_audit_revision_category.revision_ordinal 
_pdbx_audit_revision_category.data_content_type 
_pdbx_audit_revision_category.category 
1 4 'Structure model' software                      
2 5 'Structure model' database_2                    
3 5 'Structure model' pdbx_struct_conn_angle        
4 5 'Structure model' struct_conn                   
5 5 'Structure model' struct_ref_seq_dif            
6 5 'Structure model' struct_site                   
7 6 'Structure model' chem_comp_atom                
8 6 'Structure model' chem_comp_bond                
9 6 'Structure model' pdbx_initial_refinement_model 
# 
loop_
_pdbx_audit_revision_item.ordinal 
_pdbx_audit_revision_item.revision_ordinal 
_pdbx_audit_revision_item.data_content_type 
_pdbx_audit_revision_item.item 
1  5 'Structure model' '_database_2.pdbx_DOI'                        
2  5 'Structure model' '_database_2.pdbx_database_accession'         
3  5 'Structure model' '_pdbx_struct_conn_angle.ptnr1_auth_comp_id'  
4  5 'Structure model' '_pdbx_struct_conn_angle.ptnr1_auth_seq_id'   
5  5 'Structure model' '_pdbx_struct_conn_angle.ptnr1_label_asym_id' 
6  5 'Structure model' '_pdbx_struct_conn_angle.ptnr1_label_atom_id' 
7  5 'Structure model' '_pdbx_struct_conn_angle.ptnr1_label_comp_id' 
8  5 'Structure model' '_pdbx_struct_conn_angle.ptnr1_label_seq_id'  
9  5 'Structure model' '_pdbx_struct_conn_angle.ptnr3_auth_comp_id'  
10 5 'Structure model' '_pdbx_struct_conn_angle.ptnr3_auth_seq_id'   
11 5 'Structure model' '_pdbx_struct_conn_angle.ptnr3_label_asym_id' 
12 5 'Structure model' '_pdbx_struct_conn_angle.ptnr3_label_atom_id' 
13 5 'Structure model' '_pdbx_struct_conn_angle.ptnr3_label_comp_id' 
14 5 'Structure model' '_pdbx_struct_conn_angle.ptnr3_label_seq_id'  
15 5 'Structure model' '_pdbx_struct_conn_angle.value'               
16 5 'Structure model' '_struct_conn.pdbx_dist_value'                
17 5 'Structure model' '_struct_conn.ptnr1_auth_comp_id'             
18 5 'Structure model' '_struct_conn.ptnr1_auth_seq_id'              
19 5 'Structure model' '_struct_conn.ptnr1_label_asym_id'            
20 5 'Structure model' '_struct_conn.ptnr1_label_atom_id'            
21 5 'Structure model' '_struct_conn.ptnr1_label_comp_id'            
22 5 'Structure model' '_struct_conn.ptnr1_label_seq_id'             
23 5 'Structure model' '_struct_conn.ptnr2_auth_comp_id'             
24 5 'Structure model' '_struct_conn.ptnr2_auth_seq_id'              
25 5 'Structure model' '_struct_conn.ptnr2_label_asym_id'            
26 5 'Structure model' '_struct_conn.ptnr2_label_atom_id'            
27 5 'Structure model' '_struct_conn.ptnr2_label_comp_id'            
28 5 'Structure model' '_struct_ref_seq_dif.details'                 
29 5 'Structure model' '_struct_site.pdbx_auth_asym_id'              
30 5 'Structure model' '_struct_site.pdbx_auth_comp_id'              
31 5 'Structure model' '_struct_site.pdbx_auth_seq_id'               
# 
_pdbx_refine_tls.pdbx_refine_id   'X-RAY DIFFRACTION' 
_pdbx_refine_tls.id               1 
_pdbx_refine_tls.details          ? 
_pdbx_refine_tls.method           refined 
_pdbx_refine_tls.origin_x         -0.0428 
_pdbx_refine_tls.origin_y         -0.3689 
_pdbx_refine_tls.origin_z         0.4026 
_pdbx_refine_tls.T[1][1]          -0.0734 
_pdbx_refine_tls.T[2][2]          -0.0583 
_pdbx_refine_tls.T[3][3]          -0.0601 
_pdbx_refine_tls.T[1][2]          0.0227 
_pdbx_refine_tls.T[1][3]          -0.0370 
_pdbx_refine_tls.T[2][3]          -0.0020 
_pdbx_refine_tls.L[1][1]          4.0493 
_pdbx_refine_tls.L[2][2]          3.0071 
_pdbx_refine_tls.L[3][3]          2.5650 
_pdbx_refine_tls.L[1][2]          -1.2838 
_pdbx_refine_tls.L[1][3]          1.9834 
_pdbx_refine_tls.L[2][3]          -1.3250 
_pdbx_refine_tls.S[1][1]          -0.1808 
_pdbx_refine_tls.S[2][2]          0.0905 
_pdbx_refine_tls.S[3][3]          0.0904 
_pdbx_refine_tls.S[1][2]          -0.2988 
_pdbx_refine_tls.S[1][3]          0.0305 
_pdbx_refine_tls.S[2][3]          -0.1446 
_pdbx_refine_tls.S[2][1]          0.1332 
_pdbx_refine_tls.S[3][1]          -0.0794 
_pdbx_refine_tls.S[3][2]          -0.2123 
# 
_pdbx_refine_tls_group.pdbx_refine_id      'X-RAY DIFFRACTION' 
_pdbx_refine_tls_group.id                  1 
_pdbx_refine_tls_group.refine_tls_id       1 
_pdbx_refine_tls_group.beg_auth_asym_id    A 
_pdbx_refine_tls_group.beg_auth_seq_id     133 
_pdbx_refine_tls_group.end_auth_asym_id    A 
_pdbx_refine_tls_group.end_auth_seq_id     207 
_pdbx_refine_tls_group.selection_details   '{ A|133 - A|207 }' 
_pdbx_refine_tls_group.beg_label_asym_id   ? 
_pdbx_refine_tls_group.beg_label_seq_id    ? 
_pdbx_refine_tls_group.end_label_asym_id   ? 
_pdbx_refine_tls_group.end_label_seq_id    ? 
_pdbx_refine_tls_group.selection           ? 
# 
_phasing.method   MR 
# 
loop_
_software.pdbx_ordinal 
_software.name 
_software.version 
_software.date 
_software.type 
_software.contact_author 
_software.contact_author_email 
_software.classification 
_software.location 
_software.language 
_software.citation_id 
1 MolProbity  3beta29          ?               package 'D.C. & J.S. Richardson lab' molprobity@kinemage.biochem.duke.edu 
'model building'  http://kinemage.biochem.duke.edu/molprobity/                                ?   ? 
2 PDB_EXTRACT 3.10             'June 10, 2010' package PDB                          deposit@deposit.rcsb.org             
'data extraction' http://sw-tools.pdb.org/apps/PDB_EXTRACT/                                   C++ ? 
3 MOLREP      .                ?               ?       ?                            ?                                    phasing ? 
?   ? 
4 XSCALE      'March 15, 2012' ?               package 'Wolfgang Kabsch'            ?                                    
'data scaling'    http://www.mpimf-heidelberg.mpg.de/~kabsch/xds/html_doc/xscale_program.html ?   ? 
5 BUSTER-TNT  2.10.0           ?               program 'Gerard Bricogne'            buster-develop@GlobalPhasing.com     
refinement        http://www.globalphasing.com/buster/                                        ?   ? 
6 XDS         .                ?               ?       ?                            ?                                    
'data reduction'  ?                                                                           ?   ? 
7 BUSTER      2.10.0           ?               ?       ?                            ?                                    
refinement        ?                                                                           ?   ? 
# 
_pdbx_entry_details.entry_id                 4IEJ 
_pdbx_entry_details.compound_details         ? 
_pdbx_entry_details.source_details           ? 
_pdbx_entry_details.nonpolymer_details       ? 
_pdbx_entry_details.sequence_details         
;THE CONSTRUCT (121-212) WAS EXPRESSED WITH A PURIFICATION TAG MGSDKIHHHHHHENLYFQG. THE TAG WAS REMOVED WITH TEV PROTEASE LEAVING ONLY A GLYCINE (0) FOLLOWED BY THE TARGET SEQUENCE.
;
_pdbx_entry_details.has_ligand_of_interest   ? 
# 
loop_
_pdbx_unobs_or_zero_occ_residues.id 
_pdbx_unobs_or_zero_occ_residues.PDB_model_num 
_pdbx_unobs_or_zero_occ_residues.polymer_flag 
_pdbx_unobs_or_zero_occ_residues.occupancy_flag 
_pdbx_unobs_or_zero_occ_residues.auth_asym_id 
_pdbx_unobs_or_zero_occ_residues.auth_comp_id 
_pdbx_unobs_or_zero_occ_residues.auth_seq_id 
_pdbx_unobs_or_zero_occ_residues.PDB_ins_code 
_pdbx_unobs_or_zero_occ_residues.label_asym_id 
_pdbx_unobs_or_zero_occ_residues.label_comp_id 
_pdbx_unobs_or_zero_occ_residues.label_seq_id 
1  1 Y 1 A GLY 0   ? A GLY 1  
2  1 Y 1 A GLY 121 ? A GLY 2  
3  1 Y 1 A LYS 122 ? A LYS 3  
4  1 Y 1 A ASP 123 ? A ASP 4  
5  1 Y 1 A TYR 124 ? A TYR 5  
6  1 Y 1 A PRO 125 ? A PRO 6  
7  1 Y 1 A PHE 126 ? A PHE 7  
8  1 Y 1 A ALA 127 ? A ALA 8  
9  1 Y 1 A ARG 128 ? A ARG 9  
10 1 Y 1 A PHE 129 ? A PHE 10 
11 1 Y 1 A ASN 130 ? A ASN 11 
12 1 Y 1 A LYS 131 ? A LYS 12 
13 1 Y 1 A THR 132 ? A THR 13 
14 1 Y 1 A VAL 208 ? A VAL 89 
15 1 Y 1 A PRO 209 ? A PRO 90 
16 1 Y 1 A GLY 210 ? A GLY 91 
17 1 Y 1 A THR 211 ? A THR 92 
18 1 Y 1 A ASP 212 ? A ASP 93 
# 
loop_
_chem_comp_atom.comp_id 
_chem_comp_atom.atom_id 
_chem_comp_atom.type_symbol 
_chem_comp_atom.pdbx_aromatic_flag 
_chem_comp_atom.pdbx_stereo_config 
_chem_comp_atom.pdbx_ordinal 
ALA N    N  N N 1   
ALA CA   C  N S 2   
ALA C    C  N N 3   
ALA O    O  N N 4   
ALA CB   C  N N 5   
ALA OXT  O  N N 6   
ALA H    H  N N 7   
ALA H2   H  N N 8   
ALA HA   H  N N 9   
ALA HB1  H  N N 10  
ALA HB2  H  N N 11  
ALA HB3  H  N N 12  
ALA HXT  H  N N 13  
ARG N    N  N N 14  
ARG CA   C  N S 15  
ARG C    C  N N 16  
ARG O    O  N N 17  
ARG CB   C  N N 18  
ARG CG   C  N N 19  
ARG CD   C  N N 20  
ARG NE   N  N N 21  
ARG CZ   C  N N 22  
ARG NH1  N  N N 23  
ARG NH2  N  N N 24  
ARG OXT  O  N N 25  
ARG H    H  N N 26  
ARG H2   H  N N 27  
ARG HA   H  N N 28  
ARG HB2  H  N N 29  
ARG HB3  H  N N 30  
ARG HG2  H  N N 31  
ARG HG3  H  N N 32  
ARG HD2  H  N N 33  
ARG HD3  H  N N 34  
ARG HE   H  N N 35  
ARG HH11 H  N N 36  
ARG HH12 H  N N 37  
ARG HH21 H  N N 38  
ARG HH22 H  N N 39  
ARG HXT  H  N N 40  
ASN N    N  N N 41  
ASN CA   C  N S 42  
ASN C    C  N N 43  
ASN O    O  N N 44  
ASN CB   C  N N 45  
ASN CG   C  N N 46  
ASN OD1  O  N N 47  
ASN ND2  N  N N 48  
ASN OXT  O  N N 49  
ASN H    H  N N 50  
ASN H2   H  N N 51  
ASN HA   H  N N 52  
ASN HB2  H  N N 53  
ASN HB3  H  N N 54  
ASN HD21 H  N N 55  
ASN HD22 H  N N 56  
ASN HXT  H  N N 57  
ASP N    N  N N 58  
ASP CA   C  N S 59  
ASP C    C  N N 60  
ASP O    O  N N 61  
ASP CB   C  N N 62  
ASP CG   C  N N 63  
ASP OD1  O  N N 64  
ASP OD2  O  N N 65  
ASP OXT  O  N N 66  
ASP H    H  N N 67  
ASP H2   H  N N 68  
ASP HA   H  N N 69  
ASP HB2  H  N N 70  
ASP HB3  H  N N 71  
ASP HD2  H  N N 72  
ASP HXT  H  N N 73  
CA  CA   CA N N 74  
CYS N    N  N N 75  
CYS CA   C  N R 76  
CYS C    C  N N 77  
CYS O    O  N N 78  
CYS CB   C  N N 79  
CYS SG   S  N N 80  
CYS OXT  O  N N 81  
CYS H    H  N N 82  
CYS H2   H  N N 83  
CYS HA   H  N N 84  
CYS HB2  H  N N 85  
CYS HB3  H  N N 86  
CYS HG   H  N N 87  
CYS HXT  H  N N 88  
GLN N    N  N N 89  
GLN CA   C  N S 90  
GLN C    C  N N 91  
GLN O    O  N N 92  
GLN CB   C  N N 93  
GLN CG   C  N N 94  
GLN CD   C  N N 95  
GLN OE1  O  N N 96  
GLN NE2  N  N N 97  
GLN OXT  O  N N 98  
GLN H    H  N N 99  
GLN H2   H  N N 100 
GLN HA   H  N N 101 
GLN HB2  H  N N 102 
GLN HB3  H  N N 103 
GLN HG2  H  N N 104 
GLN HG3  H  N N 105 
GLN HE21 H  N N 106 
GLN HE22 H  N N 107 
GLN HXT  H  N N 108 
GLU N    N  N N 109 
GLU CA   C  N S 110 
GLU C    C  N N 111 
GLU O    O  N N 112 
GLU CB   C  N N 113 
GLU CG   C  N N 114 
GLU CD   C  N N 115 
GLU OE1  O  N N 116 
GLU OE2  O  N N 117 
GLU OXT  O  N N 118 
GLU H    H  N N 119 
GLU H2   H  N N 120 
GLU HA   H  N N 121 
GLU HB2  H  N N 122 
GLU HB3  H  N N 123 
GLU HG2  H  N N 124 
GLU HG3  H  N N 125 
GLU HE2  H  N N 126 
GLU HXT  H  N N 127 
GLY N    N  N N 128 
GLY CA   C  N N 129 
GLY C    C  N N 130 
GLY O    O  N N 131 
GLY OXT  O  N N 132 
GLY H    H  N N 133 
GLY H2   H  N N 134 
GLY HA2  H  N N 135 
GLY HA3  H  N N 136 
GLY HXT  H  N N 137 
HIS N    N  N N 138 
HIS CA   C  N S 139 
HIS C    C  N N 140 
HIS O    O  N N 141 
HIS CB   C  N N 142 
HIS CG   C  Y N 143 
HIS ND1  N  Y N 144 
HIS CD2  C  Y N 145 
HIS CE1  C  Y N 146 
HIS NE2  N  Y N 147 
HIS OXT  O  N N 148 
HIS H    H  N N 149 
HIS H2   H  N N 150 
HIS HA   H  N N 151 
HIS HB2  H  N N 152 
HIS HB3  H  N N 153 
HIS HD1  H  N N 154 
HIS HD2  H  N N 155 
HIS HE1  H  N N 156 
HIS HE2  H  N N 157 
HIS HXT  H  N N 158 
HOH O    O  N N 159 
HOH H1   H  N N 160 
HOH H2   H  N N 161 
ILE N    N  N N 162 
ILE CA   C  N S 163 
ILE C    C  N N 164 
ILE O    O  N N 165 
ILE CB   C  N S 166 
ILE CG1  C  N N 167 
ILE CG2  C  N N 168 
ILE CD1  C  N N 169 
ILE OXT  O  N N 170 
ILE H    H  N N 171 
ILE H2   H  N N 172 
ILE HA   H  N N 173 
ILE HB   H  N N 174 
ILE HG12 H  N N 175 
ILE HG13 H  N N 176 
ILE HG21 H  N N 177 
ILE HG22 H  N N 178 
ILE HG23 H  N N 179 
ILE HD11 H  N N 180 
ILE HD12 H  N N 181 
ILE HD13 H  N N 182 
ILE HXT  H  N N 183 
LEU N    N  N N 184 
LEU CA   C  N S 185 
LEU C    C  N N 186 
LEU O    O  N N 187 
LEU CB   C  N N 188 
LEU CG   C  N N 189 
LEU CD1  C  N N 190 
LEU CD2  C  N N 191 
LEU OXT  O  N N 192 
LEU H    H  N N 193 
LEU H2   H  N N 194 
LEU HA   H  N N 195 
LEU HB2  H  N N 196 
LEU HB3  H  N N 197 
LEU HG   H  N N 198 
LEU HD11 H  N N 199 
LEU HD12 H  N N 200 
LEU HD13 H  N N 201 
LEU HD21 H  N N 202 
LEU HD22 H  N N 203 
LEU HD23 H  N N 204 
LEU HXT  H  N N 205 
LYS N    N  N N 206 
LYS CA   C  N S 207 
LYS C    C  N N 208 
LYS O    O  N N 209 
LYS CB   C  N N 210 
LYS CG   C  N N 211 
LYS CD   C  N N 212 
LYS CE   C  N N 213 
LYS NZ   N  N N 214 
LYS OXT  O  N N 215 
LYS H    H  N N 216 
LYS H2   H  N N 217 
LYS HA   H  N N 218 
LYS HB2  H  N N 219 
LYS HB3  H  N N 220 
LYS HG2  H  N N 221 
LYS HG3  H  N N 222 
LYS HD2  H  N N 223 
LYS HD3  H  N N 224 
LYS HE2  H  N N 225 
LYS HE3  H  N N 226 
LYS HZ1  H  N N 227 
LYS HZ2  H  N N 228 
LYS HZ3  H  N N 229 
LYS HXT  H  N N 230 
PHE N    N  N N 231 
PHE CA   C  N S 232 
PHE C    C  N N 233 
PHE O    O  N N 234 
PHE CB   C  N N 235 
PHE CG   C  Y N 236 
PHE CD1  C  Y N 237 
PHE CD2  C  Y N 238 
PHE CE1  C  Y N 239 
PHE CE2  C  Y N 240 
PHE CZ   C  Y N 241 
PHE OXT  O  N N 242 
PHE H    H  N N 243 
PHE H2   H  N N 244 
PHE HA   H  N N 245 
PHE HB2  H  N N 246 
PHE HB3  H  N N 247 
PHE HD1  H  N N 248 
PHE HD2  H  N N 249 
PHE HE1  H  N N 250 
PHE HE2  H  N N 251 
PHE HZ   H  N N 252 
PHE HXT  H  N N 253 
PRO N    N  N N 254 
PRO CA   C  N S 255 
PRO C    C  N N 256 
PRO O    O  N N 257 
PRO CB   C  N N 258 
PRO CG   C  N N 259 
PRO CD   C  N N 260 
PRO OXT  O  N N 261 
PRO H    H  N N 262 
PRO HA   H  N N 263 
PRO HB2  H  N N 264 
PRO HB3  H  N N 265 
PRO HG2  H  N N 266 
PRO HG3  H  N N 267 
PRO HD2  H  N N 268 
PRO HD3  H  N N 269 
PRO HXT  H  N N 270 
SER N    N  N N 271 
SER CA   C  N S 272 
SER C    C  N N 273 
SER O    O  N N 274 
SER CB   C  N N 275 
SER OG   O  N N 276 
SER OXT  O  N N 277 
SER H    H  N N 278 
SER H2   H  N N 279 
SER HA   H  N N 280 
SER HB2  H  N N 281 
SER HB3  H  N N 282 
SER HG   H  N N 283 
SER HXT  H  N N 284 
THR N    N  N N 285 
THR CA   C  N S 286 
THR C    C  N N 287 
THR O    O  N N 288 
THR CB   C  N R 289 
THR OG1  O  N N 290 
THR CG2  C  N N 291 
THR OXT  O  N N 292 
THR H    H  N N 293 
THR H2   H  N N 294 
THR HA   H  N N 295 
THR HB   H  N N 296 
THR HG1  H  N N 297 
THR HG21 H  N N 298 
THR HG22 H  N N 299 
THR HG23 H  N N 300 
THR HXT  H  N N 301 
TRP N    N  N N 302 
TRP CA   C  N S 303 
TRP C    C  N N 304 
TRP O    O  N N 305 
TRP CB   C  N N 306 
TRP CG   C  Y N 307 
TRP CD1  C  Y N 308 
TRP CD2  C  Y N 309 
TRP NE1  N  Y N 310 
TRP CE2  C  Y N 311 
TRP CE3  C  Y N 312 
TRP CZ2  C  Y N 313 
TRP CZ3  C  Y N 314 
TRP CH2  C  Y N 315 
TRP OXT  O  N N 316 
TRP H    H  N N 317 
TRP H2   H  N N 318 
TRP HA   H  N N 319 
TRP HB2  H  N N 320 
TRP HB3  H  N N 321 
TRP HD1  H  N N 322 
TRP HE1  H  N N 323 
TRP HE3  H  N N 324 
TRP HZ2  H  N N 325 
TRP HZ3  H  N N 326 
TRP HH2  H  N N 327 
TRP HXT  H  N N 328 
TYR N    N  N N 329 
TYR CA   C  N S 330 
TYR C    C  N N 331 
TYR O    O  N N 332 
TYR CB   C  N N 333 
TYR CG   C  Y N 334 
TYR CD1  C  Y N 335 
TYR CD2  C  Y N 336 
TYR CE1  C  Y N 337 
TYR CE2  C  Y N 338 
TYR CZ   C  Y N 339 
TYR OH   O  N N 340 
TYR OXT  O  N N 341 
TYR H    H  N N 342 
TYR H2   H  N N 343 
TYR HA   H  N N 344 
TYR HB2  H  N N 345 
TYR HB3  H  N N 346 
TYR HD1  H  N N 347 
TYR HD2  H  N N 348 
TYR HE1  H  N N 349 
TYR HE2  H  N N 350 
TYR HH   H  N N 351 
TYR HXT  H  N N 352 
VAL N    N  N N 353 
VAL CA   C  N S 354 
VAL C    C  N N 355 
VAL O    O  N N 356 
VAL CB   C  N N 357 
VAL CG1  C  N N 358 
VAL CG2  C  N N 359 
VAL OXT  O  N N 360 
VAL H    H  N N 361 
VAL H2   H  N N 362 
VAL HA   H  N N 363 
VAL HB   H  N N 364 
VAL HG11 H  N N 365 
VAL HG12 H  N N 366 
VAL HG13 H  N N 367 
VAL HG21 H  N N 368 
VAL HG22 H  N N 369 
VAL HG23 H  N N 370 
VAL HXT  H  N N 371 
# 
loop_
_chem_comp_bond.comp_id 
_chem_comp_bond.atom_id_1 
_chem_comp_bond.atom_id_2 
_chem_comp_bond.value_order 
_chem_comp_bond.pdbx_aromatic_flag 
_chem_comp_bond.pdbx_stereo_config 
_chem_comp_bond.pdbx_ordinal 
ALA N   CA   sing N N 1   
ALA N   H    sing N N 2   
ALA N   H2   sing N N 3   
ALA CA  C    sing N N 4   
ALA CA  CB   sing N N 5   
ALA CA  HA   sing N N 6   
ALA C   O    doub N N 7   
ALA C   OXT  sing N N 8   
ALA CB  HB1  sing N N 9   
ALA CB  HB2  sing N N 10  
ALA CB  HB3  sing N N 11  
ALA OXT HXT  sing N N 12  
ARG N   CA   sing N N 13  
ARG N   H    sing N N 14  
ARG N   H2   sing N N 15  
ARG CA  C    sing N N 16  
ARG CA  CB   sing N N 17  
ARG CA  HA   sing N N 18  
ARG C   O    doub N N 19  
ARG C   OXT  sing N N 20  
ARG CB  CG   sing N N 21  
ARG CB  HB2  sing N N 22  
ARG CB  HB3  sing N N 23  
ARG CG  CD   sing N N 24  
ARG CG  HG2  sing N N 25  
ARG CG  HG3  sing N N 26  
ARG CD  NE   sing N N 27  
ARG CD  HD2  sing N N 28  
ARG CD  HD3  sing N N 29  
ARG NE  CZ   sing N N 30  
ARG NE  HE   sing N N 31  
ARG CZ  NH1  sing N N 32  
ARG CZ  NH2  doub N N 33  
ARG NH1 HH11 sing N N 34  
ARG NH1 HH12 sing N N 35  
ARG NH2 HH21 sing N N 36  
ARG NH2 HH22 sing N N 37  
ARG OXT HXT  sing N N 38  
ASN N   CA   sing N N 39  
ASN N   H    sing N N 40  
ASN N   H2   sing N N 41  
ASN CA  C    sing N N 42  
ASN CA  CB   sing N N 43  
ASN CA  HA   sing N N 44  
ASN C   O    doub N N 45  
ASN C   OXT  sing N N 46  
ASN CB  CG   sing N N 47  
ASN CB  HB2  sing N N 48  
ASN CB  HB3  sing N N 49  
ASN CG  OD1  doub N N 50  
ASN CG  ND2  sing N N 51  
ASN ND2 HD21 sing N N 52  
ASN ND2 HD22 sing N N 53  
ASN OXT HXT  sing N N 54  
ASP N   CA   sing N N 55  
ASP N   H    sing N N 56  
ASP N   H2   sing N N 57  
ASP CA  C    sing N N 58  
ASP CA  CB   sing N N 59  
ASP CA  HA   sing N N 60  
ASP C   O    doub N N 61  
ASP C   OXT  sing N N 62  
ASP CB  CG   sing N N 63  
ASP CB  HB2  sing N N 64  
ASP CB  HB3  sing N N 65  
ASP CG  OD1  doub N N 66  
ASP CG  OD2  sing N N 67  
ASP OD2 HD2  sing N N 68  
ASP OXT HXT  sing N N 69  
CYS N   CA   sing N N 70  
CYS N   H    sing N N 71  
CYS N   H2   sing N N 72  
CYS CA  C    sing N N 73  
CYS CA  CB   sing N N 74  
CYS CA  HA   sing N N 75  
CYS C   O    doub N N 76  
CYS C   OXT  sing N N 77  
CYS CB  SG   sing N N 78  
CYS CB  HB2  sing N N 79  
CYS CB  HB3  sing N N 80  
CYS SG  HG   sing N N 81  
CYS OXT HXT  sing N N 82  
GLN N   CA   sing N N 83  
GLN N   H    sing N N 84  
GLN N   H2   sing N N 85  
GLN CA  C    sing N N 86  
GLN CA  CB   sing N N 87  
GLN CA  HA   sing N N 88  
GLN C   O    doub N N 89  
GLN C   OXT  sing N N 90  
GLN CB  CG   sing N N 91  
GLN CB  HB2  sing N N 92  
GLN CB  HB3  sing N N 93  
GLN CG  CD   sing N N 94  
GLN CG  HG2  sing N N 95  
GLN CG  HG3  sing N N 96  
GLN CD  OE1  doub N N 97  
GLN CD  NE2  sing N N 98  
GLN NE2 HE21 sing N N 99  
GLN NE2 HE22 sing N N 100 
GLN OXT HXT  sing N N 101 
GLU N   CA   sing N N 102 
GLU N   H    sing N N 103 
GLU N   H2   sing N N 104 
GLU CA  C    sing N N 105 
GLU CA  CB   sing N N 106 
GLU CA  HA   sing N N 107 
GLU C   O    doub N N 108 
GLU C   OXT  sing N N 109 
GLU CB  CG   sing N N 110 
GLU CB  HB2  sing N N 111 
GLU CB  HB3  sing N N 112 
GLU CG  CD   sing N N 113 
GLU CG  HG2  sing N N 114 
GLU CG  HG3  sing N N 115 
GLU CD  OE1  doub N N 116 
GLU CD  OE2  sing N N 117 
GLU OE2 HE2  sing N N 118 
GLU OXT HXT  sing N N 119 
GLY N   CA   sing N N 120 
GLY N   H    sing N N 121 
GLY N   H2   sing N N 122 
GLY CA  C    sing N N 123 
GLY CA  HA2  sing N N 124 
GLY CA  HA3  sing N N 125 
GLY C   O    doub N N 126 
GLY C   OXT  sing N N 127 
GLY OXT HXT  sing N N 128 
HIS N   CA   sing N N 129 
HIS N   H    sing N N 130 
HIS N   H2   sing N N 131 
HIS CA  C    sing N N 132 
HIS CA  CB   sing N N 133 
HIS CA  HA   sing N N 134 
HIS C   O    doub N N 135 
HIS C   OXT  sing N N 136 
HIS CB  CG   sing N N 137 
HIS CB  HB2  sing N N 138 
HIS CB  HB3  sing N N 139 
HIS CG  ND1  sing Y N 140 
HIS CG  CD2  doub Y N 141 
HIS ND1 CE1  doub Y N 142 
HIS ND1 HD1  sing N N 143 
HIS CD2 NE2  sing Y N 144 
HIS CD2 HD2  sing N N 145 
HIS CE1 NE2  sing Y N 146 
HIS CE1 HE1  sing N N 147 
HIS NE2 HE2  sing N N 148 
HIS OXT HXT  sing N N 149 
HOH O   H1   sing N N 150 
HOH O   H2   sing N N 151 
ILE N   CA   sing N N 152 
ILE N   H    sing N N 153 
ILE N   H2   sing N N 154 
ILE CA  C    sing N N 155 
ILE CA  CB   sing N N 156 
ILE CA  HA   sing N N 157 
ILE C   O    doub N N 158 
ILE C   OXT  sing N N 159 
ILE CB  CG1  sing N N 160 
ILE CB  CG2  sing N N 161 
ILE CB  HB   sing N N 162 
ILE CG1 CD1  sing N N 163 
ILE CG1 HG12 sing N N 164 
ILE CG1 HG13 sing N N 165 
ILE CG2 HG21 sing N N 166 
ILE CG2 HG22 sing N N 167 
ILE CG2 HG23 sing N N 168 
ILE CD1 HD11 sing N N 169 
ILE CD1 HD12 sing N N 170 
ILE CD1 HD13 sing N N 171 
ILE OXT HXT  sing N N 172 
LEU N   CA   sing N N 173 
LEU N   H    sing N N 174 
LEU N   H2   sing N N 175 
LEU CA  C    sing N N 176 
LEU CA  CB   sing N N 177 
LEU CA  HA   sing N N 178 
LEU C   O    doub N N 179 
LEU C   OXT  sing N N 180 
LEU CB  CG   sing N N 181 
LEU CB  HB2  sing N N 182 
LEU CB  HB3  sing N N 183 
LEU CG  CD1  sing N N 184 
LEU CG  CD2  sing N N 185 
LEU CG  HG   sing N N 186 
LEU CD1 HD11 sing N N 187 
LEU CD1 HD12 sing N N 188 
LEU CD1 HD13 sing N N 189 
LEU CD2 HD21 sing N N 190 
LEU CD2 HD22 sing N N 191 
LEU CD2 HD23 sing N N 192 
LEU OXT HXT  sing N N 193 
LYS N   CA   sing N N 194 
LYS N   H    sing N N 195 
LYS N   H2   sing N N 196 
LYS CA  C    sing N N 197 
LYS CA  CB   sing N N 198 
LYS CA  HA   sing N N 199 
LYS C   O    doub N N 200 
LYS C   OXT  sing N N 201 
LYS CB  CG   sing N N 202 
LYS CB  HB2  sing N N 203 
LYS CB  HB3  sing N N 204 
LYS CG  CD   sing N N 205 
LYS CG  HG2  sing N N 206 
LYS CG  HG3  sing N N 207 
LYS CD  CE   sing N N 208 
LYS CD  HD2  sing N N 209 
LYS CD  HD3  sing N N 210 
LYS CE  NZ   sing N N 211 
LYS CE  HE2  sing N N 212 
LYS CE  HE3  sing N N 213 
LYS NZ  HZ1  sing N N 214 
LYS NZ  HZ2  sing N N 215 
LYS NZ  HZ3  sing N N 216 
LYS OXT HXT  sing N N 217 
PHE N   CA   sing N N 218 
PHE N   H    sing N N 219 
PHE N   H2   sing N N 220 
PHE CA  C    sing N N 221 
PHE CA  CB   sing N N 222 
PHE CA  HA   sing N N 223 
PHE C   O    doub N N 224 
PHE C   OXT  sing N N 225 
PHE CB  CG   sing N N 226 
PHE CB  HB2  sing N N 227 
PHE CB  HB3  sing N N 228 
PHE CG  CD1  doub Y N 229 
PHE CG  CD2  sing Y N 230 
PHE CD1 CE1  sing Y N 231 
PHE CD1 HD1  sing N N 232 
PHE CD2 CE2  doub Y N 233 
PHE CD2 HD2  sing N N 234 
PHE CE1 CZ   doub Y N 235 
PHE CE1 HE1  sing N N 236 
PHE CE2 CZ   sing Y N 237 
PHE CE2 HE2  sing N N 238 
PHE CZ  HZ   sing N N 239 
PHE OXT HXT  sing N N 240 
PRO N   CA   sing N N 241 
PRO N   CD   sing N N 242 
PRO N   H    sing N N 243 
PRO CA  C    sing N N 244 
PRO CA  CB   sing N N 245 
PRO CA  HA   sing N N 246 
PRO C   O    doub N N 247 
PRO C   OXT  sing N N 248 
PRO CB  CG   sing N N 249 
PRO CB  HB2  sing N N 250 
PRO CB  HB3  sing N N 251 
PRO CG  CD   sing N N 252 
PRO CG  HG2  sing N N 253 
PRO CG  HG3  sing N N 254 
PRO CD  HD2  sing N N 255 
PRO CD  HD3  sing N N 256 
PRO OXT HXT  sing N N 257 
SER N   CA   sing N N 258 
SER N   H    sing N N 259 
SER N   H2   sing N N 260 
SER CA  C    sing N N 261 
SER CA  CB   sing N N 262 
SER CA  HA   sing N N 263 
SER C   O    doub N N 264 
SER C   OXT  sing N N 265 
SER CB  OG   sing N N 266 
SER CB  HB2  sing N N 267 
SER CB  HB3  sing N N 268 
SER OG  HG   sing N N 269 
SER OXT HXT  sing N N 270 
THR N   CA   sing N N 271 
THR N   H    sing N N 272 
THR N   H2   sing N N 273 
THR CA  C    sing N N 274 
THR CA  CB   sing N N 275 
THR CA  HA   sing N N 276 
THR C   O    doub N N 277 
THR C   OXT  sing N N 278 
THR CB  OG1  sing N N 279 
THR CB  CG2  sing N N 280 
THR CB  HB   sing N N 281 
THR OG1 HG1  sing N N 282 
THR CG2 HG21 sing N N 283 
THR CG2 HG22 sing N N 284 
THR CG2 HG23 sing N N 285 
THR OXT HXT  sing N N 286 
TRP N   CA   sing N N 287 
TRP N   H    sing N N 288 
TRP N   H2   sing N N 289 
TRP CA  C    sing N N 290 
TRP CA  CB   sing N N 291 
TRP CA  HA   sing N N 292 
TRP C   O    doub N N 293 
TRP C   OXT  sing N N 294 
TRP CB  CG   sing N N 295 
TRP CB  HB2  sing N N 296 
TRP CB  HB3  sing N N 297 
TRP CG  CD1  doub Y N 298 
TRP CG  CD2  sing Y N 299 
TRP CD1 NE1  sing Y N 300 
TRP CD1 HD1  sing N N 301 
TRP CD2 CE2  doub Y N 302 
TRP CD2 CE3  sing Y N 303 
TRP NE1 CE2  sing Y N 304 
TRP NE1 HE1  sing N N 305 
TRP CE2 CZ2  sing Y N 306 
TRP CE3 CZ3  doub Y N 307 
TRP CE3 HE3  sing N N 308 
TRP CZ2 CH2  doub Y N 309 
TRP CZ2 HZ2  sing N N 310 
TRP CZ3 CH2  sing Y N 311 
TRP CZ3 HZ3  sing N N 312 
TRP CH2 HH2  sing N N 313 
TRP OXT HXT  sing N N 314 
TYR N   CA   sing N N 315 
TYR N   H    sing N N 316 
TYR N   H2   sing N N 317 
TYR CA  C    sing N N 318 
TYR CA  CB   sing N N 319 
TYR CA  HA   sing N N 320 
TYR C   O    doub N N 321 
TYR C   OXT  sing N N 322 
TYR CB  CG   sing N N 323 
TYR CB  HB2  sing N N 324 
TYR CB  HB3  sing N N 325 
TYR CG  CD1  doub Y N 326 
TYR CG  CD2  sing Y N 327 
TYR CD1 CE1  sing Y N 328 
TYR CD1 HD1  sing N N 329 
TYR CD2 CE2  doub Y N 330 
TYR CD2 HD2  sing N N 331 
TYR CE1 CZ   doub Y N 332 
TYR CE1 HE1  sing N N 333 
TYR CE2 CZ   sing Y N 334 
TYR CE2 HE2  sing N N 335 
TYR CZ  OH   sing N N 336 
TYR OH  HH   sing N N 337 
TYR OXT HXT  sing N N 338 
VAL N   CA   sing N N 339 
VAL N   H    sing N N 340 
VAL N   H2   sing N N 341 
VAL CA  C    sing N N 342 
VAL CA  CB   sing N N 343 
VAL CA  HA   sing N N 344 
VAL C   O    doub N N 345 
VAL C   OXT  sing N N 346 
VAL CB  CG1  sing N N 347 
VAL CB  CG2  sing N N 348 
VAL CB  HB   sing N N 349 
VAL CG1 HG11 sing N N 350 
VAL CG1 HG12 sing N N 351 
VAL CG1 HG13 sing N N 352 
VAL CG2 HG21 sing N N 353 
VAL CG2 HG22 sing N N 354 
VAL CG2 HG23 sing N N 355 
VAL OXT HXT  sing N N 356 
# 
loop_
_pdbx_entity_nonpoly.entity_id 
_pdbx_entity_nonpoly.name 
_pdbx_entity_nonpoly.comp_id 
2 'CALCIUM ION' CA  
3 water         HOH 
# 
_pdbx_initial_refinement_model.id               1 
_pdbx_initial_refinement_model.entity_id_list   ? 
_pdbx_initial_refinement_model.type             'experimental model' 
_pdbx_initial_refinement_model.source_name      PDB 
_pdbx_initial_refinement_model.accession_code   3HM5 
_pdbx_initial_refinement_model.details          ? 
# 
